data_6XEJ
# 
_entry.id   6XEJ 
# 
_audit_conform.dict_name       mmcif_pdbx.dic 
_audit_conform.dict_version    5.380 
_audit_conform.dict_location   http://mmcif.pdb.org/dictionaries/ascii/mmcif_pdbx.dic 
# 
loop_
_database_2.database_id 
_database_2.database_code 
_database_2.pdbx_database_accession 
_database_2.pdbx_DOI 
PDB   6XEJ         pdb_00006xej 10.2210/pdb6xej/pdb 
WWPDB D_1000249239 ?            ?                   
# 
_pdbx_database_status.status_code                     REL 
_pdbx_database_status.status_code_sf                  REL 
_pdbx_database_status.status_code_mr                  ? 
_pdbx_database_status.entry_id                        6XEJ 
_pdbx_database_status.recvd_initial_deposition_date   2020-06-12 
_pdbx_database_status.SG_entry                        N 
_pdbx_database_status.deposit_site                    RCSB 
_pdbx_database_status.process_site                    RCSB 
_pdbx_database_status.status_code_cs                  ? 
_pdbx_database_status.status_code_nmr_data            ? 
_pdbx_database_status.methods_development_category    ? 
_pdbx_database_status.pdb_format_compatible           Y 
# 
loop_
_audit_author.name 
_audit_author.pdbx_ordinal 
_audit_author.identifier_ORCID 
'Simmons, C.R.'      1 0000-0002-2290-6132 
'MacCulloch, T.'     2 0000-0001-5875-3361 
'Stephanopoulos, N.' 3 0000-0001-7859-410X 
'Yan, H.'            4 0000-0001-7397-9852 
# 
_citation.abstract                  ? 
_citation.abstract_id_CAS           ? 
_citation.book_id_ISBN              ? 
_citation.book_publisher            ? 
_citation.book_publisher_city       ? 
_citation.book_title                ? 
_citation.coordinate_linkage        ? 
_citation.country                   UK 
_citation.database_id_Medline       ? 
_citation.details                   ? 
_citation.id                        primary 
_citation.journal_abbrev            'Nat Commun' 
_citation.journal_id_ASTM           ? 
_citation.journal_id_CSD            ? 
_citation.journal_id_ISSN           2041-1723 
_citation.journal_full              ? 
_citation.journal_issue             ? 
_citation.journal_volume            13 
_citation.language                  ? 
_citation.page_first                3112 
_citation.page_last                 3112 
_citation.title                     'The influence of Holliday junction sequence and dynamics on DNA crystal self-assembly.' 
_citation.year                      2022 
_citation.database_id_CSD           ? 
_citation.pdbx_database_id_DOI      10.1038/s41467-022-30779-6 
_citation.pdbx_database_id_PubMed   35662248 
_citation.unpublished_flag          ? 
# 
loop_
_citation_author.citation_id 
_citation_author.name 
_citation_author.ordinal 
_citation_author.identifier_ORCID 
primary 'Simmons, C.R.'      1  ?                   
primary 'MacCulloch, T.'     2  ?                   
primary 'Krepl, M.'          3  0000-0002-9833-4281 
primary 'Matthies, M.'       4  ?                   
primary 'Buchberger, A.'     5  ?                   
primary 'Crawford, I.'       6  ?                   
primary 'Sponer, J.'         7  0000-0001-6558-6186 
primary 'Sulc, P.'           8  0000-0003-1565-6769 
primary 'Stephanopoulos, N.' 9  0000-0001-7859-410X 
primary 'Yan, H.'            10 0000-0001-7397-9852 
# 
_cell.angle_alpha                  90.000 
_cell.angle_alpha_esd              ? 
_cell.angle_beta                   90.000 
_cell.angle_beta_esd               ? 
_cell.angle_gamma                  120.000 
_cell.angle_gamma_esd              ? 
_cell.entry_id                     6XEJ 
_cell.details                      ? 
_cell.formula_units_Z              ? 
_cell.length_a                     68.820 
_cell.length_a_esd                 ? 
_cell.length_b                     68.820 
_cell.length_b_esd                 ? 
_cell.length_c                     62.024 
_cell.length_c_esd                 ? 
_cell.volume                       ? 
_cell.volume_esd                   ? 
_cell.Z_PDB                        6 
_cell.reciprocal_angle_alpha       ? 
_cell.reciprocal_angle_beta        ? 
_cell.reciprocal_angle_gamma       ? 
_cell.reciprocal_angle_alpha_esd   ? 
_cell.reciprocal_angle_beta_esd    ? 
_cell.reciprocal_angle_gamma_esd   ? 
_cell.reciprocal_length_a          ? 
_cell.reciprocal_length_b          ? 
_cell.reciprocal_length_c          ? 
_cell.reciprocal_length_a_esd      ? 
_cell.reciprocal_length_b_esd      ? 
_cell.reciprocal_length_c_esd      ? 
_cell.pdbx_unique_axis             ? 
# 
_symmetry.entry_id                         6XEJ 
_symmetry.cell_setting                     ? 
_symmetry.Int_Tables_number                154 
_symmetry.space_group_name_Hall            ? 
_symmetry.space_group_name_H-M             'P 32 2 1' 
_symmetry.pdbx_full_space_group_name_H-M   ? 
# 
loop_
_entity.id 
_entity.type 
_entity.src_method 
_entity.pdbx_description 
_entity.formula_weight 
_entity.pdbx_number_of_molecules 
_entity.pdbx_ec 
_entity.pdbx_mutation 
_entity.pdbx_fragment 
_entity.details 
1 polymer     syn 
;DNA (5'-D(*GP*AP*GP*CP*AP*GP*AP*CP*CP*TP*G)-3')
;
3383.224 1 ? ? ? ? 
2 polymer     syn 
;DNA (5'-D(P*AP*CP*TP*CP*CP*AP*CP*TP*CP*A)-3')
;
2948.958 1 ? ? ? ? 
3 polymer     syn 
;DNA (5'-D(P*CP*AP*AP*GP*T)-3')
;
1504.037 1 ? ? ? ? 
4 polymer     syn 
;DNA (5'-D(*TP*CP*TP*GP*AP*GP*TP*GP*GP*GP*GP*TP*CP*TP*GP*C)-3')
;
4961.199 1 ? ? ? ? 
5 non-polymer syn 'CACODYLATE ION'                                                 136.989  2 ? ? ? ? 
# 
loop_
_entity_poly.entity_id 
_entity_poly.type 
_entity_poly.nstd_linkage 
_entity_poly.nstd_monomer 
_entity_poly.pdbx_seq_one_letter_code 
_entity_poly.pdbx_seq_one_letter_code_can 
_entity_poly.pdbx_strand_id 
_entity_poly.pdbx_target_identifier 
1 polydeoxyribonucleotide no no '(DG)(DA)(DG)(DC)(DA)(DG)(DA)(DC)(DC)(DT)(DG)'                     GAGCAGACCTG      A ? 
2 polydeoxyribonucleotide no no '(DA)(DC)(DT)(DC)(DC)(DA)(DC)(DT)(DC)(DA)'                         ACTCCACTCA       B ? 
3 polydeoxyribonucleotide no no '(DC)(DA)(DA)(DG)(DT)'                                             CAAGT            C ? 
4 polydeoxyribonucleotide no no '(DT)(DC)(DT)(DG)(DA)(DG)(DT)(DG)(DG)(DG)(DG)(DT)(DC)(DT)(DG)(DC)' TCTGAGTGGGGTCTGC D ? 
# 
loop_
_entity_poly_seq.entity_id 
_entity_poly_seq.num 
_entity_poly_seq.mon_id 
_entity_poly_seq.hetero 
1 1  DG n 
1 2  DA n 
1 3  DG n 
1 4  DC n 
1 5  DA n 
1 6  DG n 
1 7  DA n 
1 8  DC n 
1 9  DC n 
1 10 DT n 
1 11 DG n 
2 1  DA n 
2 2  DC n 
2 3  DT n 
2 4  DC n 
2 5  DC n 
2 6  DA n 
2 7  DC n 
2 8  DT n 
2 9  DC n 
2 10 DA n 
3 1  DC n 
3 2  DA n 
3 3  DA n 
3 4  DG n 
3 5  DT n 
4 1  DT n 
4 2  DC n 
4 3  DT n 
4 4  DG n 
4 5  DA n 
4 6  DG n 
4 7  DT n 
4 8  DG n 
4 9  DG n 
4 10 DG n 
4 11 DG n 
4 12 DT n 
4 13 DC n 
4 14 DT n 
4 15 DG n 
4 16 DC n 
# 
loop_
_pdbx_entity_src_syn.entity_id 
_pdbx_entity_src_syn.pdbx_src_id 
_pdbx_entity_src_syn.pdbx_alt_source_flag 
_pdbx_entity_src_syn.pdbx_beg_seq_num 
_pdbx_entity_src_syn.pdbx_end_seq_num 
_pdbx_entity_src_syn.organism_scientific 
_pdbx_entity_src_syn.organism_common_name 
_pdbx_entity_src_syn.ncbi_taxonomy_id 
_pdbx_entity_src_syn.details 
1 1 sample 1 11 'synthetic construct' ? 32630 ? 
2 1 sample 1 10 'synthetic construct' ? 32630 ? 
3 1 sample 1 5  'synthetic construct' ? 32630 ? 
4 1 sample 1 16 'synthetic construct' ? 32630 ? 
# 
loop_
_struct_ref.id 
_struct_ref.db_name 
_struct_ref.db_code 
_struct_ref.pdbx_db_accession 
_struct_ref.pdbx_db_isoform 
_struct_ref.entity_id 
_struct_ref.pdbx_seq_one_letter_code 
_struct_ref.pdbx_align_begin 
1 PDB 6XEJ 6XEJ ? 1 ? 1 
2 PDB 6XEJ 6XEJ ? 2 ? 1 
3 PDB 6XEJ 6XEJ ? 3 ? 1 
4 PDB 6XEJ 6XEJ ? 4 ? 1 
# 
loop_
_struct_ref_seq.align_id 
_struct_ref_seq.ref_id 
_struct_ref_seq.pdbx_PDB_id_code 
_struct_ref_seq.pdbx_strand_id 
_struct_ref_seq.seq_align_beg 
_struct_ref_seq.pdbx_seq_align_beg_ins_code 
_struct_ref_seq.seq_align_end 
_struct_ref_seq.pdbx_seq_align_end_ins_code 
_struct_ref_seq.pdbx_db_accession 
_struct_ref_seq.db_align_beg 
_struct_ref_seq.pdbx_db_align_beg_ins_code 
_struct_ref_seq.db_align_end 
_struct_ref_seq.pdbx_db_align_end_ins_code 
_struct_ref_seq.pdbx_auth_seq_align_beg 
_struct_ref_seq.pdbx_auth_seq_align_end 
1 1 6XEJ A 1 ? 11 ? 6XEJ 1  ? 11 ? 1  11 
2 2 6XEJ B 1 ? 10 ? 6XEJ 12 ? 21 ? 12 21 
3 3 6XEJ C 1 ? 5  ? 6XEJ 1  ? 5  ? 1  5  
4 4 6XEJ D 1 ? 16 ? 6XEJ 1  ? 16 ? 1  16 
# 
loop_
_chem_comp.id 
_chem_comp.type 
_chem_comp.mon_nstd_flag 
_chem_comp.name 
_chem_comp.pdbx_synonyms 
_chem_comp.formula 
_chem_comp.formula_weight 
CAC non-polymer   . 'CACODYLATE ION'                     dimethylarsinate 'C2 H6 As O2 -1'  136.989 
DA  'DNA linking' y "2'-DEOXYADENOSINE-5'-MONOPHOSPHATE" ?                'C10 H14 N5 O6 P' 331.222 
DC  'DNA linking' y "2'-DEOXYCYTIDINE-5'-MONOPHOSPHATE"  ?                'C9 H14 N3 O7 P'  307.197 
DG  'DNA linking' y "2'-DEOXYGUANOSINE-5'-MONOPHOSPHATE" ?                'C10 H14 N5 O7 P' 347.221 
DT  'DNA linking' y "THYMIDINE-5'-MONOPHOSPHATE"         ?                'C10 H15 N2 O8 P' 322.208 
# 
_exptl.absorpt_coefficient_mu     ? 
_exptl.absorpt_correction_T_max   ? 
_exptl.absorpt_correction_T_min   ? 
_exptl.absorpt_correction_type    ? 
_exptl.absorpt_process_details    ? 
_exptl.entry_id                   6XEJ 
_exptl.crystals_number            1 
_exptl.details                    ? 
_exptl.method                     'X-RAY DIFFRACTION' 
_exptl.method_details             ? 
# 
_exptl_crystal.colour                      ? 
_exptl_crystal.density_diffrn              ? 
_exptl_crystal.density_Matthews            3.31 
_exptl_crystal.density_method              ? 
_exptl_crystal.density_percent_sol         62.88 
_exptl_crystal.description                 ? 
_exptl_crystal.F_000                       ? 
_exptl_crystal.id                          1 
_exptl_crystal.preparation                 ? 
_exptl_crystal.size_max                    ? 
_exptl_crystal.size_mid                    ? 
_exptl_crystal.size_min                    ? 
_exptl_crystal.size_rad                    ? 
_exptl_crystal.colour_lustre               ? 
_exptl_crystal.colour_modifier             ? 
_exptl_crystal.colour_primary              ? 
_exptl_crystal.density_meas                ? 
_exptl_crystal.density_meas_esd            ? 
_exptl_crystal.density_meas_gt             ? 
_exptl_crystal.density_meas_lt             ? 
_exptl_crystal.density_meas_temp           ? 
_exptl_crystal.density_meas_temp_esd       ? 
_exptl_crystal.density_meas_temp_gt        ? 
_exptl_crystal.density_meas_temp_lt        ? 
_exptl_crystal.pdbx_crystal_image_url      ? 
_exptl_crystal.pdbx_crystal_image_format   ? 
_exptl_crystal.pdbx_mosaicity              ? 
_exptl_crystal.pdbx_mosaicity_esd          ? 
# 
_exptl_crystal_grow.apparatus       ? 
_exptl_crystal_grow.atmosphere      ? 
_exptl_crystal_grow.crystal_id      1 
_exptl_crystal_grow.details         ? 
_exptl_crystal_grow.method          'VAPOR DIFFUSION, SITTING DROP' 
_exptl_crystal_grow.method_ref      ? 
_exptl_crystal_grow.pH              ? 
_exptl_crystal_grow.pressure        ? 
_exptl_crystal_grow.pressure_esd    ? 
_exptl_crystal_grow.seeding         ? 
_exptl_crystal_grow.seeding_ref     ? 
_exptl_crystal_grow.temp            298 
_exptl_crystal_grow.temp_details    'temperature gradient generated from 60 to 25 C at 0.3 degrees per hour' 
_exptl_crystal_grow.temp_esd        ? 
_exptl_crystal_grow.time            ? 
_exptl_crystal_grow.pdbx_details    
;0.5 mL of 0.05 M Cacodylate pH 7.0, 30 mM MgCl2, 2.5 mM spermine, and 5% PEG 400  was added to the reservoir with 2 uL added to the drop containing 4 uL of DNA stock
;
_exptl_crystal_grow.pdbx_pH_range   ? 
# 
_diffrn.ambient_environment              ? 
_diffrn.ambient_temp                     100 
_diffrn.ambient_temp_details             ? 
_diffrn.ambient_temp_esd                 ? 
_diffrn.crystal_id                       1 
_diffrn.crystal_support                  ? 
_diffrn.crystal_treatment                ? 
_diffrn.details                          ? 
_diffrn.id                               1 
_diffrn.ambient_pressure                 ? 
_diffrn.ambient_pressure_esd             ? 
_diffrn.ambient_pressure_gt              ? 
_diffrn.ambient_pressure_lt              ? 
_diffrn.ambient_temp_gt                  ? 
_diffrn.ambient_temp_lt                  ? 
_diffrn.pdbx_serial_crystal_experiment   N 
# 
_diffrn_detector.details                      ? 
_diffrn_detector.detector                     PIXEL 
_diffrn_detector.diffrn_id                    1 
_diffrn_detector.type                         'DECTRIS PILATUS3 6M' 
_diffrn_detector.area_resol_mean              ? 
_diffrn_detector.dtime                        ? 
_diffrn_detector.pdbx_frames_total            ? 
_diffrn_detector.pdbx_collection_time_total   ? 
_diffrn_detector.pdbx_collection_date         2017-10-15 
_diffrn_detector.pdbx_frequency               ? 
# 
_diffrn_radiation.collimation                      ? 
_diffrn_radiation.diffrn_id                        1 
_diffrn_radiation.filter_edge                      ? 
_diffrn_radiation.inhomogeneity                    ? 
_diffrn_radiation.monochromator                    ? 
_diffrn_radiation.polarisn_norm                    ? 
_diffrn_radiation.polarisn_ratio                   ? 
_diffrn_radiation.probe                            ? 
_diffrn_radiation.type                             ? 
_diffrn_radiation.xray_symbol                      ? 
_diffrn_radiation.wavelength_id                    1 
_diffrn_radiation.pdbx_monochromatic_or_laue_m_l   M 
_diffrn_radiation.pdbx_wavelength_list             ? 
_diffrn_radiation.pdbx_wavelength                  ? 
_diffrn_radiation.pdbx_diffrn_protocol             'SINGLE WAVELENGTH' 
_diffrn_radiation.pdbx_analyzer                    ? 
_diffrn_radiation.pdbx_scattering_type             x-ray 
# 
_diffrn_radiation_wavelength.id           1 
_diffrn_radiation_wavelength.wavelength   0.98 
_diffrn_radiation_wavelength.wt           1.0 
# 
_diffrn_source.current                     ? 
_diffrn_source.details                     ? 
_diffrn_source.diffrn_id                   1 
_diffrn_source.power                       ? 
_diffrn_source.size                        ? 
_diffrn_source.source                      SYNCHROTRON 
_diffrn_source.target                      ? 
_diffrn_source.type                        'APS BEAMLINE 19-ID' 
_diffrn_source.voltage                     ? 
_diffrn_source.take-off_angle              ? 
_diffrn_source.pdbx_wavelength_list        0.98 
_diffrn_source.pdbx_wavelength             ? 
_diffrn_source.pdbx_synchrotron_beamline   19-ID 
_diffrn_source.pdbx_synchrotron_site       APS 
# 
_reflns.B_iso_Wilson_estimate            108.150 
_reflns.entry_id                         6XEJ 
_reflns.data_reduction_details           ? 
_reflns.data_reduction_method            ? 
_reflns.d_resolution_high                2.800 
_reflns.d_resolution_low                 50.000 
_reflns.details                          ? 
_reflns.limit_h_max                      ? 
_reflns.limit_h_min                      ? 
_reflns.limit_k_max                      ? 
_reflns.limit_k_min                      ? 
_reflns.limit_l_max                      ? 
_reflns.limit_l_min                      ? 
_reflns.number_all                       ? 
_reflns.number_obs                       4339 
_reflns.observed_criterion               ? 
_reflns.observed_criterion_F_max         ? 
_reflns.observed_criterion_F_min         ? 
_reflns.observed_criterion_I_max         ? 
_reflns.observed_criterion_I_min         ? 
_reflns.observed_criterion_sigma_F       ? 
_reflns.observed_criterion_sigma_I       ? 
_reflns.percent_possible_obs             98.500 
_reflns.R_free_details                   ? 
_reflns.Rmerge_F_all                     ? 
_reflns.Rmerge_F_obs                     ? 
_reflns.Friedel_coverage                 ? 
_reflns.number_gt                        ? 
_reflns.threshold_expression             ? 
_reflns.pdbx_redundancy                  11.300 
_reflns.pdbx_Rmerge_I_obs                0.087 
_reflns.pdbx_Rmerge_I_all                ? 
_reflns.pdbx_Rsym_value                  ? 
_reflns.pdbx_netI_over_av_sigmaI         ? 
_reflns.pdbx_netI_over_sigmaI            13.200 
_reflns.pdbx_res_netI_over_av_sigmaI_2   ? 
_reflns.pdbx_res_netI_over_sigmaI_2      ? 
_reflns.pdbx_chi_squared                 4.535 
_reflns.pdbx_scaling_rejects             ? 
_reflns.pdbx_d_res_high_opt              ? 
_reflns.pdbx_d_res_low_opt               ? 
_reflns.pdbx_d_res_opt_method            ? 
_reflns.phase_calculation_details        ? 
_reflns.pdbx_Rrim_I_all                  0.091 
_reflns.pdbx_Rpim_I_all                  0.027 
_reflns.pdbx_d_opt                       ? 
_reflns.pdbx_number_measured_all         ? 
_reflns.pdbx_diffrn_id                   1 
_reflns.pdbx_ordinal                     1 
_reflns.pdbx_CC_half                     0.921 
_reflns.pdbx_CC_star                     ? 
_reflns.pdbx_R_split                     ? 
# 
loop_
_reflns_shell.d_res_high 
_reflns_shell.d_res_low 
_reflns_shell.meanI_over_sigI_all 
_reflns_shell.meanI_over_sigI_obs 
_reflns_shell.number_measured_all 
_reflns_shell.number_measured_obs 
_reflns_shell.number_possible 
_reflns_shell.number_unique_all 
_reflns_shell.number_unique_obs 
_reflns_shell.percent_possible_all 
_reflns_shell.percent_possible_obs 
_reflns_shell.Rmerge_F_all 
_reflns_shell.Rmerge_F_obs 
_reflns_shell.Rmerge_I_all 
_reflns_shell.Rmerge_I_obs 
_reflns_shell.meanI_over_sigI_gt 
_reflns_shell.meanI_over_uI_all 
_reflns_shell.meanI_over_uI_gt 
_reflns_shell.number_measured_gt 
_reflns_shell.number_unique_gt 
_reflns_shell.percent_possible_gt 
_reflns_shell.Rmerge_F_gt 
_reflns_shell.Rmerge_I_gt 
_reflns_shell.pdbx_redundancy 
_reflns_shell.pdbx_Rsym_value 
_reflns_shell.pdbx_chi_squared 
_reflns_shell.pdbx_netI_over_sigmaI_all 
_reflns_shell.pdbx_netI_over_sigmaI_obs 
_reflns_shell.pdbx_Rrim_I_all 
_reflns_shell.pdbx_Rpim_I_all 
_reflns_shell.pdbx_rejects 
_reflns_shell.pdbx_ordinal 
_reflns_shell.pdbx_diffrn_id 
_reflns_shell.pdbx_CC_half 
_reflns_shell.pdbx_CC_star 
_reflns_shell.pdbx_R_split 
2.800 2.850  ? ? ? ? ? ? 204 100.000 ? ? ? ? 1.100 ? ? ? ? ? ? ? ? 11.700 ? 0.435  ? ? 1.148 0.327 ? 1  1 0.817 ? ? 
2.850 2.900  ? ? ? ? ? ? 223 100.000 ? ? ? ? 0.887 ? ? ? ? ? ? ? ? 11.900 ? 0.488  ? ? 0.926 0.264 ? 2  1 0.913 ? ? 
2.900 2.960  ? ? ? ? ? ? 218 100.000 ? ? ? ? 0.604 ? ? ? ? ? ? ? ? 11.800 ? 0.546  ? ? 0.631 0.179 ? 3  1 0.926 ? ? 
2.960 3.020  ? ? ? ? ? ? 205 100.000 ? ? ? ? 0.409 ? ? ? ? ? ? ? ? 11.900 ? 0.620  ? ? 0.427 0.122 ? 4  1 0.977 ? ? 
3.020 3.080  ? ? ? ? ? ? 223 100.000 ? ? ? ? 0.269 ? ? ? ? ? ? ? ? 11.800 ? 0.935  ? ? 0.281 0.080 ? 5  1 0.989 ? ? 
3.080 3.150  ? ? ? ? ? ? 210 100.000 ? ? ? ? 0.170 ? ? ? ? ? ? ? ? 11.400 ? 1.813  ? ? 0.177 0.050 ? 6  1 0.996 ? ? 
3.150 3.230  ? ? ? ? ? ? 215 99.500  ? ? ? ? 0.150 ? ? ? ? ? ? ? ? 10.700 ? 1.866  ? ? 0.160 0.051 ? 7  1 0.995 ? ? 
3.230 3.320  ? ? ? ? ? ? 210 95.900  ? ? ? ? 0.132 ? ? ? ? ? ? ? ? 10.600 ? 1.764  ? ? 0.139 0.042 ? 8  1 0.995 ? ? 
3.320 3.420  ? ? ? ? ? ? 220 100.000 ? ? ? ? 0.121 ? ? ? ? ? ? ? ? 12.200 ? 3.409  ? ? 0.126 0.035 ? 9  1 0.997 ? ? 
3.420 3.530  ? ? ? ? ? ? 208 100.000 ? ? ? ? 0.123 ? ? ? ? ? ? ? ? 11.900 ? 3.754  ? ? 0.128 0.035 ? 10 1 0.997 ? ? 
3.530 3.650  ? ? ? ? ? ? 218 99.500  ? ? ? ? 0.113 ? ? ? ? ? ? ? ? 11.900 ? 4.319  ? ? 0.117 0.033 ? 11 1 0.994 ? ? 
3.650 3.800  ? ? ? ? ? ? 214 100.000 ? ? ? ? 0.108 ? ? ? ? ? ? ? ? 11.700 ? 3.853  ? ? 0.113 0.032 ? 12 1 0.994 ? ? 
3.800 3.970  ? ? ? ? ? ? 221 100.000 ? ? ? ? 0.098 ? ? ? ? ? ? ? ? 10.800 ? 5.816  ? ? 0.102 0.030 ? 13 1 0.996 ? ? 
3.970 4.180  ? ? ? ? ? ? 224 99.600  ? ? ? ? 0.092 ? ? ? ? ? ? ? ? 11.200 ? 4.775  ? ? 0.096 0.028 ? 14 1 0.995 ? ? 
4.180 4.440  ? ? ? ? ? ? 219 99.500  ? ? ? ? 0.091 ? ? ? ? ? ? ? ? 11.800 ? 7.664  ? ? 0.095 0.027 ? 15 1 0.996 ? ? 
4.440 4.790  ? ? ? ? ? ? 223 99.600  ? ? ? ? 0.087 ? ? ? ? ? ? ? ? 11.500 ? 5.916  ? ? 0.090 0.026 ? 16 1 0.997 ? ? 
4.790 5.270  ? ? ? ? ? ? 217 98.200  ? ? ? ? 0.074 ? ? ? ? ? ? ? ? 10.800 ? 5.824  ? ? 0.077 0.023 ? 17 1 0.997 ? ? 
5.270 6.030  ? ? ? ? ? ? 214 96.000  ? ? ? ? 0.079 ? ? ? ? ? ? ? ? 11.000 ? 10.656 ? ? 0.083 0.025 ? 18 1 0.995 ? ? 
6.030 7.590  ? ? ? ? ? ? 234 99.200  ? ? ? ? 0.069 ? ? ? ? ? ? ? ? 10.800 ? 8.734  ? ? 0.073 0.022 ? 19 1 0.996 ? ? 
7.590 50.000 ? ? ? ? ? ? 219 85.900  ? ? ? ? 0.077 ? ? ? ? ? ? ? ? 9.500  ? 20.596 ? ? 0.081 0.026 ? 20 1 0.987 ? ? 
# 
_refine.aniso_B[1][1]                            ? 
_refine.aniso_B[1][2]                            ? 
_refine.aniso_B[1][3]                            ? 
_refine.aniso_B[2][2]                            ? 
_refine.aniso_B[2][3]                            ? 
_refine.aniso_B[3][3]                            ? 
_refine.B_iso_max                                184.520 
_refine.B_iso_mean                               93.2764 
_refine.B_iso_min                                52.880 
_refine.correlation_coeff_Fo_to_Fc               ? 
_refine.correlation_coeff_Fo_to_Fc_free          ? 
_refine.details                                  ? 
_refine.diff_density_max                         ? 
_refine.diff_density_max_esd                     ? 
_refine.diff_density_min                         ? 
_refine.diff_density_min_esd                     ? 
_refine.diff_density_rms                         ? 
_refine.diff_density_rms_esd                     ? 
_refine.entry_id                                 6XEJ 
_refine.pdbx_refine_id                           'X-RAY DIFFRACTION' 
_refine.ls_abs_structure_details                 ? 
_refine.ls_abs_structure_Flack                   ? 
_refine.ls_abs_structure_Flack_esd               ? 
_refine.ls_abs_structure_Rogers                  ? 
_refine.ls_abs_structure_Rogers_esd              ? 
_refine.ls_d_res_high                            2.8070 
_refine.ls_d_res_low                             34.4100 
_refine.ls_extinction_coef                       ? 
_refine.ls_extinction_coef_esd                   ? 
_refine.ls_extinction_expression                 ? 
_refine.ls_extinction_method                     ? 
_refine.ls_goodness_of_fit_all                   ? 
_refine.ls_goodness_of_fit_all_esd               ? 
_refine.ls_goodness_of_fit_obs                   ? 
_refine.ls_goodness_of_fit_obs_esd               ? 
_refine.ls_hydrogen_treatment                    ? 
_refine.ls_matrix_type                           ? 
_refine.ls_number_constraints                    ? 
_refine.ls_number_parameters                     ? 
_refine.ls_number_reflns_all                     ? 
_refine.ls_number_reflns_obs                     4278 
_refine.ls_number_reflns_R_free                  214 
_refine.ls_number_reflns_R_work                  4064 
_refine.ls_number_restraints                     ? 
_refine.ls_percent_reflns_obs                    97.4900 
_refine.ls_percent_reflns_R_free                 5.0000 
_refine.ls_R_factor_all                          ? 
_refine.ls_R_factor_obs                          0.2327 
_refine.ls_R_factor_R_free                       0.2455 
_refine.ls_R_factor_R_free_error                 ? 
_refine.ls_R_factor_R_free_error_details         ? 
_refine.ls_R_factor_R_work                       0.2320 
_refine.ls_R_Fsqd_factor_obs                     ? 
_refine.ls_R_I_factor_obs                        ? 
_refine.ls_redundancy_reflns_all                 ? 
_refine.ls_redundancy_reflns_obs                 ? 
_refine.ls_restrained_S_all                      ? 
_refine.ls_restrained_S_obs                      ? 
_refine.ls_shift_over_esd_max                    ? 
_refine.ls_shift_over_esd_mean                   ? 
_refine.ls_structure_factor_coef                 ? 
_refine.ls_weighting_details                     ? 
_refine.ls_weighting_scheme                      ? 
_refine.ls_wR_factor_all                         ? 
_refine.ls_wR_factor_obs                         ? 
_refine.ls_wR_factor_R_free                      ? 
_refine.ls_wR_factor_R_work                      ? 
_refine.occupancy_max                            ? 
_refine.occupancy_min                            ? 
_refine.solvent_model_details                    'FLAT BULK SOLVENT MODEL' 
_refine.solvent_model_param_bsol                 ? 
_refine.solvent_model_param_ksol                 ? 
_refine.pdbx_R_complete                          ? 
_refine.ls_R_factor_gt                           ? 
_refine.ls_goodness_of_fit_gt                    ? 
_refine.ls_goodness_of_fit_ref                   ? 
_refine.ls_shift_over_su_max                     ? 
_refine.ls_shift_over_su_max_lt                  ? 
_refine.ls_shift_over_su_mean                    ? 
_refine.ls_shift_over_su_mean_lt                 ? 
_refine.pdbx_ls_sigma_I                          ? 
_refine.pdbx_ls_sigma_F                          1.380 
_refine.pdbx_ls_sigma_Fsqd                       ? 
_refine.pdbx_data_cutoff_high_absF               ? 
_refine.pdbx_data_cutoff_high_rms_absF           ? 
_refine.pdbx_data_cutoff_low_absF                ? 
_refine.pdbx_isotropic_thermal_model             ? 
_refine.pdbx_ls_cross_valid_method               THROUGHOUT 
_refine.pdbx_method_to_determine_struct          'MOLECULAR REPLACEMENT' 
_refine.pdbx_starting_model                      6x8c 
_refine.pdbx_stereochemistry_target_values       ML 
_refine.pdbx_R_Free_selection_details            ? 
_refine.pdbx_stereochem_target_val_spec_case     ? 
_refine.pdbx_overall_ESU_R                       ? 
_refine.pdbx_overall_ESU_R_Free                  ? 
_refine.pdbx_solvent_vdw_probe_radii             1.1100 
_refine.pdbx_solvent_ion_probe_radii             ? 
_refine.pdbx_solvent_shrinkage_radii             0.9000 
_refine.pdbx_real_space_R                        ? 
_refine.pdbx_density_correlation                 ? 
_refine.pdbx_pd_number_of_powder_patterns        ? 
_refine.pdbx_pd_number_of_points                 ? 
_refine.pdbx_pd_meas_number_of_points            ? 
_refine.pdbx_pd_proc_ls_prof_R_factor            ? 
_refine.pdbx_pd_proc_ls_prof_wR_factor           ? 
_refine.pdbx_pd_Marquardt_correlation_coeff      ? 
_refine.pdbx_pd_Fsqrd_R_factor                   ? 
_refine.pdbx_pd_ls_matrix_band_width             ? 
_refine.pdbx_overall_phase_error                 25.1300 
_refine.pdbx_overall_SU_R_free_Cruickshank_DPI   ? 
_refine.pdbx_overall_SU_R_free_Blow_DPI          ? 
_refine.pdbx_overall_SU_R_Blow_DPI               ? 
_refine.pdbx_TLS_residual_ADP_flag               ? 
_refine.pdbx_diffrn_id                           1 
_refine.overall_SU_B                             ? 
_refine.overall_SU_ML                            0.4000 
_refine.overall_SU_R_Cruickshank_DPI             ? 
_refine.overall_SU_R_free                        ? 
_refine.overall_FOM_free_R_set                   ? 
_refine.overall_FOM_work_R_set                   ? 
_refine.pdbx_average_fsc_overall                 ? 
_refine.pdbx_average_fsc_work                    ? 
_refine.pdbx_average_fsc_free                    ? 
# 
_refine_hist.pdbx_refine_id                   'X-RAY DIFFRACTION' 
_refine_hist.cycle_id                         final 
_refine_hist.details                          ? 
_refine_hist.d_res_high                       2.8070 
_refine_hist.d_res_low                        34.4100 
_refine_hist.number_atoms_solvent             0 
_refine_hist.number_atoms_total               857 
_refine_hist.number_reflns_all                ? 
_refine_hist.number_reflns_obs                ? 
_refine_hist.number_reflns_R_free             ? 
_refine_hist.number_reflns_R_work             ? 
_refine_hist.R_factor_all                     ? 
_refine_hist.R_factor_obs                     ? 
_refine_hist.R_factor_R_free                  ? 
_refine_hist.R_factor_R_work                  ? 
_refine_hist.pdbx_number_residues_total       42 
_refine_hist.pdbx_B_iso_mean_ligand           179.93 
_refine_hist.pdbx_B_iso_mean_solvent          ? 
_refine_hist.pdbx_number_atoms_protein        0 
_refine_hist.pdbx_number_atoms_nucleic_acid   855 
_refine_hist.pdbx_number_atoms_ligand         2 
_refine_hist.pdbx_number_atoms_lipid          ? 
_refine_hist.pdbx_number_atoms_carb           ? 
_refine_hist.pdbx_pseudo_atom_details         ? 
# 
loop_
_refine_ls_restr.pdbx_refine_id 
_refine_ls_restr.criterion 
_refine_ls_restr.dev_ideal 
_refine_ls_restr.dev_ideal_target 
_refine_ls_restr.number 
_refine_ls_restr.rejects 
_refine_ls_restr.type 
_refine_ls_restr.weight 
_refine_ls_restr.pdbx_restraint_function 
'X-RAY DIFFRACTION' ? 0.011  ? 956  ? f_bond_d           ? ? 
'X-RAY DIFFRACTION' ? 1.259  ? 1467 ? f_angle_d          ? ? 
'X-RAY DIFFRACTION' ? 0.060  ? 166  ? f_chiral_restr     ? ? 
'X-RAY DIFFRACTION' ? 0.007  ? 42   ? f_plane_restr      ? ? 
'X-RAY DIFFRACTION' ? 37.410 ? 406  ? f_dihedral_angle_d ? ? 
# 
loop_
_refine_ls_shell.pdbx_refine_id 
_refine_ls_shell.d_res_high 
_refine_ls_shell.d_res_low 
_refine_ls_shell.number_reflns_all 
_refine_ls_shell.number_reflns_obs 
_refine_ls_shell.number_reflns_R_free 
_refine_ls_shell.number_reflns_R_work 
_refine_ls_shell.percent_reflns_obs 
_refine_ls_shell.percent_reflns_R_free 
_refine_ls_shell.R_factor_all 
_refine_ls_shell.R_factor_obs 
_refine_ls_shell.R_factor_R_free 
_refine_ls_shell.R_factor_R_free_error 
_refine_ls_shell.R_factor_R_work 
_refine_ls_shell.redundancy_reflns_all 
_refine_ls_shell.redundancy_reflns_obs 
_refine_ls_shell.wR_factor_all 
_refine_ls_shell.wR_factor_obs 
_refine_ls_shell.wR_factor_R_free 
_refine_ls_shell.wR_factor_R_work 
_refine_ls_shell.pdbx_R_complete 
_refine_ls_shell.pdbx_total_number_of_bins_used 
_refine_ls_shell.pdbx_phase_error 
_refine_ls_shell.pdbx_fsc_work 
_refine_ls_shell.pdbx_fsc_free 
'X-RAY DIFFRACTION' 2.807  3.5356  . . 102 1992 98.0000 . . . 0.3886 0.0000 0.3241 . . . . . . . . . . . 
'X-RAY DIFFRACTION' 3.5356 34.4100 . . 112 2072 97.0000 . . . 0.2220 0.0000 0.2126 . . . . . . . . . . . 
# 
_struct.entry_id                     6XEJ 
_struct.title                        
'Self-assembly of a 3D DNA crystal lattice (4x5 junction version) containing the J10 immobile Holliday junction' 
_struct.pdbx_model_details           ? 
_struct.pdbx_formula_weight          ? 
_struct.pdbx_formula_weight_method   ? 
_struct.pdbx_model_type_details      ? 
_struct.pdbx_CASP_flag               N 
# 
_struct_keywords.entry_id        6XEJ 
_struct_keywords.text            
'Structural DNA nanotechnology, immobile Holliday junctions, 3D DNA self-assembly, designer DNA crystals, DNA' 
_struct_keywords.pdbx_keywords   DNA 
# 
loop_
_struct_asym.id 
_struct_asym.pdbx_blank_PDB_chainid_flag 
_struct_asym.pdbx_modified 
_struct_asym.entity_id 
_struct_asym.details 
A N N 1 ? 
B N N 2 ? 
C N N 3 ? 
D N N 4 ? 
E N N 5 ? 
F N N 5 ? 
# 
loop_
_struct_conn.id 
_struct_conn.conn_type_id 
_struct_conn.pdbx_leaving_atom_flag 
_struct_conn.pdbx_PDB_id 
_struct_conn.ptnr1_label_asym_id 
_struct_conn.ptnr1_label_comp_id 
_struct_conn.ptnr1_label_seq_id 
_struct_conn.ptnr1_label_atom_id 
_struct_conn.pdbx_ptnr1_label_alt_id 
_struct_conn.pdbx_ptnr1_PDB_ins_code 
_struct_conn.pdbx_ptnr1_standard_comp_id 
_struct_conn.ptnr1_symmetry 
_struct_conn.ptnr2_label_asym_id 
_struct_conn.ptnr2_label_comp_id 
_struct_conn.ptnr2_label_seq_id 
_struct_conn.ptnr2_label_atom_id 
_struct_conn.pdbx_ptnr2_label_alt_id 
_struct_conn.pdbx_ptnr2_PDB_ins_code 
_struct_conn.ptnr1_auth_asym_id 
_struct_conn.ptnr1_auth_comp_id 
_struct_conn.ptnr1_auth_seq_id 
_struct_conn.ptnr2_auth_asym_id 
_struct_conn.ptnr2_auth_comp_id 
_struct_conn.ptnr2_auth_seq_id 
_struct_conn.ptnr2_symmetry 
_struct_conn.pdbx_ptnr3_label_atom_id 
_struct_conn.pdbx_ptnr3_label_seq_id 
_struct_conn.pdbx_ptnr3_label_comp_id 
_struct_conn.pdbx_ptnr3_label_asym_id 
_struct_conn.pdbx_ptnr3_label_alt_id 
_struct_conn.pdbx_ptnr3_PDB_ins_code 
_struct_conn.details 
_struct_conn.pdbx_dist_value 
_struct_conn.pdbx_value_order 
_struct_conn.pdbx_role 
hydrog1  hydrog ? ? A DG 3  N1 ? ? ? 1_555 D DC 16 N3 ? ? A DG 3  D DC 16 1_555 ? ? ? ? ? ? WATSON-CRICK ? ? ? 
hydrog2  hydrog ? ? A DG 3  N2 ? ? ? 1_555 D DC 16 O2 ? ? A DG 3  D DC 16 1_555 ? ? ? ? ? ? WATSON-CRICK ? ? ? 
hydrog3  hydrog ? ? A DG 3  O6 ? ? ? 1_555 D DC 16 N4 ? ? A DG 3  D DC 16 1_555 ? ? ? ? ? ? WATSON-CRICK ? ? ? 
hydrog4  hydrog ? ? A DC 4  N3 ? ? ? 1_555 D DG 15 N1 ? ? A DC 4  D DG 15 1_555 ? ? ? ? ? ? WATSON-CRICK ? ? ? 
hydrog5  hydrog ? ? A DC 4  N4 ? ? ? 1_555 D DG 15 O6 ? ? A DC 4  D DG 15 1_555 ? ? ? ? ? ? WATSON-CRICK ? ? ? 
hydrog6  hydrog ? ? A DC 4  O2 ? ? ? 1_555 D DG 15 N2 ? ? A DC 4  D DG 15 1_555 ? ? ? ? ? ? WATSON-CRICK ? ? ? 
hydrog7  hydrog ? ? A DA 5  N1 ? ? ? 1_555 D DT 14 N3 ? ? A DA 5  D DT 14 1_555 ? ? ? ? ? ? WATSON-CRICK ? ? ? 
hydrog8  hydrog ? ? A DA 5  N6 ? ? ? 1_555 D DT 14 O4 ? ? A DA 5  D DT 14 1_555 ? ? ? ? ? ? WATSON-CRICK ? ? ? 
hydrog9  hydrog ? ? A DG 6  N1 ? ? ? 1_555 D DC 13 N3 ? ? A DG 6  D DC 13 1_555 ? ? ? ? ? ? WATSON-CRICK ? ? ? 
hydrog10 hydrog ? ? A DG 6  N2 ? ? ? 1_555 D DC 13 O2 ? ? A DG 6  D DC 13 1_555 ? ? ? ? ? ? WATSON-CRICK ? ? ? 
hydrog11 hydrog ? ? A DG 6  O6 ? ? ? 1_555 D DC 13 N4 ? ? A DG 6  D DC 13 1_555 ? ? ? ? ? ? WATSON-CRICK ? ? ? 
hydrog12 hydrog ? ? A DA 7  N1 ? ? ? 1_555 D DT 12 N3 ? ? A DA 7  D DT 12 1_555 ? ? ? ? ? ? WATSON-CRICK ? ? ? 
hydrog13 hydrog ? ? A DA 7  N6 ? ? ? 1_555 D DT 12 O4 ? ? A DA 7  D DT 12 1_555 ? ? ? ? ? ? WATSON-CRICK ? ? ? 
hydrog14 hydrog ? ? A DC 8  N3 ? ? ? 1_555 D DG 11 N1 ? ? A DC 8  D DG 11 1_555 ? ? ? ? ? ? WATSON-CRICK ? ? ? 
hydrog15 hydrog ? ? A DC 8  N4 ? ? ? 1_555 D DG 11 O6 ? ? A DC 8  D DG 11 1_555 ? ? ? ? ? ? WATSON-CRICK ? ? ? 
hydrog16 hydrog ? ? A DC 8  O2 ? ? ? 1_555 D DG 11 N2 ? ? A DC 8  D DG 11 1_555 ? ? ? ? ? ? WATSON-CRICK ? ? ? 
hydrog17 hydrog ? ? A DC 9  N3 ? ? ? 1_555 D DG 10 N1 ? ? A DC 9  D DG 10 1_555 ? ? ? ? ? ? WATSON-CRICK ? ? ? 
hydrog18 hydrog ? ? A DC 9  N4 ? ? ? 1_555 D DG 10 O6 ? ? A DC 9  D DG 10 1_555 ? ? ? ? ? ? WATSON-CRICK ? ? ? 
hydrog19 hydrog ? ? A DC 9  O2 ? ? ? 1_555 D DG 10 N2 ? ? A DC 9  D DG 10 1_555 ? ? ? ? ? ? WATSON-CRICK ? ? ? 
hydrog20 hydrog ? ? A DT 10 N3 ? ? ? 1_555 C DA 2  N1 ? ? A DT 10 C DA 2  1_555 ? ? ? ? ? ? WATSON-CRICK ? ? ? 
hydrog21 hydrog ? ? A DT 10 O4 ? ? ? 1_555 C DA 2  N6 ? ? A DT 10 C DA 2  1_555 ? ? ? ? ? ? WATSON-CRICK ? ? ? 
hydrog22 hydrog ? ? A DG 11 N1 ? ? ? 1_555 C DC 1  N3 ? ? A DG 11 C DC 1  1_555 ? ? ? ? ? ? WATSON-CRICK ? ? ? 
hydrog23 hydrog ? ? A DG 11 N2 ? ? ? 1_555 C DC 1  O2 ? ? A DG 11 C DC 1  1_555 ? ? ? ? ? ? WATSON-CRICK ? ? ? 
hydrog24 hydrog ? ? A DG 11 O6 ? ? ? 1_555 C DC 1  N4 ? ? A DG 11 C DC 1  1_555 ? ? ? ? ? ? WATSON-CRICK ? ? ? 
hydrog25 hydrog ? ? B DA 1  N1 ? ? ? 1_555 C DT 5  N3 ? ? B DA 12 C DT 5  1_555 ? ? ? ? ? ? WATSON-CRICK ? ? ? 
hydrog26 hydrog ? ? B DA 1  N6 ? ? ? 1_555 C DT 5  O4 ? ? B DA 12 C DT 5  1_555 ? ? ? ? ? ? WATSON-CRICK ? ? ? 
hydrog27 hydrog ? ? B DC 2  N3 ? ? ? 1_555 C DG 4  N1 ? ? B DC 13 C DG 4  1_555 ? ? ? ? ? ? WATSON-CRICK ? ? ? 
hydrog28 hydrog ? ? B DC 2  N4 ? ? ? 1_555 C DG 4  O6 ? ? B DC 13 C DG 4  1_555 ? ? ? ? ? ? WATSON-CRICK ? ? ? 
hydrog29 hydrog ? ? B DC 2  O2 ? ? ? 1_555 C DG 4  N2 ? ? B DC 13 C DG 4  1_555 ? ? ? ? ? ? WATSON-CRICK ? ? ? 
hydrog30 hydrog ? ? B DT 3  N3 ? ? ? 1_555 C DA 3  N1 ? ? B DT 14 C DA 3  1_555 ? ? ? ? ? ? WATSON-CRICK ? ? ? 
hydrog31 hydrog ? ? B DT 3  O4 ? ? ? 1_555 C DA 3  N6 ? ? B DT 14 C DA 3  1_555 ? ? ? ? ? ? WATSON-CRICK ? ? ? 
hydrog32 hydrog ? ? B DC 4  N3 ? ? ? 1_555 D DG 9  N1 ? ? B DC 15 D DG 9  1_555 ? ? ? ? ? ? WATSON-CRICK ? ? ? 
hydrog33 hydrog ? ? B DC 4  N4 ? ? ? 1_555 D DG 9  O6 ? ? B DC 15 D DG 9  1_555 ? ? ? ? ? ? WATSON-CRICK ? ? ? 
hydrog34 hydrog ? ? B DC 4  O2 ? ? ? 1_555 D DG 9  N2 ? ? B DC 15 D DG 9  1_555 ? ? ? ? ? ? WATSON-CRICK ? ? ? 
hydrog35 hydrog ? ? B DC 5  N3 ? ? ? 1_555 D DG 8  N1 ? ? B DC 16 D DG 8  1_555 ? ? ? ? ? ? WATSON-CRICK ? ? ? 
hydrog36 hydrog ? ? B DC 5  N4 ? ? ? 1_555 D DG 8  O6 ? ? B DC 16 D DG 8  1_555 ? ? ? ? ? ? WATSON-CRICK ? ? ? 
hydrog37 hydrog ? ? B DC 5  O2 ? ? ? 1_555 D DG 8  N2 ? ? B DC 16 D DG 8  1_555 ? ? ? ? ? ? WATSON-CRICK ? ? ? 
hydrog38 hydrog ? ? B DA 6  N1 ? ? ? 1_555 D DT 7  N3 ? ? B DA 17 D DT 7  1_555 ? ? ? ? ? ? WATSON-CRICK ? ? ? 
hydrog39 hydrog ? ? B DA 6  N6 ? ? ? 1_555 D DT 7  O4 ? ? B DA 17 D DT 7  1_555 ? ? ? ? ? ? WATSON-CRICK ? ? ? 
hydrog40 hydrog ? ? B DC 7  N3 ? ? ? 1_555 D DG 6  N1 ? ? B DC 18 D DG 6  1_555 ? ? ? ? ? ? WATSON-CRICK ? ? ? 
hydrog41 hydrog ? ? B DC 7  N4 ? ? ? 1_555 D DG 6  O6 ? ? B DC 18 D DG 6  1_555 ? ? ? ? ? ? WATSON-CRICK ? ? ? 
hydrog42 hydrog ? ? B DC 7  O2 ? ? ? 1_555 D DG 6  N2 ? ? B DC 18 D DG 6  1_555 ? ? ? ? ? ? WATSON-CRICK ? ? ? 
hydrog43 hydrog ? ? B DT 8  N3 ? ? ? 1_555 D DA 5  N1 ? ? B DT 19 D DA 5  1_555 ? ? ? ? ? ? WATSON-CRICK ? ? ? 
hydrog44 hydrog ? ? B DT 8  O4 ? ? ? 1_555 D DA 5  N6 ? ? B DT 19 D DA 5  1_555 ? ? ? ? ? ? WATSON-CRICK ? ? ? 
hydrog45 hydrog ? ? B DC 9  O2 ? ? ? 1_555 D DG 4  N2 ? ? B DC 20 D DG 4  1_555 ? ? ? ? ? ? 'DC-DG PAIR' ? ? ? 
hydrog46 hydrog ? ? B DA 10 N1 ? ? ? 1_555 D DT 3  N3 ? ? B DA 21 D DT 3  1_555 ? ? ? ? ? ? WATSON-CRICK ? ? ? 
hydrog47 hydrog ? ? B DA 10 N6 ? ? ? 1_555 D DT 3  O4 ? ? B DA 21 D DT 3  1_555 ? ? ? ? ? ? WATSON-CRICK ? ? ? 
# 
_struct_conn_type.id          hydrog 
_struct_conn_type.criteria    ? 
_struct_conn_type.reference   ? 
# 
_struct_site.id                   AC1 
_struct_site.pdbx_evidence_code   Software 
_struct_site.pdbx_auth_asym_id    D 
_struct_site.pdbx_auth_comp_id    CAC 
_struct_site.pdbx_auth_seq_id     101 
_struct_site.pdbx_auth_ins_code   ? 
_struct_site.pdbx_num_residues    1 
_struct_site.details              'binding site for residue CAC D 101' 
# 
_struct_site_gen.id                   1 
_struct_site_gen.site_id              AC1 
_struct_site_gen.pdbx_num_res         1 
_struct_site_gen.label_comp_id        DG 
_struct_site_gen.label_asym_id        D 
_struct_site_gen.label_seq_id         11 
_struct_site_gen.pdbx_auth_ins_code   ? 
_struct_site_gen.auth_comp_id         DG 
_struct_site_gen.auth_asym_id         D 
_struct_site_gen.auth_seq_id          11 
_struct_site_gen.label_atom_id        . 
_struct_site_gen.label_alt_id         ? 
_struct_site_gen.symmetry             1_555 
_struct_site_gen.details              ? 
# 
_atom_sites.entry_id                    6XEJ 
_atom_sites.Cartn_transf_matrix[1][1]   ? 
_atom_sites.Cartn_transf_matrix[1][2]   ? 
_atom_sites.Cartn_transf_matrix[1][3]   ? 
_atom_sites.Cartn_transf_matrix[2][1]   ? 
_atom_sites.Cartn_transf_matrix[2][2]   ? 
_atom_sites.Cartn_transf_matrix[2][3]   ? 
_atom_sites.Cartn_transf_matrix[3][1]   ? 
_atom_sites.Cartn_transf_matrix[3][2]   ? 
_atom_sites.Cartn_transf_matrix[3][3]   ? 
_atom_sites.Cartn_transf_vector[1]      ? 
_atom_sites.Cartn_transf_vector[2]      ? 
_atom_sites.Cartn_transf_vector[3]      ? 
_atom_sites.fract_transf_matrix[1][1]   -0.00929951 
_atom_sites.fract_transf_matrix[1][2]   0.00963554 
_atom_sites.fract_transf_matrix[1][3]   0.01010944 
_atom_sites.fract_transf_matrix[2][1]   -0.00373998 
_atom_sites.fract_transf_matrix[2][2]   -0.00525338 
_atom_sites.fract_transf_matrix[2][3]   0.01549030 
_atom_sites.fract_transf_matrix[3][1]   0.01338203 
_atom_sites.fract_transf_matrix[3][2]   0.00702562 
_atom_sites.fract_transf_matrix[3][3]   0.00561364 
_atom_sites.fract_transf_vector[1]      -0.198397 
_atom_sites.fract_transf_vector[2]      -0.383245 
_atom_sites.fract_transf_vector[3]      0.152683 
_atom_sites.solution_primary            ? 
_atom_sites.solution_secondary          ? 
_atom_sites.solution_hydrogens          ? 
_atom_sites.special_details             ? 
# 
loop_
_atom_type.symbol 
AS 
C  
N  
O  
P  
# 
loop_
_atom_site.group_PDB 
_atom_site.id 
_atom_site.type_symbol 
_atom_site.label_atom_id 
_atom_site.label_alt_id 
_atom_site.label_comp_id 
_atom_site.label_asym_id 
_atom_site.label_entity_id 
_atom_site.label_seq_id 
_atom_site.pdbx_PDB_ins_code 
_atom_site.Cartn_x 
_atom_site.Cartn_y 
_atom_site.Cartn_z 
_atom_site.occupancy 
_atom_site.B_iso_or_equiv 
_atom_site.pdbx_formal_charge 
_atom_site.auth_seq_id 
_atom_site.auth_comp_id 
_atom_site.auth_asym_id 
_atom_site.auth_atom_id 
_atom_site.pdbx_PDB_model_num 
ATOM   1   O  "O5'" . DG  A 1 1  ? 19.415  -15.802 9.738   1.00 141.32 ? 1   DG  A "O5'" 1 
ATOM   2   C  "C5'" . DG  A 1 1  ? 19.446  -15.480 11.132  1.00 130.89 ? 1   DG  A "C5'" 1 
ATOM   3   C  "C4'" . DG  A 1 1  ? 18.105  -15.770 11.793  1.00 124.00 ? 1   DG  A "C4'" 1 
ATOM   4   O  "O4'" . DG  A 1 1  ? 18.126  -15.293 13.151  1.00 106.81 ? 1   DG  A "O4'" 1 
ATOM   5   C  "C3'" . DG  A 1 1  ? 16.921  -15.040 11.180  1.00 124.86 ? 1   DG  A "C3'" 1 
ATOM   6   O  "O3'" . DG  A 1 1  ? 16.399  -15.759 10.075  1.00 128.12 ? 1   DG  A "O3'" 1 
ATOM   7   C  "C2'" . DG  A 1 1  ? 15.913  -14.982 12.330  1.00 111.01 ? 1   DG  A "C2'" 1 
ATOM   8   C  "C1'" . DG  A 1 1  ? 16.790  -15.081 13.573  1.00 106.12 ? 1   DG  A "C1'" 1 
ATOM   9   N  N9    . DG  A 1 1  ? 16.744  -13.904 14.423  1.00 96.07  ? 1   DG  A N9    1 
ATOM   10  C  C8    . DG  A 1 1  ? 17.798  -13.100 14.764  1.00 92.50  ? 1   DG  A C8    1 
ATOM   11  N  N7    . DG  A 1 1  ? 17.472  -12.132 15.571  1.00 89.82  ? 1   DG  A N7    1 
ATOM   12  C  C5    . DG  A 1 1  ? 16.109  -12.301 15.781  1.00 90.12  ? 1   DG  A C5    1 
ATOM   13  C  C6    . DG  A 1 1  ? 15.205  -11.540 16.566  1.00 91.50  ? 1   DG  A C6    1 
ATOM   14  O  O6    . DG  A 1 1  ? 15.449  -10.542 17.248  1.00 92.93  ? 1   DG  A O6    1 
ATOM   15  N  N1    . DG  A 1 1  ? 13.902  -12.049 16.510  1.00 89.27  ? 1   DG  A N1    1 
ATOM   16  C  C2    . DG  A 1 1  ? 13.531  -13.157 15.781  1.00 93.82  ? 1   DG  A C2    1 
ATOM   17  N  N2    . DG  A 1 1  ? 12.244  -13.500 15.849  1.00 101.27 ? 1   DG  A N2    1 
ATOM   18  N  N3    . DG  A 1 1  ? 14.370  -13.880 15.034  1.00 92.20  ? 1   DG  A N3    1 
ATOM   19  C  C4    . DG  A 1 1  ? 15.642  -13.392 15.083  1.00 96.55  ? 1   DG  A C4    1 
ATOM   20  P  P     . DA  A 1 2  ? 15.571  -14.964 8.952   1.00 139.73 ? 2   DA  A P     1 
ATOM   21  O  OP1   . DA  A 1 2  ? 16.290  -15.188 7.665   1.00 131.98 ? 2   DA  A OP1   1 
ATOM   22  O  OP2   . DA  A 1 2  ? 15.326  -13.593 9.485   1.00 122.12 ? 2   DA  A OP2   1 
ATOM   23  O  "O5'" . DA  A 1 2  ? 14.145  -15.696 8.912   1.00 128.58 ? 2   DA  A "O5'" 1 
ATOM   24  C  "C5'" . DA  A 1 2  ? 13.499  -16.070 10.124  1.00 115.68 ? 2   DA  A "C5'" 1 
ATOM   25  C  "C4'" . DA  A 1 2  ? 12.474  -15.030 10.571  1.00 117.30 ? 2   DA  A "C4'" 1 
ATOM   26  O  "O4'" . DA  A 1 2  ? 13.048  -14.149 11.554  1.00 107.22 ? 2   DA  A "O4'" 1 
ATOM   27  C  "C3'" . DA  A 1 2  ? 11.881  -14.119 9.477   1.00 121.68 ? 2   DA  A "C3'" 1 
ATOM   28  O  "O3'" . DA  A 1 2  ? 10.447  -14.331 9.413   1.00 123.06 ? 2   DA  A "O3'" 1 
ATOM   29  C  "C2'" . DA  A 1 2  ? 12.247  -12.696 9.952   1.00 112.43 ? 2   DA  A "C2'" 1 
ATOM   30  C  "C1'" . DA  A 1 2  ? 12.400  -12.911 11.450  1.00 111.48 ? 2   DA  A "C1'" 1 
ATOM   31  N  N9    . DA  A 1 2  ? 13.212  -11.902 12.141  1.00 104.74 ? 2   DA  A N9    1 
ATOM   32  C  C8    . DA  A 1 2  ? 14.556  -11.694 12.002  1.00 105.55 ? 2   DA  A C8    1 
ATOM   33  N  N7    . DA  A 1 2  ? 15.026  -10.728 12.765  1.00 100.17 ? 2   DA  A N7    1 
ATOM   34  C  C5    . DA  A 1 2  ? 13.916  -10.274 13.458  1.00 95.12  ? 2   DA  A C5    1 
ATOM   35  C  C6    . DA  A 1 2  ? 13.750  -9.260  14.436  1.00 96.52  ? 2   DA  A C6    1 
ATOM   36  N  N6    . DA  A 1 2  ? 14.751  -8.495  14.881  1.00 88.22  ? 2   DA  A N6    1 
ATOM   37  N  N1    . DA  A 1 2  ? 12.508  -9.064  14.933  1.00 96.12  ? 2   DA  A N1    1 
ATOM   38  C  C2    . DA  A 1 2  ? 11.507  -9.832  14.480  1.00 99.81  ? 2   DA  A C2    1 
ATOM   39  N  N3    . DA  A 1 2  ? 11.544  -10.816 13.572  1.00 105.96 ? 2   DA  A N3    1 
ATOM   40  C  C4    . DA  A 1 2  ? 12.789  -10.989 13.093  1.00 94.84  ? 2   DA  A C4    1 
ATOM   41  P  P     . DG  A 1 3  ? 9.467   -13.331 8.614   1.00 129.24 ? 3   DG  A P     1 
ATOM   42  O  OP1   . DG  A 1 3  ? 8.136   -13.978 8.489   1.00 118.50 ? 3   DG  A OP1   1 
ATOM   43  O  OP2   . DG  A 1 3  ? 10.196  -12.827 7.424   1.00 125.89 ? 3   DG  A OP2   1 
ATOM   44  O  "O5'" . DG  A 1 3  ? 9.250   -12.129 9.625   1.00 114.10 ? 3   DG  A "O5'" 1 
ATOM   45  C  "C5'" . DG  A 1 3  ? 8.670   -12.383 10.866  1.00 113.15 ? 3   DG  A "C5'" 1 
ATOM   46  C  "C4'" . DG  A 1 3  ? 7.790   -11.230 11.282  1.00 115.83 ? 3   DG  A "C4'" 1 
ATOM   47  O  "O4'" . DG  A 1 3  ? 8.567   -10.267 12.041  1.00 116.17 ? 3   DG  A "O4'" 1 
ATOM   48  C  "C3'" . DG  A 1 3  ? 7.142   -10.464 10.138  1.00 118.16 ? 3   DG  A "C3'" 1 
ATOM   49  O  "O3'" . DG  A 1 3  ? 5.818   -10.089 10.516  1.00 124.05 ? 3   DG  A "O3'" 1 
ATOM   50  C  "C2'" . DG  A 1 3  ? 8.066   -9.248  9.935   1.00 117.78 ? 3   DG  A "C2'" 1 
ATOM   51  C  "C1'" . DG  A 1 3  ? 8.763   -9.078  11.298  1.00 115.35 ? 3   DG  A "C1'" 1 
ATOM   52  N  N9    . DG  A 1 3  ? 10.212  -8.805  11.207  1.00 109.71 ? 3   DG  A N9    1 
ATOM   53  C  C8    . DG  A 1 3  ? 11.141  -9.452  10.411  1.00 109.53 ? 3   DG  A C8    1 
ATOM   54  N  N7    . DG  A 1 3  ? 12.357  -8.984  10.539  1.00 101.14 ? 3   DG  A N7    1 
ATOM   55  C  C5    . DG  A 1 3  ? 12.232  -7.970  11.477  1.00 97.50  ? 3   DG  A C5    1 
ATOM   56  C  C6    . DG  A 1 3  ? 13.211  -7.108  12.016  1.00 98.75  ? 3   DG  A C6    1 
ATOM   57  O  O6    . DG  A 1 3  ? 14.425  -7.068  11.761  1.00 93.62  ? 3   DG  A O6    1 
ATOM   58  N  N1    . DG  A 1 3  ? 12.657  -6.220  12.943  1.00 99.70  ? 3   DG  A N1    1 
ATOM   59  C  C2    . DG  A 1 3  ? 11.323  -6.174  13.296  1.00 95.94  ? 3   DG  A C2    1 
ATOM   60  N  N2    . DG  A 1 3  ? 10.978  -5.250  14.203  1.00 96.62  ? 3   DG  A N2    1 
ATOM   61  N  N3    . DG  A 1 3  ? 10.397  -6.976  12.796  1.00 97.68  ? 3   DG  A N3    1 
ATOM   62  C  C4    . DG  A 1 3  ? 10.918  -7.846  11.899  1.00 100.07 ? 3   DG  A C4    1 
ATOM   63  P  P     . DC  A 1 4  ? 4.882   -9.223  9.537   1.00 123.34 ? 4   DC  A P     1 
ATOM   64  O  OP1   . DC  A 1 4  ? 3.473   -9.602  9.807   1.00 123.76 ? 4   DC  A OP1   1 
ATOM   65  O  OP2   . DC  A 1 4  ? 5.435   -9.359  8.163   1.00 113.60 ? 4   DC  A OP2   1 
ATOM   66  O  "O5'" . DC  A 1 4  ? 5.019   -7.743  10.121  1.00 104.31 ? 4   DC  A "O5'" 1 
ATOM   67  C  "C5'" . DC  A 1 4  ? 4.879   -7.546  11.513  1.00 104.87 ? 4   DC  A "C5'" 1 
ATOM   68  C  "C4'" . DC  A 1 4  ? 4.712   -6.085  11.837  1.00 109.20 ? 4   DC  A "C4'" 1 
ATOM   69  O  "O4'" . DC  A 1 4  ? 6.004   -5.508  12.202  1.00 114.47 ? 4   DC  A "O4'" 1 
ATOM   70  C  "C3'" . DC  A 1 4  ? 4.182   -5.242  10.693  1.00 114.64 ? 4   DC  A "C3'" 1 
ATOM   71  O  "O3'" . DC  A 1 4  ? 3.341   -4.223  11.218  1.00 115.16 ? 4   DC  A "O3'" 1 
ATOM   72  C  "C2'" . DC  A 1 4  ? 5.470   -4.685  10.067  1.00 116.38 ? 4   DC  A "C2'" 1 
ATOM   73  C  "C1'" . DC  A 1 4  ? 6.344   -4.468  11.295  1.00 112.88 ? 4   DC  A "C1'" 1 
ATOM   74  N  N1    . DC  A 1 4  ? 7.813   -4.543  11.007  1.00 102.80 ? 4   DC  A N1    1 
ATOM   75  C  C2    . DC  A 1 4  ? 8.706   -3.698  11.693  1.00 106.21 ? 4   DC  A C2    1 
ATOM   76  O  O2    . DC  A 1 4  ? 8.258   -2.894  12.532  1.00 113.02 ? 4   DC  A O2    1 
ATOM   77  N  N3    . DC  A 1 4  ? 10.041  -3.788  11.421  1.00 92.38  ? 4   DC  A N3    1 
ATOM   78  C  C4    . DC  A 1 4  ? 10.477  -4.670  10.517  1.00 97.65  ? 4   DC  A C4    1 
ATOM   79  N  N4    . DC  A 1 4  ? 11.789  -4.721  10.275  1.00 91.62  ? 4   DC  A N4    1 
ATOM   80  C  C5    . DC  A 1 4  ? 9.582   -5.533  9.815   1.00 101.74 ? 4   DC  A C5    1 
ATOM   81  C  C6    . DC  A 1 4  ? 8.275   -5.437  10.091  1.00 102.22 ? 4   DC  A C6    1 
ATOM   82  P  P     . DA  A 1 5  ? 3.129   -2.838  10.432  1.00 132.31 ? 5   DA  A P     1 
ATOM   83  O  OP1   . DA  A 1 5  ? 1.898   -2.195  10.963  1.00 141.88 ? 5   DA  A OP1   1 
ATOM   84  O  OP2   . DA  A 1 5  ? 3.264   -3.087  8.979   1.00 127.00 ? 5   DA  A OP2   1 
ATOM   85  O  "O5'" . DA  A 1 5  ? 4.362   -1.954  10.895  1.00 112.87 ? 5   DA  A "O5'" 1 
ATOM   86  C  "C5'" . DA  A 1 5  ? 4.344   -1.343  12.154  1.00 110.03 ? 5   DA  A "C5'" 1 
ATOM   87  C  "C4'" . DA  A 1 5  ? 4.795   0.099   12.050  1.00 117.33 ? 5   DA  A "C4'" 1 
ATOM   88  O  "O4'" . DA  A 1 5  ? 6.173   0.161   11.597  1.00 114.20 ? 5   DA  A "O4'" 1 
ATOM   89  C  "C3'" . DA  A 1 5  ? 4.015   0.963   11.078  1.00 115.11 ? 5   DA  A "C3'" 1 
ATOM   90  O  "O3'" . DA  A 1 5  ? 4.044   2.288   11.547  1.00 116.00 ? 5   DA  A "O3'" 1 
ATOM   91  C  "C2'" . DA  A 1 5  ? 4.802   0.806   9.770   1.00 106.84 ? 5   DA  A "C2'" 1 
ATOM   92  C  "C1'" . DA  A 1 5  ? 6.240   0.676   10.272  1.00 107.09 ? 5   DA  A "C1'" 1 
ATOM   93  N  N9    . DA  A 1 5  ? 7.074   -0.242  9.499   1.00 98.06  ? 5   DA  A N9    1 
ATOM   94  C  C8    . DA  A 1 5  ? 6.670   -1.204  8.610   1.00 95.74  ? 5   DA  A C8    1 
ATOM   95  N  N7    . DA  A 1 5  ? 7.668   -1.899  8.095   1.00 90.25  ? 5   DA  A N7    1 
ATOM   96  C  C5    . DA  A 1 5  ? 8.796   -1.354  8.701   1.00 93.10  ? 5   DA  A C5    1 
ATOM   97  C  C6    . DA  A 1 5  ? 10.183  -1.643  8.600   1.00 86.81  ? 5   DA  A C6    1 
ATOM   98  N  N6    . DA  A 1 5  ? 10.690  -2.596  7.817   1.00 87.12  ? 5   DA  A N6    1 
ATOM   99  N  N1    . DA  A 1 5  ? 11.027  -0.910  9.351   1.00 84.55  ? 5   DA  A N1    1 
ATOM   100 C  C2    . DA  A 1 5  ? 10.534  0.047   10.143  1.00 86.83  ? 5   DA  A C2    1 
ATOM   101 N  N3    . DA  A 1 5  ? 9.269   0.411   10.322  1.00 96.16  ? 5   DA  A N3    1 
ATOM   102 C  C4    . DA  A 1 5  ? 8.441   -0.337  9.567   1.00 97.50  ? 5   DA  A C4    1 
ATOM   103 P  P     . DG  A 1 6  ? 3.080   3.396   10.917  1.00 128.83 ? 6   DG  A P     1 
ATOM   104 O  OP1   . DG  A 1 6  ? 2.332   4.028   12.032  1.00 127.74 ? 6   DG  A OP1   1 
ATOM   105 O  OP2   . DG  A 1 6  ? 2.361   2.759   9.786   1.00 129.92 ? 6   DG  A OP2   1 
ATOM   106 O  "O5'" . DG  A 1 6  ? 4.104   4.485   10.382  1.00 114.76 ? 6   DG  A "O5'" 1 
ATOM   107 C  "C5'" . DG  A 1 6  ? 5.027   5.030   11.292  1.00 114.48 ? 6   DG  A "C5'" 1 
ATOM   108 C  "C4'" . DG  A 1 6  ? 6.390   5.194   10.654  1.00 112.46 ? 6   DG  A "C4'" 1 
ATOM   109 O  "O4'" . DG  A 1 6  ? 6.780   4.002   9.947   1.00 106.42 ? 6   DG  A "O4'" 1 
ATOM   110 C  "C3'" . DG  A 1 6  ? 6.493   6.326   9.642   1.00 103.75 ? 6   DG  A "C3'" 1 
ATOM   111 O  "O3'" . DG  A 1 6  ? 7.268   7.339   10.221  1.00 110.85 ? 6   DG  A "O3'" 1 
ATOM   112 C  "C2'" . DG  A 1 6  ? 7.181   5.683   8.411   1.00 101.35 ? 6   DG  A "C2'" 1 
ATOM   113 C  "C1'" . DG  A 1 6  ? 7.723   4.384   8.985   1.00 97.73  ? 6   DG  A "C1'" 1 
ATOM   114 N  N9    . DG  A 1 6  ? 7.886   3.279   8.032   1.00 96.13  ? 6   DG  A N9    1 
ATOM   115 C  C8    . DG  A 1 6  ? 6.892   2.595   7.375   1.00 90.43  ? 6   DG  A C8    1 
ATOM   116 N  N7    . DG  A 1 6  ? 7.338   1.621   6.623   1.00 86.21  ? 6   DG  A N7    1 
ATOM   117 C  C5    . DG  A 1 6  ? 8.719   1.647   6.801   1.00 84.52  ? 6   DG  A C5    1 
ATOM   118 C  C6    . DG  A 1 6  ? 9.738   0.822   6.241   1.00 83.34  ? 6   DG  A C6    1 
ATOM   119 O  O6    . DG  A 1 6  ? 9.620   -0.124  5.445   1.00 79.93  ? 6   DG  A O6    1 
ATOM   120 N  N1    . DG  A 1 6  ? 11.004  1.190   6.680   1.00 80.31  ? 6   DG  A N1    1 
ATOM   121 C  C2    . DG  A 1 6  ? 11.267  2.218   7.557   1.00 86.20  ? 6   DG  A C2    1 
ATOM   122 N  N2    . DG  A 1 6  ? 12.554  2.409   7.870   1.00 89.20  ? 6   DG  A N2    1 
ATOM   123 N  N3    . DG  A 1 6  ? 10.331  3.001   8.097   1.00 91.52  ? 6   DG  A N3    1 
ATOM   124 C  C4    . DG  A 1 6  ? 9.076   2.655   7.672   1.00 94.68  ? 6   DG  A C4    1 
ATOM   125 P  P     . DA  A 1 7  ? 7.617   8.671   9.408   1.00 125.70 ? 7   DA  A P     1 
ATOM   126 O  OP1   . DA  A 1 7  ? 7.913   9.723   10.412  1.00 124.57 ? 7   DA  A OP1   1 
ATOM   127 O  OP2   . DA  A 1 7  ? 6.531   8.844   8.417   1.00 121.90 ? 7   DA  A OP2   1 
ATOM   128 O  "O5'" . DA  A 1 7  ? 8.977   8.304   8.647   1.00 110.27 ? 7   DA  A "O5'" 1 
ATOM   129 C  "C5'" . DA  A 1 7  ? 10.070  7.755   9.386   1.00 104.79 ? 7   DA  A "C5'" 1 
ATOM   130 C  "C4'" . DA  A 1 7  ? 11.242  7.442   8.474   1.00 105.12 ? 7   DA  A "C4'" 1 
ATOM   131 O  "O4'" . DA  A 1 7  ? 11.030  6.158   7.831   1.00 94.69  ? 7   DA  A "O4'" 1 
ATOM   132 C  "C3'" . DA  A 1 7  ? 11.458  8.456   7.347   1.00 108.94 ? 7   DA  A "C3'" 1 
ATOM   133 O  "O3'" . DA  A 1 7  ? 12.785  8.965   7.361   1.00 108.75 ? 7   DA  A "O3'" 1 
ATOM   134 C  "C2'" . DA  A 1 7  ? 11.190  7.663   6.077   1.00 97.12  ? 7   DA  A "C2'" 1 
ATOM   135 C  "C1'" . DA  A 1 7  ? 11.468  6.235   6.505   1.00 93.18  ? 7   DA  A "C1'" 1 
ATOM   136 N  N9    . DA  A 1 7  ? 10.703  5.283   5.723   1.00 93.69  ? 7   DA  A N9    1 
ATOM   137 C  C8    . DA  A 1 7  ? 9.357   5.299   5.527   1.00 90.29  ? 7   DA  A C8    1 
ATOM   138 N  N7    . DA  A 1 7  ? 8.926   4.330   4.766   1.00 87.85  ? 7   DA  A N7    1 
ATOM   139 C  C5    . DA  A 1 7  ? 10.064  3.641   4.424   1.00 76.67  ? 7   DA  A C5    1 
ATOM   140 C  C6    . DA  A 1 7  ? 10.265  2.505   3.622   1.00 79.11  ? 7   DA  A C6    1 
ATOM   141 N  N6    . DA  A 1 7  ? 9.264   1.851   3.004   1.00 71.87  ? 7   DA  A N6    1 
ATOM   142 N  N1    . DA  A 1 7  ? 11.527  2.056   3.486   1.00 76.58  ? 7   DA  A N1    1 
ATOM   143 C  C2    . DA  A 1 7  ? 12.513  2.723   4.111   1.00 84.68  ? 7   DA  A C2    1 
ATOM   144 N  N3    . DA  A 1 7  ? 12.442  3.814   4.887   1.00 82.66  ? 7   DA  A N3    1 
ATOM   145 C  C4    . DA  A 1 7  ? 11.176  4.219   5.000   1.00 81.32  ? 7   DA  A C4    1 
ATOM   146 P  P     . DC  A 1 8  ? 13.149  10.269  6.488   1.00 123.66 ? 8   DC  A P     1 
ATOM   147 O  OP1   . DC  A 1 8  ? 14.259  10.937  7.201   1.00 118.59 ? 8   DC  A OP1   1 
ATOM   148 O  OP2   . DC  A 1 8  ? 11.885  11.007  6.211   1.00 115.93 ? 8   DC  A OP2   1 
ATOM   149 O  "O5'" . DC  A 1 8  ? 13.738  9.685   5.113   1.00 95.50  ? 8   DC  A "O5'" 1 
ATOM   150 C  "C5'" . DC  A 1 8  ? 14.920  8.956   5.142   1.00 89.34  ? 8   DC  A "C5'" 1 
ATOM   151 C  "C4'" . DC  A 1 8  ? 14.896  7.841   4.129   1.00 92.71  ? 8   DC  A "C4'" 1 
ATOM   152 O  "O4'" . DC  A 1 8  ? 13.601  7.211   4.086   1.00 96.72  ? 8   DC  A "O4'" 1 
ATOM   153 C  "C3'" . DC  A 1 8  ? 15.102  8.269   2.695   1.00 97.55  ? 8   DC  A "C3'" 1 
ATOM   154 O  "O3'" . DC  A 1 8  ? 16.469  8.375   2.400   1.00 95.41  ? 8   DC  A "O3'" 1 
ATOM   155 C  "C2'" . DC  A 1 8  ? 14.446  7.129   1.891   1.00 92.90  ? 8   DC  A "C2'" 1 
ATOM   156 C  "C1'" . DC  A 1 8  ? 13.628  6.376   2.945   1.00 88.42  ? 8   DC  A "C1'" 1 
ATOM   157 N  N1    . DC  A 1 8  ? 12.251  6.037   2.492   1.00 86.79  ? 8   DC  A N1    1 
ATOM   158 C  C2    . DC  A 1 8  ? 12.080  4.986   1.586   1.00 82.93  ? 8   DC  A C2    1 
ATOM   159 O  O2    . DC  A 1 8  ? 13.071  4.360   1.201   1.00 73.99  ? 8   DC  A O2    1 
ATOM   160 N  N3    . DC  A 1 8  ? 10.829  4.680   1.159   1.00 81.43  ? 8   DC  A N3    1 
ATOM   161 C  C4    . DC  A 1 8  ? 9.789   5.375   1.609   1.00 83.11  ? 8   DC  A C4    1 
ATOM   162 N  N4    . DC  A 1 8  ? 8.577   5.031   1.168   1.00 81.55  ? 8   DC  A N4    1 
ATOM   163 C  C5    . DC  A 1 8  ? 9.943   6.452   2.538   1.00 80.55  ? 8   DC  A C5    1 
ATOM   164 C  C6    . DC  A 1 8  ? 11.181  6.750   2.937   1.00 90.61  ? 8   DC  A C6    1 
ATOM   165 P  P     . DC  A 1 9  ? 16.916  9.178   1.083   1.00 102.12 ? 9   DC  A P     1 
ATOM   166 O  OP1   . DC  A 1 9  ? 18.374  9.421   1.141   1.00 102.38 ? 9   DC  A OP1   1 
ATOM   167 O  OP2   . DC  A 1 9  ? 15.967  10.325  0.963   1.00 97.82  ? 9   DC  A OP2   1 
ATOM   168 O  "O5'" . DC  A 1 9  ? 16.719  8.103   -0.075  1.00 85.06  ? 9   DC  A "O5'" 1 
ATOM   169 C  "C5'" . DC  A 1 9  ? 17.527  6.975   -0.088  1.00 78.10  ? 9   DC  A "C5'" 1 
ATOM   170 C  "C4'" . DC  A 1 9  ? 17.094  6.046   -1.185  1.00 82.59  ? 9   DC  A "C4'" 1 
ATOM   171 O  "O4'" . DC  A 1 9  ? 15.684  5.755   -1.039  1.00 78.24  ? 9   DC  A "O4'" 1 
ATOM   172 C  "C3'" . DC  A 1 9  ? 17.253  6.610   -2.591  1.00 86.39  ? 9   DC  A "C3'" 1 
ATOM   173 O  "O3'" . DC  A 1 9  ? 17.948  5.705   -3.366  1.00 85.87  ? 9   DC  A "O3'" 1 
ATOM   174 C  "C2'" . DC  A 1 9  ? 15.811  6.758   -3.090  1.00 90.02  ? 9   DC  A "C2'" 1 
ATOM   175 C  "C1'" . DC  A 1 9  ? 15.127  5.656   -2.313  1.00 83.82  ? 9   DC  A "C1'" 1 
ATOM   176 N  N1    . DC  A 1 9  ? 13.648  5.817   -2.202  1.00 72.72  ? 9   DC  A N1    1 
ATOM   177 C  C2    . DC  A 1 9  ? 12.802  5.050   -3.008  1.00 74.95  ? 9   DC  A C2    1 
ATOM   178 O  O2    . DC  A 1 9  ? 13.299  4.253   -3.829  1.00 82.15  ? 9   DC  A O2    1 
ATOM   179 N  N3    . DC  A 1 9  ? 11.467  5.207   -2.889  1.00 68.63  ? 9   DC  A N3    1 
ATOM   180 C  C4    . DC  A 1 9  ? 10.985  6.079   -2.010  1.00 75.55  ? 9   DC  A C4    1 
ATOM   181 N  N4    . DC  A 1 9  ? 9.657   6.207   -1.915  1.00 77.08  ? 9   DC  A N4    1 
ATOM   182 C  C5    . DC  A 1 9  ? 11.832  6.854   -1.183  1.00 73.45  ? 9   DC  A C5    1 
ATOM   183 C  C6    . DC  A 1 9  ? 13.144  6.695   -1.320  1.00 73.32  ? 9   DC  A C6    1 
ATOM   184 P  P     . DT  A 1 10 ? 18.426  6.146   -4.827  1.00 96.06  ? 10  DT  A P     1 
ATOM   185 O  OP1   . DT  A 1 10 ? 19.562  5.285   -5.243  1.00 92.96  ? 10  DT  A OP1   1 
ATOM   186 O  OP2   . DT  A 1 10 ? 18.515  7.624   -4.784  1.00 89.51  ? 10  DT  A OP2   1 
ATOM   187 O  "O5'" . DT  A 1 10 ? 17.196  5.748   -5.745  1.00 96.75  ? 10  DT  A "O5'" 1 
ATOM   188 C  "C5'" . DT  A 1 10 ? 16.641  4.461   -5.628  1.00 106.89 ? 10  DT  A "C5'" 1 
ATOM   189 C  "C4'" . DT  A 1 10 ? 16.063  4.042   -6.949  1.00 91.75  ? 10  DT  A "C4'" 1 
ATOM   190 O  "O4'" . DT  A 1 10 ? 14.615  4.058   -6.863  1.00 94.33  ? 10  DT  A "O4'" 1 
ATOM   191 C  "C3'" . DT  A 1 10 ? 16.435  4.969   -8.081  1.00 93.84  ? 10  DT  A "C3'" 1 
ATOM   192 O  "O3'" . DT  A 1 10 ? 16.698  4.228   -9.232  1.00 98.59  ? 10  DT  A "O3'" 1 
ATOM   193 C  "C2'" . DT  A 1 10 ? 15.204  5.868   -8.238  1.00 87.25  ? 10  DT  A "C2'" 1 
ATOM   194 C  "C1'" . DT  A 1 10 ? 14.066  4.971   -7.789  1.00 83.97  ? 10  DT  A "C1'" 1 
ATOM   195 N  N1    . DT  A 1 10 ? 12.962  5.705   -7.089  1.00 78.70  ? 10  DT  A N1    1 
ATOM   196 C  C2    . DT  A 1 10 ? 11.647  5.437   -7.435  1.00 73.65  ? 10  DT  A C2    1 
ATOM   197 O  O2    . DT  A 1 10 ? 11.331  4.636   -8.299  1.00 71.83  ? 10  DT  A O2    1 
ATOM   198 N  N3    . DT  A 1 10 ? 10.716  6.148   -6.730  1.00 66.02  ? 10  DT  A N3    1 
ATOM   199 C  C4    . DT  A 1 10 ? 10.958  7.070   -5.731  1.00 71.05  ? 10  DT  A C4    1 
ATOM   200 O  O4    . DT  A 1 10 ? 10.048  7.654   -5.135  1.00 71.06  ? 10  DT  A O4    1 
ATOM   201 C  C5    . DT  A 1 10 ? 12.359  7.303   -5.426  1.00 66.61  ? 10  DT  A C5    1 
ATOM   202 C  C7    . DT  A 1 10 ? 12.734  8.271   -4.357  1.00 61.09  ? 10  DT  A C7    1 
ATOM   203 C  C6    . DT  A 1 10 ? 13.277  6.611   -6.100  1.00 67.47  ? 10  DT  A C6    1 
ATOM   204 P  P     . DG  A 1 11 ? 17.914  4.647   -10.191 1.00 102.72 ? 11  DG  A P     1 
ATOM   205 O  OP1   . DG  A 1 11 ? 19.194  4.208   -9.589  1.00 103.55 ? 11  DG  A OP1   1 
ATOM   206 O  OP2   . DG  A 1 11 ? 17.733  6.087   -10.507 1.00 100.95 ? 11  DG  A OP2   1 
ATOM   207 O  "O5'" . DG  A 1 11 ? 17.631  3.766   -11.480 1.00 94.96  ? 11  DG  A "O5'" 1 
ATOM   208 C  "C5'" . DG  A 1 11 ? 16.396  3.039   -11.579 1.00 96.24  ? 11  DG  A "C5'" 1 
ATOM   209 C  "C4'" . DG  A 1 11 ? 15.551  3.590   -12.716 1.00 99.25  ? 11  DG  A "C4'" 1 
ATOM   210 O  "O4'" . DG  A 1 11 ? 14.304  4.089   -12.194 1.00 99.98  ? 11  DG  A "O4'" 1 
ATOM   211 C  "C3'" . DG  A 1 11 ? 16.204  4.745   -13.451 1.00 113.28 ? 11  DG  A "C3'" 1 
ATOM   212 O  "O3'" . DG  A 1 11 ? 16.642  4.311   -14.737 1.00 115.34 ? 11  DG  A "O3'" 1 
ATOM   213 C  "C2'" . DG  A 1 11 ? 15.129  5.844   -13.539 1.00 103.02 ? 11  DG  A "C2'" 1 
ATOM   214 C  "C1'" . DG  A 1 11 ? 13.900  5.247   -12.874 1.00 89.52  ? 11  DG  A "C1'" 1 
ATOM   215 N  N9    . DG  A 1 11 ? 13.305  6.140   -11.889 1.00 83.11  ? 11  DG  A N9    1 
ATOM   216 C  C8    . DG  A 1 11 ? 13.948  7.087   -11.149 1.00 85.13  ? 11  DG  A C8    1 
ATOM   217 N  N7    . DG  A 1 11 ? 13.153  7.740   -10.337 1.00 80.11  ? 11  DG  A N7    1 
ATOM   218 C  C5    . DG  A 1 11 ? 11.920  7.186   -10.553 1.00 67.75  ? 11  DG  A C5    1 
ATOM   219 C  C6    . DG  A 1 11 ? 10.692  7.493   -9.957  1.00 74.38  ? 11  DG  A C6    1 
ATOM   220 O  O6    . DG  A 1 11 ? 10.461  8.347   -9.089  1.00 66.21  ? 11  DG  A O6    1 
ATOM   221 N  N1    . DG  A 1 11 ? 9.659   6.691   -10.455 1.00 76.89  ? 11  DG  A N1    1 
ATOM   222 C  C2    . DG  A 1 11 ? 9.824   5.709   -11.406 1.00 78.74  ? 11  DG  A C2    1 
ATOM   223 N  N2    . DG  A 1 11 ? 8.726   5.038   -11.765 1.00 87.29  ? 11  DG  A N2    1 
ATOM   224 N  N3    . DG  A 1 11 ? 10.984  5.419   -11.980 1.00 83.11  ? 11  DG  A N3    1 
ATOM   225 C  C4    . DG  A 1 11 ? 11.986  6.198   -11.503 1.00 80.60  ? 11  DG  A C4    1 
ATOM   226 P  P     . DA  B 2 1  ? -8.896  6.559   -22.920 1.00 127.29 ? 12  DA  B P     1 
ATOM   227 O  OP1   . DA  B 2 1  ? -8.637  7.875   -22.297 1.00 146.88 ? 12  DA  B OP1   1 
ATOM   228 O  OP2   . DA  B 2 1  ? -8.405  6.261   -24.278 1.00 115.96 ? 12  DA  B OP2   1 
ATOM   229 O  "O5'" . DA  B 2 1  ? -10.439 6.285   -23.089 1.00 117.13 ? 12  DA  B "O5'" 1 
ATOM   230 C  "C5'" . DA  B 2 1  ? -10.832 5.199   -23.857 1.00 110.19 ? 12  DA  B "C5'" 1 
ATOM   231 C  "C4'" . DA  B 2 1  ? -11.008 4.011   -22.965 1.00 102.27 ? 12  DA  B "C4'" 1 
ATOM   232 O  "O4'" . DA  B 2 1  ? -9.732  3.501   -22.570 1.00 104.96 ? 12  DA  B "O4'" 1 
ATOM   233 C  "C3'" . DA  B 2 1  ? -11.715 4.320   -21.649 1.00 107.64 ? 12  DA  B "C3'" 1 
ATOM   234 O  "O3'" . DA  B 2 1  ? -13.087 3.957   -21.759 1.00 110.72 ? 12  DA  B "O3'" 1 
ATOM   235 C  "C2'" . DA  B 2 1  ? -10.952 3.471   -20.601 1.00 93.07  ? 12  DA  B "C2'" 1 
ATOM   236 C  "C1'" . DA  B 2 1  ? -9.985  2.677   -21.472 1.00 95.80  ? 12  DA  B "C1'" 1 
ATOM   237 N  N9    . DA  B 2 1  ? -8.726  2.304   -20.829 1.00 86.35  ? 12  DA  B N9    1 
ATOM   238 C  C8    . DA  B 2 1  ? -7.678  3.115   -20.511 1.00 85.48  ? 12  DA  B C8    1 
ATOM   239 N  N7    . DA  B 2 1  ? -6.670  2.469   -19.939 1.00 82.90  ? 12  DA  B N7    1 
ATOM   240 C  C5    . DA  B 2 1  ? -7.099  1.150   -19.899 1.00 75.29  ? 12  DA  B C5    1 
ATOM   241 C  C6    . DA  B 2 1  ? -6.506  -0.037  -19.412 1.00 78.14  ? 12  DA  B C6    1 
ATOM   242 N  N6    . DA  B 2 1  ? -5.289  -0.093  -18.860 1.00 70.45  ? 12  DA  B N6    1 
ATOM   243 N  N1    . DA  B 2 1  ? -7.222  -1.181  -19.518 1.00 78.64  ? 12  DA  B N1    1 
ATOM   244 C  C2    . DA  B 2 1  ? -8.431  -1.130  -20.072 1.00 71.83  ? 12  DA  B C2    1 
ATOM   245 N  N3    . DA  B 2 1  ? -9.079  -0.079  -20.550 1.00 75.28  ? 12  DA  B N3    1 
ATOM   246 C  C4    . DA  B 2 1  ? -8.355  1.033   -20.444 1.00 73.29  ? 12  DA  B C4    1 
ATOM   247 P  P     . DC  B 2 2  ? -14.095 4.167   -20.532 1.00 117.79 ? 13  DC  B P     1 
ATOM   248 O  OP1   . DC  B 2 2  ? -15.462 3.993   -21.084 1.00 113.01 ? 13  DC  B OP1   1 
ATOM   249 O  OP2   . DC  B 2 2  ? -13.717 5.411   -19.819 1.00 116.74 ? 13  DC  B OP2   1 
ATOM   250 O  "O5'" . DC  B 2 2  ? -13.789 2.903   -19.595 1.00 106.04 ? 13  DC  B "O5'" 1 
ATOM   251 C  "C5'" . DC  B 2 2  ? -14.074 1.626   -20.089 1.00 93.45  ? 13  DC  B "C5'" 1 
ATOM   252 C  "C4'" . DC  B 2 2  ? -13.344 0.543   -19.323 1.00 93.24  ? 13  DC  B "C4'" 1 
ATOM   253 O  "O4'" . DC  B 2 2  ? -11.952 0.833   -19.195 1.00 89.37  ? 13  DC  B "O4'" 1 
ATOM   254 C  "C3'" . DC  B 2 2  ? -13.777 0.316   -17.888 1.00 89.02  ? 13  DC  B "C3'" 1 
ATOM   255 O  "O3'" . DC  B 2 2  ? -14.933 -0.477  -17.869 1.00 100.12 ? 13  DC  B "O3'" 1 
ATOM   256 C  "C2'" . DC  B 2 2  ? -12.576 -0.455  -17.310 1.00 76.43  ? 13  DC  B "C2'" 1 
ATOM   257 C  "C1'" . DC  B 2 2  ? -11.454 -0.145  -18.309 1.00 82.27  ? 13  DC  B "C1'" 1 
ATOM   258 N  N1    . DC  B 2 2  ? -10.162 0.307   -17.681 1.00 76.18  ? 13  DC  B N1    1 
ATOM   259 C  C2    . DC  B 2 2  ? -9.381  -0.639  -17.006 1.00 73.72  ? 13  DC  B C2    1 
ATOM   260 O  O2    . DC  B 2 2  ? -9.776  -1.804  -16.948 1.00 81.60  ? 13  DC  B O2    1 
ATOM   261 N  N3    . DC  B 2 2  ? -8.222  -0.266  -16.450 1.00 66.66  ? 13  DC  B N3    1 
ATOM   262 C  C4    . DC  B 2 2  ? -7.819  0.990   -16.550 1.00 73.30  ? 13  DC  B C4    1 
ATOM   263 N  N4    . DC  B 2 2  ? -6.644  1.305   -15.983 1.00 66.97  ? 13  DC  B N4    1 
ATOM   264 C  C5    . DC  B 2 2  ? -8.603  1.987   -17.232 1.00 72.50  ? 13  DC  B C5    1 
ATOM   265 C  C6    . DC  B 2 2  ? -9.767  1.601   -17.770 1.00 66.68  ? 13  DC  B C6    1 
ATOM   266 P  P     . DT  B 2 3  ? -15.648 -0.881  -16.487 1.00 111.09 ? 14  DT  B P     1 
ATOM   267 O  OP1   . DT  B 2 3  ? -16.892 -1.585  -16.894 1.00 123.04 ? 14  DT  B OP1   1 
ATOM   268 O  OP2   . DT  B 2 3  ? -15.706 0.313   -15.603 1.00 106.90 ? 14  DT  B OP2   1 
ATOM   269 O  "O5'" . DT  B 2 3  ? -14.683 -1.981  -15.830 1.00 89.57  ? 14  DT  B "O5'" 1 
ATOM   270 C  "C5'" . DT  B 2 3  ? -14.591 -3.261  -16.407 1.00 83.23  ? 14  DT  B "C5'" 1 
ATOM   271 C  "C4'" . DT  B 2 3  ? -13.733 -4.159  -15.547 1.00 89.19  ? 14  DT  B "C4'" 1 
ATOM   272 O  "O4'" . DT  B 2 3  ? -12.402 -3.569  -15.378 1.00 92.60  ? 14  DT  B "O4'" 1 
ATOM   273 C  "C3'" . DT  B 2 3  ? -14.272 -4.423  -14.142 1.00 85.02  ? 14  DT  B "C3'" 1 
ATOM   274 O  "O3'" . DT  B 2 3  ? -14.198 -5.827  -13.901 1.00 89.84  ? 14  DT  B "O3'" 1 
ATOM   275 C  "C2'" . DT  B 2 3  ? -13.320 -3.607  -13.237 1.00 87.82  ? 14  DT  B "C2'" 1 
ATOM   276 C  "C1'" . DT  B 2 3  ? -12.009 -3.653  -14.022 1.00 84.51  ? 14  DT  B "C1'" 1 
ATOM   277 N  N1    . DT  B 2 3  ? -11.003 -2.504  -13.724 1.00 73.87  ? 14  DT  B N1    1 
ATOM   278 C  C2    . DT  B 2 3  ? -9.745  -2.796  -13.177 1.00 69.13  ? 14  DT  B C2    1 
ATOM   279 O  O2    . DT  B 2 3  ? -9.371  -3.918  -12.879 1.00 75.04  ? 14  DT  B O2    1 
ATOM   280 N  N3    . DT  B 2 3  ? -8.943  -1.713  -12.976 1.00 66.36  ? 14  DT  B N3    1 
ATOM   281 C  C4    . DT  B 2 3  ? -9.229  -0.385  -13.286 1.00 79.57  ? 14  DT  B C4    1 
ATOM   282 O  O4    . DT  B 2 3  ? -8.419  0.544   -13.087 1.00 71.54  ? 14  DT  B O4    1 
ATOM   283 C  C5    . DT  B 2 3  ? -10.542 -0.157  -13.862 1.00 66.57  ? 14  DT  B C5    1 
ATOM   284 C  C7    . DT  B 2 3  ? -10.960 1.224   -14.223 1.00 65.82  ? 14  DT  B C7    1 
ATOM   285 C  C6    . DT  B 2 3  ? -11.348 -1.207  -14.051 1.00 65.86  ? 14  DT  B C6    1 
ATOM   286 P  P     . DC  B 2 4  ? -14.519 -6.465  -12.461 1.00 99.78  ? 15  DC  B P     1 
ATOM   287 O  OP1   . DC  B 2 4  ? -14.615 -7.938  -12.615 1.00 89.93  ? 15  DC  B OP1   1 
ATOM   288 O  OP2   . DC  B 2 4  ? -15.603 -5.650  -11.872 1.00 102.82 ? 15  DC  B OP2   1 
ATOM   289 O  "O5'" . DC  B 2 4  ? -13.192 -6.227  -11.604 1.00 95.45  ? 15  DC  B "O5'" 1 
ATOM   290 C  "C5'" . DC  B 2 4  ? -11.959 -6.648  -12.117 1.00 92.77  ? 15  DC  B "C5'" 1 
ATOM   291 C  "C4'" . DC  B 2 4  ? -11.059 -7.129  -11.014 1.00 85.87  ? 15  DC  B "C4'" 1 
ATOM   292 O  "O4'" . DC  B 2 4  ? -10.064 -6.115  -10.731 1.00 83.41  ? 15  DC  B "O4'" 1 
ATOM   293 C  "C3'" . DC  B 2 4  ? -11.756 -7.407  -9.710  1.00 95.61  ? 15  DC  B "C3'" 1 
ATOM   294 O  "O3'" . DC  B 2 4  ? -11.102 -8.492  -9.047  1.00 95.03  ? 15  DC  B "O3'" 1 
ATOM   295 C  "C2'" . DC  B 2 4  ? -11.602 -6.069  -8.958  1.00 96.60  ? 15  DC  B "C2'" 1 
ATOM   296 C  "C1'" . DC  B 2 4  ? -10.225 -5.593  -9.438  1.00 84.49  ? 15  DC  B "C1'" 1 
ATOM   297 N  N1    . DC  B 2 4  ? -10.017 -4.067  -9.532  1.00 76.66  ? 15  DC  B N1    1 
ATOM   298 C  C2    . DC  B 2 4  ? -8.769  -3.503  -9.158  1.00 70.36  ? 15  DC  B C2    1 
ATOM   299 O  O2    . DC  B 2 4  ? -7.862  -4.237  -8.716  1.00 67.60  ? 15  DC  B O2    1 
ATOM   300 N  N3    . DC  B 2 4  ? -8.593  -2.166  -9.283  1.00 68.55  ? 15  DC  B N3    1 
ATOM   301 C  C4    . DC  B 2 4  ? -9.570  -1.398  -9.759  1.00 68.97  ? 15  DC  B C4    1 
ATOM   302 N  N4    . DC  B 2 4  ? -9.333  -0.079  -9.857  1.00 67.64  ? 15  DC  B N4    1 
ATOM   303 C  C5    . DC  B 2 4  ? -10.833 -1.942  -10.148 1.00 67.64  ? 15  DC  B C5    1 
ATOM   304 C  C6    . DC  B 2 4  ? -11.007 -3.269  -10.028 1.00 70.81  ? 15  DC  B C6    1 
ATOM   305 P  P     . DC  B 2 5  ? -11.719 -9.069  -7.684  1.00 97.82  ? 16  DC  B P     1 
ATOM   306 O  OP1   . DC  B 2 5  ? -11.417 -10.510 -7.516  1.00 89.11  ? 16  DC  B OP1   1 
ATOM   307 O  OP2   . DC  B 2 5  ? -13.078 -8.470  -7.620  1.00 102.37 ? 16  DC  B OP2   1 
ATOM   308 O  "O5'" . DC  B 2 5  ? -10.851 -8.396  -6.546  1.00 88.37  ? 16  DC  B "O5'" 1 
ATOM   309 C  "C5'" . DC  B 2 5  ? -9.764  -9.097  -6.002  1.00 86.85  ? 16  DC  B "C5'" 1 
ATOM   310 C  "C4'" . DC  B 2 5  ? -9.143  -8.261  -4.924  1.00 83.26  ? 16  DC  B "C4'" 1 
ATOM   311 O  "O4'" . DC  B 2 5  ? -8.956  -6.909  -5.434  1.00 91.84  ? 16  DC  B "O4'" 1 
ATOM   312 C  "C3'" . DC  B 2 5  ? -10.036 -8.099  -3.694  1.00 93.04  ? 16  DC  B "C3'" 1 
ATOM   313 O  "O3'" . DC  B 2 5  ? -9.246  -8.078  -2.556  1.00 92.71  ? 16  DC  B "O3'" 1 
ATOM   314 C  "C2'" . DC  B 2 5  ? -10.672 -6.736  -3.927  1.00 92.25  ? 16  DC  B "C2'" 1 
ATOM   315 C  "C1'" . DC  B 2 5  ? -9.468  -6.020  -4.479  1.00 86.20  ? 16  DC  B "C1'" 1 
ATOM   316 N  N1    . DC  B 2 5  ? -9.764  -4.702  -5.080  1.00 77.18  ? 16  DC  B N1    1 
ATOM   317 C  C2    . DC  B 2 5  ? -8.790  -3.696  -5.019  1.00 77.47  ? 16  DC  B C2    1 
ATOM   318 O  O2    . DC  B 2 5  ? -7.669  -3.969  -4.502  1.00 70.05  ? 16  DC  B O2    1 
ATOM   319 N  N3    . DC  B 2 5  ? -9.094  -2.463  -5.530  1.00 66.08  ? 16  DC  B N3    1 
ATOM   320 C  C4    . DC  B 2 5  ? -10.310 -2.248  -6.074  1.00 73.91  ? 16  DC  B C4    1 
ATOM   321 N  N4    . DC  B 2 5  ? -10.578 -1.035  -6.583  1.00 73.05  ? 16  DC  B N4    1 
ATOM   322 C  C5    . DC  B 2 5  ? -11.310 -3.263  -6.115  1.00 68.84  ? 16  DC  B C5    1 
ATOM   323 C  C6    . DC  B 2 5  ? -10.997 -4.457  -5.604  1.00 74.03  ? 16  DC  B C6    1 
ATOM   324 P  P     . DA  B 2 6  ? -8.832  -9.460  -1.876  1.00 109.92 ? 17  DA  B P     1 
ATOM   325 O  OP1   . DA  B 2 6  ? -8.063  -10.284 -2.838  1.00 109.99 ? 17  DA  B OP1   1 
ATOM   326 O  OP2   . DA  B 2 6  ? -10.110 -9.987  -1.347  1.00 105.04 ? 17  DA  B OP2   1 
ATOM   327 O  "O5'" . DA  B 2 6  ? -7.846  -9.012  -0.677  1.00 108.98 ? 17  DA  B "O5'" 1 
ATOM   328 C  "C5'" . DA  B 2 6  ? -6.474  -8.664  -0.938  1.00 93.36  ? 17  DA  B "C5'" 1 
ATOM   329 C  "C4'" . DA  B 2 6  ? -6.130  -7.347  -0.275  1.00 94.18  ? 17  DA  B "C4'" 1 
ATOM   330 O  "O4'" . DA  B 2 6  ? -6.707  -6.281  -1.043  1.00 93.92  ? 17  DA  B "O4'" 1 
ATOM   331 C  "C3'" . DA  B 2 6  ? -6.692  -7.195  1.128   1.00 106.84 ? 17  DA  B "C3'" 1 
ATOM   332 O  "O3'" . DA  B 2 6  ? -5.685  -7.510  2.145   1.00 103.57 ? 17  DA  B "O3'" 1 
ATOM   333 C  "C2'" . DA  B 2 6  ? -7.213  -5.742  1.208   1.00 96.52  ? 17  DA  B "C2'" 1 
ATOM   334 C  "C1'" . DA  B 2 6  ? -7.108  -5.215  -0.215  1.00 84.35  ? 17  DA  B "C1'" 1 
ATOM   335 N  N9    . DA  B 2 6  ? -8.371  -4.748  -0.744  1.00 82.99  ? 17  DA  B N9    1 
ATOM   336 C  C8    . DA  B 2 6  ? -9.499  -5.501  -0.946  1.00 82.06  ? 17  DA  B C8    1 
ATOM   337 N  N7    . DA  B 2 6  ? -10.502 -4.817  -1.469  1.00 86.49  ? 17  DA  B N7    1 
ATOM   338 C  C5    . DA  B 2 6  ? -9.980  -3.528  -1.635  1.00 80.51  ? 17  DA  B C5    1 
ATOM   339 C  C6    . DA  B 2 6  ? -10.530 -2.331  -2.153  1.00 76.61  ? 17  DA  B C6    1 
ATOM   340 N  N6    . DA  B 2 6  ? -11.786 -2.231  -2.607  1.00 75.79  ? 17  DA  B N6    1 
ATOM   341 N  N1    . DA  B 2 6  ? -9.737  -1.237  -2.187  1.00 73.66  ? 17  DA  B N1    1 
ATOM   342 C  C2    . DA  B 2 6  ? -8.488  -1.339  -1.731  1.00 74.39  ? 17  DA  B C2    1 
ATOM   343 N  N3    . DA  B 2 6  ? -7.867  -2.403  -1.225  1.00 74.45  ? 17  DA  B N3    1 
ATOM   344 C  C4    . DA  B 2 6  ? -8.670  -3.473  -1.205  1.00 77.08  ? 17  DA  B C4    1 
ATOM   345 P  P     . DC  B 2 7  ? -4.271  -6.745  2.214   1.00 116.41 ? 18  DC  B P     1 
ATOM   346 O  OP1   . DC  B 2 7  ? -3.455  -7.061  1.016   1.00 114.25 ? 18  DC  B OP1   1 
ATOM   347 O  OP2   . DC  B 2 7  ? -3.678  -7.029  3.541   1.00 106.76 ? 18  DC  B OP2   1 
ATOM   348 O  "O5'" . DC  B 2 7  ? -4.668  -5.205  2.193   1.00 96.10  ? 18  DC  B "O5'" 1 
ATOM   349 C  "C5'" . DC  B 2 7  ? -4.181  -4.364  3.180   1.00 101.27 ? 18  DC  B "C5'" 1 
ATOM   350 C  "C4'" . DC  B 2 7  ? -4.803  -3.004  3.042   1.00 91.91  ? 18  DC  B "C4'" 1 
ATOM   351 O  "O4'" . DC  B 2 7  ? -6.056  -3.102  2.330   1.00 81.24  ? 18  DC  B "O4'" 1 
ATOM   352 C  "C3'" . DC  B 2 7  ? -5.150  -2.327  4.370   1.00 94.30  ? 18  DC  B "C3'" 1 
ATOM   353 O  "O3'" . DC  B 2 7  ? -4.269  -1.234  4.593   1.00 97.83  ? 18  DC  B "O3'" 1 
ATOM   354 C  "C2'" . DC  B 2 7  ? -6.613  -1.866  4.185   1.00 92.40  ? 18  DC  B "C2'" 1 
ATOM   355 C  "C1'" . DC  B 2 7  ? -6.760  -1.941  2.678   1.00 86.55  ? 18  DC  B "C1'" 1 
ATOM   356 N  N1    . DC  B 2 7  ? -8.185  -1.974  2.166   1.00 81.03  ? 18  DC  B N1    1 
ATOM   357 C  C2    . DC  B 2 7  ? -8.708  -0.835  1.547   1.00 80.81  ? 18  DC  B C2    1 
ATOM   358 O  O2    . DC  B 2 7  ? -7.982  0.159   1.427   1.00 86.00  ? 18  DC  B O2    1 
ATOM   359 N  N3    . DC  B 2 7  ? -9.990  -0.854  1.089   1.00 77.75  ? 18  DC  B N3    1 
ATOM   360 C  C4    . DC  B 2 7  ? -10.723 -1.951  1.230   1.00 75.50  ? 18  DC  B C4    1 
ATOM   361 N  N4    . DC  B 2 7  ? -11.970 -1.930  0.766   1.00 75.81  ? 18  DC  B N4    1 
ATOM   362 C  C5    . DC  B 2 7  ? -10.212 -3.118  1.863   1.00 79.07  ? 18  DC  B C5    1 
ATOM   363 C  C6    . DC  B 2 7  ? -8.954  -3.086  2.317   1.00 83.58  ? 18  DC  B C6    1 
ATOM   364 P  P     . DT  B 2 8  ? -4.442  -0.295  5.895   1.00 113.23 ? 19  DT  B P     1 
ATOM   365 O  OP1   . DT  B 2 8  ? -3.141  0.360   6.134   1.00 118.23 ? 19  DT  B OP1   1 
ATOM   366 O  OP2   . DT  B 2 8  ? -5.120  -1.063  6.968   1.00 111.40 ? 19  DT  B OP2   1 
ATOM   367 O  "O5'" . DT  B 2 8  ? -5.412  0.875   5.415   1.00 101.19 ? 19  DT  B "O5'" 1 
ATOM   368 C  "C5'" . DT  B 2 8  ? -4.959  1.760   4.435   1.00 98.21  ? 19  DT  B "C5'" 1 
ATOM   369 C  "C4'" . DT  B 2 8  ? -5.925  2.900   4.268   1.00 96.40  ? 19  DT  B "C4'" 1 
ATOM   370 O  "O4'" . DT  B 2 8  ? -7.189  2.407   3.752   1.00 106.05 ? 19  DT  B "O4'" 1 
ATOM   371 C  "C3'" . DT  B 2 8  ? -6.252  3.642   5.547   1.00 107.35 ? 19  DT  B "C3'" 1 
ATOM   372 O  "O3'" . DT  B 2 8  ? -6.228  5.018   5.260   1.00 118.03 ? 19  DT  B "O3'" 1 
ATOM   373 C  "C2'" . DT  B 2 8  ? -7.671  3.142   5.904   1.00 104.34 ? 19  DT  B "C2'" 1 
ATOM   374 C  "C1'" . DT  B 2 8  ? -8.258  2.931   4.518   1.00 101.63 ? 19  DT  B "C1'" 1 
ATOM   375 N  N1    . DT  B 2 8  ? -9.468  1.957   4.410   1.00 87.02  ? 19  DT  B N1    1 
ATOM   376 C  C2    . DT  B 2 8  ? -10.596 2.369   3.714   1.00 91.92  ? 19  DT  B C2    1 
ATOM   377 O  O2    . DT  B 2 8  ? -10.706 3.476   3.212   1.00 99.22  ? 19  DT  B O2    1 
ATOM   378 N  N3    . DT  B 2 8  ? -11.603 1.439   3.635   1.00 86.29  ? 19  DT  B N3    1 
ATOM   379 C  C4    . DT  B 2 8  ? -11.598 0.158   4.164   1.00 91.38  ? 19  DT  B C4    1 
ATOM   380 O  O4    . DT  B 2 8  ? -12.552 -0.608  4.039   1.00 96.58  ? 19  DT  B O4    1 
ATOM   381 C  C5    . DT  B 2 8  ? -10.393 -0.223  4.866   1.00 81.73  ? 19  DT  B C5    1 
ATOM   382 C  C7    . DT  B 2 8  ? -10.285 -1.590  5.467   1.00 76.70  ? 19  DT  B C7    1 
ATOM   383 C  C6    . DT  B 2 8  ? -9.388  0.678   4.945   1.00 84.26  ? 19  DT  B C6    1 
ATOM   384 P  P     . DC  B 2 9  ? -5.986  6.086   6.427   1.00 123.53 ? 20  DC  B P     1 
ATOM   385 O  OP1   . DC  B 2 9  ? -5.175  7.199   5.872   1.00 120.97 ? 20  DC  B OP1   1 
ATOM   386 O  OP2   . DC  B 2 9  ? -5.518  5.332   7.622   1.00 116.15 ? 20  DC  B OP2   1 
ATOM   387 O  "O5'" . DC  B 2 9  ? -7.453  6.650   6.675   1.00 116.88 ? 20  DC  B "O5'" 1 
ATOM   388 C  "C5'" . DC  B 2 9  ? -8.230  7.081   5.564   1.00 121.14 ? 20  DC  B "C5'" 1 
ATOM   389 C  "C4'" . DC  B 2 9  ? -9.598  7.527   6.019   1.00 123.36 ? 20  DC  B "C4'" 1 
ATOM   390 O  "O4'" . DC  B 2 9  ? -10.515 6.398   5.979   1.00 115.59 ? 20  DC  B "O4'" 1 
ATOM   391 C  "C3'" . DC  B 2 9  ? -9.640  8.045   7.455   1.00 123.44 ? 20  DC  B "C3'" 1 
ATOM   392 O  "O3'" . DC  B 2 9  ? -10.649 9.010   7.575   1.00 137.83 ? 20  DC  B "O3'" 1 
ATOM   393 C  "C2'" . DC  B 2 9  ? -9.991  6.792   8.241   1.00 117.64 ? 20  DC  B "C2'" 1 
ATOM   394 C  "C1'" . DC  B 2 9  ? -10.997 6.150   7.290   1.00 112.65 ? 20  DC  B "C1'" 1 
ATOM   395 N  N1    . DC  B 2 9  ? -11.154 4.694   7.488   1.00 95.34  ? 20  DC  B N1    1 
ATOM   396 C  C2    . DC  B 2 9  ? -12.231 4.042   6.895   1.00 95.14  ? 20  DC  B C2    1 
ATOM   397 O  O2    . DC  B 2 9  ? -13.022 4.706   6.199   1.00 96.08  ? 20  DC  B O2    1 
ATOM   398 N  N3    . DC  B 2 9  ? -12.378 2.697   7.095   1.00 95.38  ? 20  DC  B N3    1 
ATOM   399 C  C4    . DC  B 2 9  ? -11.491 2.029   7.860   1.00 95.84  ? 20  DC  B C4    1 
ATOM   400 N  N4    . DC  B 2 9  ? -11.666 0.707   8.024   1.00 95.73  ? 20  DC  B N4    1 
ATOM   401 C  C5    . DC  B 2 9  ? -10.386 2.690   8.482   1.00 88.13  ? 20  DC  B C5    1 
ATOM   402 C  C6    . DC  B 2 9  ? -10.263 4.012   8.275   1.00 97.87  ? 20  DC  B C6    1 
ATOM   403 P  P     . DA  B 2 10 ? -10.262 10.537  7.869   1.00 158.95 ? 21  DA  B P     1 
ATOM   404 O  OP1   . DA  B 2 10 ? -9.339  10.982  6.791   1.00 164.00 ? 21  DA  B OP1   1 
ATOM   405 O  OP2   . DA  B 2 10 ? -9.852  10.589  9.293   1.00 153.04 ? 21  DA  B OP2   1 
ATOM   406 O  "O5'" . DA  B 2 10 ? -11.653 11.317  7.726   1.00 138.40 ? 21  DA  B "O5'" 1 
ATOM   407 C  "C5'" . DA  B 2 10 ? -12.402 11.225  6.512   1.00 140.50 ? 21  DA  B "C5'" 1 
ATOM   408 C  "C4'" . DA  B 2 10 ? -13.887 11.027  6.797   1.00 129.03 ? 21  DA  B "C4'" 1 
ATOM   409 O  "O4'" . DA  B 2 10 ? -14.173 9.616   7.011   1.00 124.75 ? 21  DA  B "O4'" 1 
ATOM   410 C  "C3'" . DA  B 2 10 ? -14.405 11.759  8.023   1.00 124.44 ? 21  DA  B "C3'" 1 
ATOM   411 O  "O3'" . DA  B 2 10 ? -15.639 12.402  7.714   1.00 122.33 ? 21  DA  B "O3'" 1 
ATOM   412 C  "C2'" . DA  B 2 10 ? -14.563 10.646  9.074   1.00 115.89 ? 21  DA  B "C2'" 1 
ATOM   413 C  "C1'" . DA  B 2 10 ? -14.866 9.427   8.223   1.00 104.54 ? 21  DA  B "C1'" 1 
ATOM   414 N  N9    . DA  B 2 10 ? -14.405 8.165   8.804   1.00 100.38 ? 21  DA  B N9    1 
ATOM   415 C  C8    . DA  B 2 10 ? -13.306 7.969   9.598   1.00 98.80  ? 21  DA  B C8    1 
ATOM   416 N  N7    . DA  B 2 10 ? -13.126 6.714   9.954   1.00 92.44  ? 21  DA  B N7    1 
ATOM   417 C  C5    . DA  B 2 10 ? -14.173 6.036   9.341   1.00 88.61  ? 21  DA  B C5    1 
ATOM   418 C  C6    . DA  B 2 10 ? -14.551 4.662   9.321   1.00 93.20  ? 21  DA  B C6    1 
ATOM   419 N  N6    . DA  B 2 10 ? -13.878 3.694   9.974   1.00 86.37  ? 21  DA  B N6    1 
ATOM   420 N  N1    . DA  B 2 10 ? -15.655 4.327   8.603   1.00 91.28  ? 21  DA  B N1    1 
ATOM   421 C  C2    . DA  B 2 10 ? -16.328 5.302   7.950   1.00 100.43 ? 21  DA  B C2    1 
ATOM   422 N  N3    . DA  B 2 10 ? -16.071 6.619   7.898   1.00 99.82  ? 21  DA  B N3    1 
ATOM   423 C  C4    . DA  B 2 10 ? -14.969 6.920   8.622   1.00 97.89  ? 21  DA  B C4    1 
ATOM   424 P  P     . DC  C 3 1  ? -0.099  10.926  -8.653  1.00 90.32  ? 1   DC  C P     1 
ATOM   425 O  OP1   . DC  C 3 1  ? -1.181  11.136  -9.645  1.00 96.87  ? 1   DC  C OP1   1 
ATOM   426 O  OP2   . DC  C 3 1  ? -0.323  10.757  -7.192  1.00 108.73 ? 1   DC  C OP2   1 
ATOM   427 O  "O5'" . DC  C 3 1  ? 0.777   9.724   -9.228  1.00 79.63  ? 1   DC  C "O5'" 1 
ATOM   428 C  "C5'" . DC  C 3 1  ? 0.758   9.480   -10.599 1.00 65.84  ? 1   DC  C "C5'" 1 
ATOM   429 C  "C4'" . DC  C 3 1  ? 1.572   8.251   -10.949 1.00 79.98  ? 1   DC  C "C4'" 1 
ATOM   430 O  "O4'" . DC  C 3 1  ? 2.984   8.506   -10.724 1.00 81.88  ? 1   DC  C "O4'" 1 
ATOM   431 C  "C3'" . DC  C 3 1  ? 1.247   6.976   -10.152 1.00 79.08  ? 1   DC  C "C3'" 1 
ATOM   432 O  "O3'" . DC  C 3 1  ? 1.119   5.889   -11.042 1.00 78.94  ? 1   DC  C "O3'" 1 
ATOM   433 C  "C2'" . DC  C 3 1  ? 2.470   6.793   -9.257  1.00 71.46  ? 1   DC  C "C2'" 1 
ATOM   434 C  "C1'" . DC  C 3 1  ? 3.555   7.342   -10.160 1.00 72.34  ? 1   DC  C "C1'" 1 
ATOM   435 N  N1    . DC  C 3 1  ? 4.817   7.733   -9.479  1.00 65.00  ? 1   DC  C N1    1 
ATOM   436 C  C2    . DC  C 3 1  ? 6.008   7.210   -9.943  1.00 65.96  ? 1   DC  C C2    1 
ATOM   437 O  O2    . DC  C 3 1  ? 5.975   6.413   -10.893 1.00 77.48  ? 1   DC  C O2    1 
ATOM   438 N  N3    . DC  C 3 1  ? 7.160   7.585   -9.362  1.00 65.09  ? 1   DC  C N3    1 
ATOM   439 C  C4    . DC  C 3 1  ? 7.139   8.461   -8.355  1.00 72.02  ? 1   DC  C C4    1 
ATOM   440 N  N4    . DC  C 3 1  ? 8.306   8.797   -7.804  1.00 78.79  ? 1   DC  C N4    1 
ATOM   441 C  C5    . DC  C 3 1  ? 5.929   9.030   -7.868  1.00 63.35  ? 1   DC  C C5    1 
ATOM   442 C  C6    . DC  C 3 1  ? 4.798   8.637   -8.456  1.00 67.07  ? 1   DC  C C6    1 
ATOM   443 P  P     . DA  C 3 2  ? -0.064  4.827   -10.843 1.00 74.86  ? 2   DA  C P     1 
ATOM   444 O  OP1   . DA  C 3 2  ? -0.952  4.882   -12.021 1.00 86.52  ? 2   DA  C OP1   1 
ATOM   445 O  OP2   . DA  C 3 2  ? -0.648  5.034   -9.482  1.00 66.46  ? 2   DA  C OP2   1 
ATOM   446 O  "O5'" . DA  C 3 2  ? 0.716   3.441   -10.929 1.00 73.31  ? 2   DA  C "O5'" 1 
ATOM   447 C  "C5'" . DA  C 3 2  ? 1.837   3.308   -11.775 1.00 67.87  ? 2   DA  C "C5'" 1 
ATOM   448 C  "C4'" . DA  C 3 2  ? 2.864   2.410   -11.095 1.00 72.95  ? 2   DA  C "C4'" 1 
ATOM   449 O  "O4'" . DA  C 3 2  ? 3.788   3.238   -10.375 1.00 78.91  ? 2   DA  C "O4'" 1 
ATOM   450 C  "C3'" . DA  C 3 2  ? 2.268   1.545   -10.027 1.00 70.20  ? 2   DA  C "C3'" 1 
ATOM   451 O  "O3'" . DA  C 3 2  ? 1.801   0.247   -10.552 1.00 85.86  ? 2   DA  C "O3'" 1 
ATOM   452 C  "C2'" . DA  C 3 2  ? 3.336   1.454   -8.928  1.00 72.09  ? 2   DA  C "C2'" 1 
ATOM   453 C  "C1'" . DA  C 3 2  ? 4.373   2.497   -9.347  1.00 72.59  ? 2   DA  C "C1'" 1 
ATOM   454 N  N9    . DA  C 3 2  ? 4.781   3.444   -8.315  1.00 58.27  ? 2   DA  C N9    1 
ATOM   455 C  C8    . DA  C 3 2  ? 3.980   4.135   -7.469  1.00 69.01  ? 2   DA  C C8    1 
ATOM   456 N  N7    . DA  C 3 2  ? 4.618   4.979   -6.682  1.00 58.84  ? 2   DA  C N7    1 
ATOM   457 C  C5    . DA  C 3 2  ? 5.933   4.847   -7.070  1.00 68.89  ? 2   DA  C C5    1 
ATOM   458 C  C6    . DA  C 3 2  ? 7.129   5.474   -6.631  1.00 69.36  ? 2   DA  C C6    1 
ATOM   459 N  N6    . DA  C 3 2  ? 7.168   6.394   -5.653  1.00 52.88  ? 2   DA  C N6    1 
ATOM   460 N  N1    . DA  C 3 2  ? 8.278   5.107   -7.238  1.00 65.31  ? 2   DA  C N1    1 
ATOM   461 C  C2    . DA  C 3 2  ? 8.228   4.185   -8.205  1.00 67.10  ? 2   DA  C C2    1 
ATOM   462 N  N3    . DA  C 3 2  ? 7.166   3.534   -8.701  1.00 70.18  ? 2   DA  C N3    1 
ATOM   463 C  C4    . DA  C 3 2  ? 6.046   3.913   -8.088  1.00 66.14  ? 2   DA  C C4    1 
ATOM   464 P  P     . DA  C 3 3  ? 2.696   -0.799  -11.386 1.00 72.13  ? 3   DA  C P     1 
ATOM   465 O  OP1   . DA  C 3 3  ? 4.009   -0.926  -10.719 1.00 71.08  ? 3   DA  C OP1   1 
ATOM   466 O  OP2   . DA  C 3 3  ? 2.518   -0.451  -12.806 1.00 75.48  ? 3   DA  C OP2   1 
ATOM   467 O  "O5'" . DA  C 3 3  ? 1.908   -2.210  -11.194 1.00 76.86  ? 3   DA  C "O5'" 1 
ATOM   468 C  "C5'" . DA  C 3 3  ? 1.761   -2.800  -9.863  1.00 73.16  ? 3   DA  C "C5'" 1 
ATOM   469 C  "C4'" . DA  C 3 3  ? 0.469   -3.605  -9.698  1.00 65.66  ? 3   DA  C "C4'" 1 
ATOM   470 O  "O4'" . DA  C 3 3  ? -0.617  -2.723  -9.363  1.00 71.97  ? 3   DA  C "O4'" 1 
ATOM   471 C  "C3'" . DA  C 3 3  ? -0.003  -4.326  -10.934 1.00 71.97  ? 3   DA  C "C3'" 1 
ATOM   472 O  "O3'" . DA  C 3 3  ? 0.618   -5.551  -11.020 1.00 70.32  ? 3   DA  C "O3'" 1 
ATOM   473 C  "C2'" . DA  C 3 3  ? -1.508  -4.474  -10.707 1.00 62.01  ? 3   DA  C "C2'" 1 
ATOM   474 C  "C1'" . DA  C 3 3  ? -1.842  -3.260  -9.853  1.00 63.20  ? 3   DA  C "C1'" 1 
ATOM   475 N  N9    . DA  C 3 3  ? -2.555  -2.185  -10.522 1.00 55.18  ? 3   DA  C N9    1 
ATOM   476 C  C8    . DA  C 3 3  ? -2.127  -0.909  -10.657 1.00 66.38  ? 3   DA  C C8    1 
ATOM   477 N  N7    . DA  C 3 3  ? -2.991  -0.106  -11.243 1.00 63.93  ? 3   DA  C N7    1 
ATOM   478 C  C5    . DA  C 3 3  ? -4.060  -0.904  -11.485 1.00 57.18  ? 3   DA  C C5    1 
ATOM   479 C  C6    . DA  C 3 3  ? -5.292  -0.638  -12.095 1.00 62.48  ? 3   DA  C C6    1 
ATOM   480 N  N6    . DA  C 3 3  ? -5.632  0.566   -12.580 1.00 57.69  ? 3   DA  C N6    1 
ATOM   481 N  N1    . DA  C 3 3  ? -6.161  -1.657  -12.198 1.00 62.86  ? 3   DA  C N1    1 
ATOM   482 C  C2    . DA  C 3 3  ? -5.792  -2.875  -11.729 1.00 67.09  ? 3   DA  C C2    1 
ATOM   483 N  N3    . DA  C 3 3  ? -4.656  -3.246  -11.136 1.00 64.73  ? 3   DA  C N3    1 
ATOM   484 C  C4    . DA  C 3 3  ? -3.821  -2.199  -11.042 1.00 61.22  ? 3   DA  C C4    1 
ATOM   485 P  P     . DG  C 3 4  ? 0.863   -6.192  -12.465 1.00 87.74  ? 4   DG  C P     1 
ATOM   486 O  OP1   . DG  C 3 4  ? 1.734   -7.381  -12.286 1.00 81.29  ? 4   DG  C OP1   1 
ATOM   487 O  OP2   . DG  C 3 4  ? 1.254   -5.098  -13.385 1.00 75.74  ? 4   DG  C OP2   1 
ATOM   488 O  "O5'" . DG  C 3 4  ? -0.614  -6.612  -12.914 1.00 84.69  ? 4   DG  C "O5'" 1 
ATOM   489 C  "C5'" . DG  C 3 4  ? -1.342  -7.580  -12.177 1.00 73.68  ? 4   DG  C "C5'" 1 
ATOM   490 C  "C4'" . DG  C 3 4  ? -2.751  -7.669  -12.709 1.00 74.33  ? 4   DG  C "C4'" 1 
ATOM   491 O  "O4'" . DG  C 3 4  ? -3.361  -6.359  -12.648 1.00 75.33  ? 4   DG  C "O4'" 1 
ATOM   492 C  "C3'" . DG  C 3 4  ? -2.828  -8.116  -14.159 1.00 80.68  ? 4   DG  C "C3'" 1 
ATOM   493 O  "O3'" . DG  C 3 4  ? -3.529  -9.317  -14.252 1.00 97.62  ? 4   DG  C "O3'" 1 
ATOM   494 C  "C2'" . DG  C 3 4  ? -3.580  -7.002  -14.885 1.00 85.65  ? 4   DG  C "C2'" 1 
ATOM   495 C  "C1'" . DG  C 3 4  ? -4.151  -6.133  -13.788 1.00 70.54  ? 4   DG  C "C1'" 1 
ATOM   496 N  N9    . DG  C 3 4  ? -4.046  -4.734  -14.142 1.00 68.04  ? 4   DG  C N9    1 
ATOM   497 C  C8    . DG  C 3 4  ? -2.929  -3.947  -14.044 1.00 71.63  ? 4   DG  C C8    1 
ATOM   498 N  N7    . DG  C 3 4  ? -3.124  -2.716  -14.468 1.00 70.69  ? 4   DG  C N7    1 
ATOM   499 C  C5    . DG  C 3 4  ? -4.431  -2.718  -14.902 1.00 59.25  ? 4   DG  C C5    1 
ATOM   500 C  C6    . DG  C 3 4  ? -5.184  -1.684  -15.477 1.00 66.88  ? 4   DG  C C6    1 
ATOM   501 O  O6    . DG  C 3 4  ? -4.825  -0.520  -15.713 1.00 70.49  ? 4   DG  C O6    1 
ATOM   502 N  N1    . DG  C 3 4  ? -6.478  -2.102  -15.788 1.00 62.91  ? 4   DG  C N1    1 
ATOM   503 C  C2    . DG  C 3 4  ? -6.955  -3.361  -15.560 1.00 63.73  ? 4   DG  C C2    1 
ATOM   504 N  N2    . DG  C 3 4  ? -8.221  -3.585  -15.906 1.00 67.27  ? 4   DG  C N2    1 
ATOM   505 N  N3    . DG  C 3 4  ? -6.242  -4.342  -15.025 1.00 66.77  ? 4   DG  C N3    1 
ATOM   506 C  C4    . DG  C 3 4  ? -5.003  -3.954  -14.726 1.00 62.31  ? 4   DG  C C4    1 
ATOM   507 P  P     . DT  C 3 5  ? -3.663  -10.063 -15.671 1.00 115.50 ? 5   DT  C P     1 
ATOM   508 O  OP1   . DT  C 3 5  ? -4.050  -11.455 -15.324 1.00 123.37 ? 5   DT  C OP1   1 
ATOM   509 O  OP2   . DT  C 3 5  ? -2.424  -9.755  -16.458 1.00 93.98  ? 5   DT  C OP2   1 
ATOM   510 O  "O5'" . DT  C 3 5  ? -4.936  -9.386  -16.391 1.00 86.89  ? 5   DT  C "O5'" 1 
ATOM   511 C  "C5'" . DT  C 3 5  ? -6.096  -9.040  -15.644 1.00 78.86  ? 5   DT  C "C5'" 1 
ATOM   512 C  "C4'" . DT  C 3 5  ? -7.201  -8.501  -16.549 1.00 83.38  ? 5   DT  C "C4'" 1 
ATOM   513 O  "O4'" . DT  C 3 5  ? -7.080  -7.060  -16.764 1.00 87.42  ? 5   DT  C "O4'" 1 
ATOM   514 C  "C3'" . DT  C 3 5  ? -7.236  -9.063  -17.945 1.00 84.29  ? 5   DT  C "C3'" 1 
ATOM   515 O  "O3'" . DT  C 3 5  ? -8.530  -8.888  -18.402 1.00 98.17  ? 5   DT  C "O3'" 1 
ATOM   516 C  "C2'" . DT  C 3 5  ? -6.323  -8.110  -18.687 1.00 75.59  ? 5   DT  C "C2'" 1 
ATOM   517 C  "C1'" . DT  C 3 5  ? -6.888  -6.820  -18.151 1.00 71.52  ? 5   DT  C "C1'" 1 
ATOM   518 N  N1    . DT  C 3 5  ? -6.009  -5.664  -18.287 1.00 70.16  ? 5   DT  C N1    1 
ATOM   519 C  C2    . DT  C 3 5  ? -6.525  -4.529  -18.846 1.00 68.83  ? 5   DT  C C2    1 
ATOM   520 O  O2    . DT  C 3 5  ? -7.657  -4.463  -19.254 1.00 71.37  ? 5   DT  C O2    1 
ATOM   521 N  N3    . DT  C 3 5  ? -5.672  -3.469  -18.893 1.00 66.70  ? 5   DT  C N3    1 
ATOM   522 C  C4    . DT  C 3 5  ? -4.363  -3.441  -18.449 1.00 66.86  ? 5   DT  C C4    1 
ATOM   523 O  O4    . DT  C 3 5  ? -3.655  -2.433  -18.539 1.00 69.17  ? 5   DT  C O4    1 
ATOM   524 C  C5    . DT  C 3 5  ? -3.884  -4.669  -17.868 1.00 61.39  ? 5   DT  C C5    1 
ATOM   525 C  C7    . DT  C 3 5  ? -2.479  -4.751  -17.359 1.00 63.68  ? 5   DT  C C7    1 
ATOM   526 C  C6    . DT  C 3 5  ? -4.723  -5.713  -17.807 1.00 63.46  ? 5   DT  C C6    1 
ATOM   527 O  "O5'" . DT  D 4 1  ? -14.204 -3.717  20.748  1.00 130.51 ? 1   DT  D "O5'" 1 
ATOM   528 C  "C5'" . DT  D 4 1  ? -13.887 -3.508  19.377  1.00 127.21 ? 1   DT  D "C5'" 1 
ATOM   529 C  "C4'" . DT  D 4 1  ? -15.151 -3.491  18.548  1.00 121.88 ? 1   DT  D "C4'" 1 
ATOM   530 O  "O4'" . DT  D 4 1  ? -15.599 -2.133  18.357  1.00 122.53 ? 1   DT  D "O4'" 1 
ATOM   531 C  "C3'" . DT  D 4 1  ? -15.045 -4.121  17.162  1.00 122.95 ? 1   DT  D "C3'" 1 
ATOM   532 O  "O3'" . DT  D 4 1  ? -16.052 -5.116  17.063  1.00 131.35 ? 1   DT  D "O3'" 1 
ATOM   533 C  "C2'" . DT  D 4 1  ? -15.286 -2.948  16.191  1.00 114.41 ? 1   DT  D "C2'" 1 
ATOM   534 C  "C1'" . DT  D 4 1  ? -16.073 -1.962  17.044  1.00 109.10 ? 1   DT  D "C1'" 1 
ATOM   535 N  N1    . DT  D 4 1  ? -15.843 -0.534  16.694  1.00 101.22 ? 1   DT  D N1    1 
ATOM   536 C  C2    . DT  D 4 1  ? -16.855 0.208   16.123  1.00 98.76  ? 1   DT  D C2    1 
ATOM   537 O  O2    . DT  D 4 1  ? -17.949 -0.248  15.842  1.00 100.10 ? 1   DT  D O2    1 
ATOM   538 N  N3    . DT  D 4 1  ? -16.536 1.515   15.876  1.00 99.09  ? 1   DT  D N3    1 
ATOM   539 C  C4    . DT  D 4 1  ? -15.334 2.151   16.156  1.00 104.49 ? 1   DT  D C4    1 
ATOM   540 O  O4    . DT  D 4 1  ? -15.135 3.341   15.898  1.00 102.15 ? 1   DT  D O4    1 
ATOM   541 C  C5    . DT  D 4 1  ? -14.327 1.319   16.768  1.00 106.48 ? 1   DT  D C5    1 
ATOM   542 C  C7    . DT  D 4 1  ? -12.985 1.894   17.111  1.00 103.33 ? 1   DT  D C7    1 
ATOM   543 C  C6    . DT  D 4 1  ? -14.627 0.036   17.009  1.00 105.47 ? 1   DT  D C6    1 
ATOM   544 P  P     . DC  D 4 2  ? -16.168 -6.086  15.796  1.00 129.37 ? 2   DC  D P     1 
ATOM   545 O  OP1   . DC  D 4 2  ? -16.478 -7.425  16.358  1.00 127.97 ? 2   DC  D OP1   1 
ATOM   546 O  OP2   . DC  D 4 2  ? -15.012 -5.880  14.886  1.00 133.83 ? 2   DC  D OP2   1 
ATOM   547 O  "O5'" . DC  D 4 2  ? -17.490 -5.569  15.071  1.00 122.06 ? 2   DC  D "O5'" 1 
ATOM   548 C  "C5'" . DC  D 4 2  ? -17.516 -5.390  13.681  1.00 113.59 ? 2   DC  D "C5'" 1 
ATOM   549 C  "C4'" . DC  D 4 2  ? -18.408 -4.229  13.346  1.00 102.88 ? 2   DC  D "C4'" 1 
ATOM   550 O  "O4'" . DC  D 4 2  ? -17.711 -3.014  13.638  1.00 105.89 ? 2   DC  D "O4'" 1 
ATOM   551 C  "C3'" . DC  D 4 2  ? -18.798 -4.128  11.883  1.00 111.58 ? 2   DC  D "C3'" 1 
ATOM   552 O  "O3'" . DC  D 4 2  ? -20.140 -4.520  11.717  1.00 119.48 ? 2   DC  D "O3'" 1 
ATOM   553 C  "C2'" . DC  D 4 2  ? -18.606 -2.644  11.528  1.00 112.68 ? 2   DC  D "C2'" 1 
ATOM   554 C  "C1'" . DC  D 4 2  ? -18.282 -1.997  12.862  1.00 102.76 ? 2   DC  D "C1'" 1 
ATOM   555 N  N1    . DC  D 4 2  ? -17.306 -0.860  12.776  1.00 94.56  ? 2   DC  D N1    1 
ATOM   556 C  C2    . DC  D 4 2  ? -17.712 0.393   12.268  1.00 97.33  ? 2   DC  D C2    1 
ATOM   557 O  O2    . DC  D 4 2  ? -18.874 0.548   11.879  1.00 94.66  ? 2   DC  D O2    1 
ATOM   558 N  N3    . DC  D 4 2  ? -16.811 1.402   12.221  1.00 94.57  ? 2   DC  D N3    1 
ATOM   559 C  C4    . DC  D 4 2  ? -15.562 1.196   12.658  1.00 95.57  ? 2   DC  D C4    1 
ATOM   560 N  N4    . DC  D 4 2  ? -14.699 2.215   12.594  1.00 102.66 ? 2   DC  D N4    1 
ATOM   561 C  C5    . DC  D 4 2  ? -15.139 -0.061  13.180  1.00 93.18  ? 2   DC  D C5    1 
ATOM   562 C  C6    . DC  D 4 2  ? -16.033 -1.047  13.219  1.00 93.94  ? 2   DC  D C6    1 
ATOM   563 P  P     . DT  D 4 3  ? -20.654 -5.002  10.274  1.00 130.64 ? 3   DT  D P     1 
ATOM   564 O  OP1   . DT  D 4 3  ? -22.058 -5.454  10.394  1.00 134.76 ? 3   DT  D OP1   1 
ATOM   565 O  OP2   . DT  D 4 3  ? -19.596 -5.884  9.722   1.00 129.73 ? 3   DT  D OP2   1 
ATOM   566 O  "O5'" . DT  D 4 3  ? -20.732 -3.671  9.417   1.00 109.54 ? 3   DT  D "O5'" 1 
ATOM   567 C  "C5'" . DT  D 4 3  ? -21.780 -2.784  9.619   1.00 110.67 ? 3   DT  D "C5'" 1 
ATOM   568 C  "C4'" . DT  D 4 3  ? -21.624 -1.607  8.694   1.00 120.01 ? 3   DT  D "C4'" 1 
ATOM   569 O  "O4'" . DT  D 4 3  ? -20.469 -0.818  9.089   1.00 113.62 ? 3   DT  D "O4'" 1 
ATOM   570 C  "C3'" . DT  D 4 3  ? -21.381 -1.987  7.241   1.00 129.01 ? 3   DT  D "C3'" 1 
ATOM   571 O  "O3'" . DT  D 4 3  ? -22.196 -1.185  6.423   1.00 137.33 ? 3   DT  D "O3'" 1 
ATOM   572 C  "C2'" . DT  D 4 3  ? -19.888 -1.683  7.035   1.00 125.35 ? 3   DT  D "C2'" 1 
ATOM   573 C  "C1'" . DT  D 4 3  ? -19.731 -0.484  7.943   1.00 114.01 ? 3   DT  D "C1'" 1 
ATOM   574 N  N1    . DT  D 4 3  ? -18.312 -0.143  8.355   1.00 108.92 ? 3   DT  D N1    1 
ATOM   575 C  C2    . DT  D 4 3  ? -17.888 1.166   8.225   1.00 104.80 ? 3   DT  D C2    1 
ATOM   576 O  O2    . DT  D 4 3  ? -18.598 2.059   7.773   1.00 102.65 ? 3   DT  D O2    1 
ATOM   577 N  N3    . DT  D 4 3  ? -16.599 1.397   8.647   1.00 97.85  ? 3   DT  D N3    1 
ATOM   578 C  C4    . DT  D 4 3  ? -15.711 0.472   9.180   1.00 97.85  ? 3   DT  D C4    1 
ATOM   579 O  O4    . DT  D 4 3  ? -14.574 0.782   9.533   1.00 98.53  ? 3   DT  D O4    1 
ATOM   580 C  C5    . DT  D 4 3  ? -16.213 -0.879  9.294   1.00 97.83  ? 3   DT  D C5    1 
ATOM   581 C  C7    . DT  D 4 3  ? -15.333 -1.961  9.859   1.00 83.07  ? 3   DT  D C7    1 
ATOM   582 C  C6    . DT  D 4 3  ? -17.477 -1.123  8.878   1.00 102.12 ? 3   DT  D C6    1 
ATOM   583 P  P     . DG  D 4 4  ? -22.768 -1.780  5.051   1.00 151.11 ? 4   DG  D P     1 
ATOM   584 O  OP1   . DG  D 4 4  ? -24.236 -1.961  5.216   1.00 145.33 ? 4   DG  D OP1   1 
ATOM   585 O  OP2   . DG  D 4 4  ? -21.881 -2.925  4.713   1.00 134.01 ? 4   DG  D OP2   1 
ATOM   586 O  "O5'" . DG  D 4 4  ? -22.527 -0.597  4.003   1.00 139.22 ? 4   DG  D "O5'" 1 
ATOM   587 C  "C5'" . DG  D 4 4  ? -23.237 0.624   4.152   1.00 142.30 ? 4   DG  D "C5'" 1 
ATOM   588 C  "C4'" . DG  D 4 4  ? -22.569 1.740   3.372   1.00 132.67 ? 4   DG  D "C4'" 1 
ATOM   589 O  "O4'" . DG  D 4 4  ? -21.293 2.064   3.981   1.00 128.63 ? 4   DG  D "O4'" 1 
ATOM   590 C  "C3'" . DG  D 4 4  ? -22.294 1.426   1.909   1.00 126.37 ? 4   DG  D "C3'" 1 
ATOM   591 O  "O3'" . DG  D 4 4  ? -22.677 2.550   1.103   1.00 130.24 ? 4   DG  D "O3'" 1 
ATOM   592 C  "C2'" . DG  D 4 4  ? -20.793 1.132   1.870   1.00 122.58 ? 4   DG  D "C2'" 1 
ATOM   593 C  "C1'" . DG  D 4 4  ? -20.243 1.924   3.050   1.00 125.50 ? 4   DG  D "C1'" 1 
ATOM   594 N  N9    . DG  D 4 4  ? -19.139 1.232   3.715   1.00 119.01 ? 4   DG  D N9    1 
ATOM   595 C  C8    . DG  D 4 4  ? -19.077 -0.109  3.994   1.00 114.52 ? 4   DG  D C8    1 
ATOM   596 N  N7    . DG  D 4 4  ? -17.977 -0.472  4.587   1.00 112.67 ? 4   DG  D N7    1 
ATOM   597 C  C5    . DG  D 4 4  ? -17.250 0.700   4.716   1.00 108.46 ? 4   DG  D C5    1 
ATOM   598 C  C6    . DG  D 4 4  ? -15.974 0.912   5.289   1.00 103.62 ? 4   DG  D C6    1 
ATOM   599 O  O6    . DG  D 4 4  ? -15.218 0.073   5.811   1.00 98.05  ? 4   DG  D O6    1 
ATOM   600 N  N1    . DG  D 4 4  ? -15.591 2.255   5.216   1.00 102.84 ? 4   DG  D N1    1 
ATOM   601 C  C2    . DG  D 4 4  ? -16.350 3.270   4.663   1.00 105.31 ? 4   DG  D C2    1 
ATOM   602 N  N2    . DG  D 4 4  ? -15.806 4.508   4.699   1.00 98.66  ? 4   DG  D N2    1 
ATOM   603 N  N3    . DG  D 4 4  ? -17.560 3.083   4.119   1.00 109.48 ? 4   DG  D N3    1 
ATOM   604 C  C4    . DG  D 4 4  ? -17.943 1.771   4.180   1.00 113.07 ? 4   DG  D C4    1 
ATOM   605 P  P     . DA  D 4 5  ? -21.804 3.042   -0.158  1.00 145.61 ? 5   DA  D P     1 
ATOM   606 O  OP1   . DA  D 4 5  ? -22.697 3.967   -0.902  1.00 129.70 ? 5   DA  D OP1   1 
ATOM   607 O  OP2   . DA  D 4 5  ? -21.180 1.898   -0.872  1.00 131.53 ? 5   DA  D OP2   1 
ATOM   608 O  "O5'" . DA  D 4 5  ? -20.652 3.938   0.496   1.00 124.40 ? 5   DA  D "O5'" 1 
ATOM   609 C  "C5'" . DA  D 4 5  ? -20.875 5.327   0.663   1.00 126.23 ? 5   DA  D "C5'" 1 
ATOM   610 C  "C4'" . DA  D 4 5  ? -19.675 6.133   0.199   1.00 124.78 ? 5   DA  D "C4'" 1 
ATOM   611 O  "O4'" . DA  D 4 5  ? -18.464 5.569   0.770   1.00 117.15 ? 5   DA  D "O4'" 1 
ATOM   612 C  "C3'" . DA  D 4 5  ? -19.449 6.168   -1.301  1.00 125.79 ? 5   DA  D "C3'" 1 
ATOM   613 O  "O3'" . DA  D 4 5  ? -18.876 7.425   -1.656  1.00 124.87 ? 5   DA  D "O3'" 1 
ATOM   614 C  "C2'" . DA  D 4 5  ? -18.486 4.991   -1.519  1.00 124.63 ? 5   DA  D "C2'" 1 
ATOM   615 C  "C1'" . DA  D 4 5  ? -17.656 4.999   -0.235  1.00 113.62 ? 5   DA  D "C1'" 1 
ATOM   616 N  N9    . DA  D 4 5  ? -17.244 3.680   0.229   1.00 109.78 ? 5   DA  D N9    1 
ATOM   617 C  C8    . DA  D 4 5  ? -17.984 2.531   0.206   1.00 115.92 ? 5   DA  D C8    1 
ATOM   618 N  N7    . DA  D 4 5  ? -17.361 1.486   0.718   1.00 112.04 ? 5   DA  D N7    1 
ATOM   619 C  C5    . DA  D 4 5  ? -16.134 1.988   1.115   1.00 103.36 ? 5   DA  D C5    1 
ATOM   620 C  C6    . DA  D 4 5  ? -15.012 1.385   1.738   1.00 99.33  ? 5   DA  D C6    1 
ATOM   621 N  N6    . DA  D 4 5  ? -14.951 0.086   2.072   1.00 94.32  ? 5   DA  D N6    1 
ATOM   622 N  N1    . DA  D 4 5  ? -13.949 2.176   1.997   1.00 96.68  ? 5   DA  D N1    1 
ATOM   623 C  C2    . DA  D 4 5  ? -14.013 3.477   1.655   1.00 102.78 ? 5   DA  D C2    1 
ATOM   624 N  N3    . DA  D 4 5  ? -15.006 4.152   1.068   1.00 95.24  ? 5   DA  D N3    1 
ATOM   625 C  C4    . DA  D 4 5  ? -16.046 3.344   0.824   1.00 103.35 ? 5   DA  D C4    1 
ATOM   626 P  P     . DG  D 4 6  ? -18.059 7.615   -3.026  1.00 135.35 ? 6   DG  D P     1 
ATOM   627 O  OP1   . DG  D 4 6  ? -17.943 9.076   -3.280  1.00 130.19 ? 6   DG  D OP1   1 
ATOM   628 O  OP2   . DG  D 4 6  ? -18.703 6.765   -4.053  1.00 149.76 ? 6   DG  D OP2   1 
ATOM   629 O  "O5'" . DG  D 4 6  ? -16.595 7.046   -2.679  1.00 122.36 ? 6   DG  D "O5'" 1 
ATOM   630 C  "C5'" . DG  D 4 6  ? -15.906 7.510   -1.511  1.00 110.46 ? 6   DG  D "C5'" 1 
ATOM   631 C  "C4'" . DG  D 4 6  ? -14.397 7.367   -1.651  1.00 109.13 ? 6   DG  D "C4'" 1 
ATOM   632 O  "O4'" . DG  D 4 6  ? -13.941 6.100   -1.105  1.00 104.64 ? 6   DG  D "O4'" 1 
ATOM   633 C  "C3'" . DG  D 4 6  ? -13.848 7.441   -3.069  1.00 107.04 ? 6   DG  D "C3'" 1 
ATOM   634 O  "O3'" . DG  D 4 6  ? -12.652 8.222   -3.040  1.00 111.90 ? 6   DG  D "O3'" 1 
ATOM   635 C  "C2'" . DG  D 4 6  ? -13.581 5.967   -3.406  1.00 91.78  ? 6   DG  D "C2'" 1 
ATOM   636 C  "C1'" . DG  D 4 6  ? -13.147 5.420   -2.056  1.00 93.48  ? 6   DG  D "C1'" 1 
ATOM   637 N  N9    . DG  D 4 6  ? -13.382 3.982   -1.862  1.00 91.44  ? 6   DG  D N9    1 
ATOM   638 C  C8    . DG  D 4 6  ? -14.510 3.274   -2.197  1.00 92.66  ? 6   DG  D C8    1 
ATOM   639 N  N7    . DG  D 4 6  ? -14.453 2.017   -1.860  1.00 85.13  ? 6   DG  D N7    1 
ATOM   640 C  C5    . DG  D 4 6  ? -13.218 1.884   -1.242  1.00 79.34  ? 6   DG  D C5    1 
ATOM   641 C  C6    . DG  D 4 6  ? -12.600 0.737   -0.669  1.00 83.41  ? 6   DG  D C6    1 
ATOM   642 O  O6    . DG  D 4 6  ? -13.043 -0.412  -0.589  1.00 87.68  ? 6   DG  D O6    1 
ATOM   643 N  N1    . DG  D 4 6  ? -11.339 1.020   -0.157  1.00 79.99  ? 6   DG  D N1    1 
ATOM   644 C  C2    . DG  D 4 6  ? -10.748 2.264   -0.190  1.00 87.91  ? 6   DG  D C2    1 
ATOM   645 N  N2    . DG  D 4 6  ? -9.516  2.352   0.357   1.00 80.87  ? 6   DG  D N2    1 
ATOM   646 N  N3    . DG  D 4 6  ? -11.323 3.351   -0.726  1.00 84.73  ? 6   DG  D N3    1 
ATOM   647 C  C4    . DG  D 4 6  ? -12.549 3.082   -1.233  1.00 77.89  ? 6   DG  D C4    1 
ATOM   648 P  P     . DT  D 4 7  ? -11.824 8.548   -4.377  1.00 122.96 ? 7   DT  D P     1 
ATOM   649 O  OP1   . DT  D 4 7  ? -11.295 9.928   -4.257  1.00 118.75 ? 7   DT  D OP1   1 
ATOM   650 O  OP2   . DT  D 4 7  ? -12.673 8.186   -5.541  1.00 118.40 ? 7   DT  D OP2   1 
ATOM   651 O  "O5'" . DT  D 4 7  ? -10.575 7.557   -4.276  1.00 99.89  ? 7   DT  D "O5'" 1 
ATOM   652 C  "C5'" . DT  D 4 7  ? -10.080 7.179   -2.989  1.00 97.46  ? 7   DT  D "C5'" 1 
ATOM   653 C  "C4'" . DT  D 4 7  ? -8.775  6.408   -3.101  1.00 95.99  ? 7   DT  D "C4'" 1 
ATOM   654 O  "O4'" . DT  D 4 7  ? -9.012  4.988   -2.863  1.00 82.43  ? 7   DT  D "O4'" 1 
ATOM   655 C  "C3'" . DT  D 4 7  ? -8.105  6.458   -4.464  1.00 90.91  ? 7   DT  D "C3'" 1 
ATOM   656 O  "O3'" . DT  D 4 7  ? -6.707  6.206   -4.277  1.00 81.66  ? 7   DT  D "O3'" 1 
ATOM   657 C  "C2'" . DT  D 4 7  ? -8.795  5.275   -5.144  1.00 76.41  ? 7   DT  D "C2'" 1 
ATOM   658 C  "C1'" . DT  D 4 7  ? -8.685  4.263   -4.032  1.00 65.00  ? 7   DT  D "C1'" 1 
ATOM   659 N  N1    . DT  D 4 7  ? -9.601  3.135   -4.118  1.00 70.98  ? 7   DT  D N1    1 
ATOM   660 C  C2    . DT  D 4 7  ? -9.232  1.932   -3.536  1.00 72.78  ? 7   DT  D C2    1 
ATOM   661 O  O2    . DT  D 4 7  ? -8.151  1.746   -3.005  1.00 81.93  ? 7   DT  D O2    1 
ATOM   662 N  N3    . DT  D 4 7  ? -10.165 0.944   -3.606  1.00 67.04  ? 7   DT  D N3    1 
ATOM   663 C  C4    . DT  D 4 7  ? -11.409 1.022   -4.192  1.00 77.95  ? 7   DT  D C4    1 
ATOM   664 O  O4    . DT  D 4 7  ? -12.190 0.063   -4.208  1.00 88.51  ? 7   DT  D O4    1 
ATOM   665 C  C5    . DT  D 4 7  ? -11.751 2.303   -4.770  1.00 69.65  ? 7   DT  D C5    1 
ATOM   666 C  C7    . DT  D 4 7  ? -13.088 2.487   -5.412  1.00 75.53  ? 7   DT  D C7    1 
ATOM   667 C  C6    . DT  D 4 7  ? -10.842 3.298   -4.698  1.00 75.46  ? 7   DT  D C6    1 
ATOM   668 P  P     . DG  D 4 8  ? -5.587  7.265   -4.729  1.00 101.98 ? 8   DG  D P     1 
ATOM   669 O  OP1   . DG  D 4 8  ? -5.843  8.570   -4.076  1.00 92.94  ? 8   DG  D OP1   1 
ATOM   670 O  OP2   . DG  D 4 8  ? -5.473  7.173   -6.214  1.00 103.71 ? 8   DG  D OP2   1 
ATOM   671 O  "O5'" . DG  D 4 8  ? -4.260  6.638   -4.104  1.00 86.25  ? 8   DG  D "O5'" 1 
ATOM   672 C  "C5'" . DG  D 4 8  ? -4.396  5.716   -3.043  1.00 84.15  ? 8   DG  D "C5'" 1 
ATOM   673 C  "C4'" . DG  D 4 8  ? -3.215  4.757   -2.942  1.00 84.62  ? 8   DG  D "C4'" 1 
ATOM   674 O  "O4'" . DG  D 4 8  ? -3.653  3.407   -3.245  1.00 88.50  ? 8   DG  D "O4'" 1 
ATOM   675 C  "C3'" . DG  D 4 8  ? -2.062  5.010   -3.879  1.00 83.29  ? 8   DG  D "C3'" 1 
ATOM   676 O  "O3'" . DG  D 4 8  ? -0.842  4.507   -3.267  1.00 71.74  ? 8   DG  D "O3'" 1 
ATOM   677 C  "C2'" . DG  D 4 8  ? -2.494  4.230   -5.143  1.00 81.19  ? 8   DG  D "C2'" 1 
ATOM   678 C  "C1'" . DG  D 4 8  ? -3.379  3.099   -4.600  1.00 82.09  ? 8   DG  D "C1'" 1 
ATOM   679 N  N9    . DG  D 4 8  ? -4.675  2.948   -5.300  1.00 75.28  ? 8   DG  D N9    1 
ATOM   680 C  C8    . DG  D 4 8  ? -5.358  3.912   -6.007  1.00 71.40  ? 8   DG  D C8    1 
ATOM   681 N  N7    . DG  D 4 8  ? -6.492  3.489   -6.520  1.00 64.77  ? 8   DG  D N7    1 
ATOM   682 C  C5    . DG  D 4 8  ? -6.575  2.168   -6.108  1.00 68.73  ? 8   DG  D C5    1 
ATOM   683 C  C6    . DG  D 4 8  ? -7.595  1.202   -6.346  1.00 69.49  ? 8   DG  D C6    1 
ATOM   684 O  O6    . DG  D 4 8  ? -8.643  1.347   -6.991  1.00 81.50  ? 8   DG  D O6    1 
ATOM   685 N  N1    . DG  D 4 8  ? -7.292  -0.033  -5.759  1.00 62.63  ? 8   DG  D N1    1 
ATOM   686 C  C2    . DG  D 4 8  ? -6.141  -0.294  -5.030  1.00 73.30  ? 8   DG  D C2    1 
ATOM   687 N  N2    . DG  D 4 8  ? -6.022  -1.540  -4.548  1.00 65.08  ? 8   DG  D N2    1 
ATOM   688 N  N3    . DG  D 4 8  ? -5.169  0.608   -4.798  1.00 71.78  ? 8   DG  D N3    1 
ATOM   689 C  C4    . DG  D 4 8  ? -5.455  1.810   -5.367  1.00 68.14  ? 8   DG  D C4    1 
ATOM   690 P  P     . DG  D 4 9  ? 0.380   3.891   -4.126  1.00 79.57  ? 9   DG  D P     1 
ATOM   691 O  OP1   . DG  D 4 9  ? 1.453   3.553   -3.175  1.00 77.18  ? 9   DG  D OP1   1 
ATOM   692 O  OP2   . DG  D 4 9  ? 0.649   4.752   -5.322  1.00 70.16  ? 9   DG  D OP2   1 
ATOM   693 O  "O5'" . DG  D 4 9  ? -0.138  2.448   -4.563  1.00 81.74  ? 9   DG  D "O5'" 1 
ATOM   694 C  "C5'" . DG  D 4 9  ? 0.611   1.306   -4.214  1.00 74.12  ? 9   DG  D "C5'" 1 
ATOM   695 C  "C4'" . DG  D 4 9  ? 0.161   0.170   -5.067  1.00 66.18  ? 9   DG  D "C4'" 1 
ATOM   696 O  "O4'" . DG  D 4 9  ? -1.138  0.504   -5.610  1.00 77.95  ? 9   DG  D "O4'" 1 
ATOM   697 C  "C3'" . DG  D 4 9  ? 1.053   -0.076  -6.283  1.00 70.54  ? 9   DG  D "C3'" 1 
ATOM   698 O  "O3'" . DG  D 4 9  ? 1.456   -1.404  -6.325  1.00 66.59  ? 9   DG  D "O3'" 1 
ATOM   699 C  "C2'" . DG  D 4 9  ? 0.127   0.232   -7.471  1.00 74.44  ? 9   DG  D "C2'" 1 
ATOM   700 C  "C1'" . DG  D 4 9  ? -1.215  -0.090  -6.872  1.00 68.58  ? 9   DG  D "C1'" 1 
ATOM   701 N  N9    . DG  D 4 9  ? -2.381  0.432   -7.594  1.00 65.24  ? 9   DG  D N9    1 
ATOM   702 C  C8    . DG  D 4 9  ? -2.554  1.685   -8.127  1.00 64.79  ? 9   DG  D C8    1 
ATOM   703 N  N7    . DG  D 4 9  ? -3.722  1.855   -8.692  1.00 58.35  ? 9   DG  D N7    1 
ATOM   704 C  C5    . DG  D 4 9  ? -4.362  0.634   -8.527  1.00 63.46  ? 9   DG  D C5    1 
ATOM   705 C  C6    . DG  D 4 9  ? -5.652  0.209   -8.943  1.00 58.08  ? 9   DG  D C6    1 
ATOM   706 O  O6    . DG  D 4 9  ? -6.523  0.871   -9.548  1.00 58.83  ? 9   DG  D O6    1 
ATOM   707 N  N1    . DG  D 4 9  ? -5.919  -1.103  -8.561  1.00 53.41  ? 9   DG  D N1    1 
ATOM   708 C  C2    . DG  D 4 9  ? -5.039  -1.912  -7.886  1.00 64.68  ? 9   DG  D C2    1 
ATOM   709 N  N2    . DG  D 4 9  ? -5.457  -3.153  -7.619  1.00 60.54  ? 9   DG  D N2    1 
ATOM   710 N  N3    . DG  D 4 9  ? -3.818  -1.535  -7.499  1.00 75.96  ? 9   DG  D N3    1 
ATOM   711 C  C4    . DG  D 4 9  ? -3.552  -0.249  -7.850  1.00 67.97  ? 9   DG  D C4    1 
ATOM   712 P  P     . DG  D 4 10 ? 2.589   -1.959  -5.341  1.00 77.87  ? 10  DG  D P     1 
ATOM   713 O  OP1   . DG  D 4 10 ? 2.683   -3.437  -5.564  1.00 74.10  ? 10  DG  D OP1   1 
ATOM   714 O  OP2   . DG  D 4 10 ? 2.291   -1.361  -4.023  1.00 83.04  ? 10  DG  D OP2   1 
ATOM   715 O  "O5'" . DG  D 4 10 ? 3.957   -1.389  -5.940  1.00 75.23  ? 10  DG  D "O5'" 1 
ATOM   716 C  "C5'" . DG  D 4 10 ? 4.221   -1.636  -7.319  1.00 85.04  ? 10  DG  D "C5'" 1 
ATOM   717 C  "C4'" . DG  D 4 10 ? 5.685   -1.459  -7.663  1.00 83.93  ? 10  DG  D "C4'" 1 
ATOM   718 O  "O4'" . DG  D 4 10 ? 5.968   -0.049  -7.854  1.00 72.72  ? 10  DG  D "O4'" 1 
ATOM   719 C  "C3'" . DG  D 4 10 ? 6.635   -1.908  -6.591  1.00 81.52  ? 10  DG  D "C3'" 1 
ATOM   720 O  "O3'" . DG  D 4 10 ? 6.904   -3.296  -6.738  1.00 80.60  ? 10  DG  D "O3'" 1 
ATOM   721 C  "C2'" . DG  D 4 10 ? 7.863   -1.059  -6.889  1.00 71.99  ? 10  DG  D "C2'" 1 
ATOM   722 C  "C1'" . DG  D 4 10 ? 7.240   0.248   -7.361  1.00 71.45  ? 10  DG  D "C1'" 1 
ATOM   723 N  N9    . DG  D 4 10 ? 7.098   1.227   -6.314  1.00 74.02  ? 10  DG  D N9    1 
ATOM   724 C  C8    . DG  D 4 10 ? 5.948   1.620   -5.686  1.00 68.80  ? 10  DG  D C8    1 
ATOM   725 N  N7    . DG  D 4 10 ? 6.150   2.534   -4.774  1.00 66.34  ? 10  DG  D N7    1 
ATOM   726 C  C5    . DG  D 4 10 ? 7.508   2.757   -4.819  1.00 63.57  ? 10  DG  D C5    1 
ATOM   727 C  C6    . DG  D 4 10 ? 8.297   3.628   -4.063  1.00 64.81  ? 10  DG  D C6    1 
ATOM   728 O  O6    . DG  D 4 10 ? 7.931   4.416   -3.184  1.00 70.40  ? 10  DG  D O6    1 
ATOM   729 N  N1    . DG  D 4 10 ? 9.638   3.547   -4.414  1.00 65.13  ? 10  DG  D N1    1 
ATOM   730 C  C2    . DG  D 4 10 ? 10.144  2.709   -5.391  1.00 77.74  ? 10  DG  D C2    1 
ATOM   731 N  N2    . DG  D 4 10 ? 11.477  2.764   -5.610  1.00 83.18  ? 10  DG  D N2    1 
ATOM   732 N  N3    . DG  D 4 10 ? 9.401   1.877   -6.107  1.00 71.87  ? 10  DG  D N3    1 
ATOM   733 C  C4    . DG  D 4 10 ? 8.101   1.961   -5.763  1.00 72.10  ? 10  DG  D C4    1 
ATOM   734 P  P     . DG  D 4 11 ? 7.464   -4.143  -5.485  1.00 88.11  ? 11  DG  D P     1 
ATOM   735 O  OP1   . DG  D 4 11 ? 7.804   -5.484  -6.021  1.00 88.56  ? 11  DG  D OP1   1 
ATOM   736 O  OP2   . DG  D 4 11 ? 6.505   -3.956  -4.368  1.00 71.95  ? 11  DG  D OP2   1 
ATOM   737 O  "O5'" . DG  D 4 11 ? 8.839   -3.415  -5.076  1.00 75.62  ? 11  DG  D "O5'" 1 
ATOM   738 C  "C5'" . DG  D 4 11 ? 10.030  -3.683  -5.806  1.00 74.28  ? 11  DG  D "C5'" 1 
ATOM   739 C  "C4'" . DG  D 4 11 ? 11.162  -2.766  -5.361  1.00 83.97  ? 11  DG  D "C4'" 1 
ATOM   740 O  "O4'" . DG  D 4 11 ? 10.669  -1.417  -5.221  1.00 83.10  ? 11  DG  D "O4'" 1 
ATOM   741 C  "C3'" . DG  D 4 11 ? 11.757  -3.103  -4.010  1.00 85.83  ? 11  DG  D "C3'" 1 
ATOM   742 O  "O3'" . DG  D 4 11 ? 12.812  -4.062  -4.183  1.00 90.88  ? 11  DG  D "O3'" 1 
ATOM   743 C  "C2'" . DG  D 4 11 ? 12.307  -1.751  -3.535  1.00 83.96  ? 11  DG  D "C2'" 1 
ATOM   744 C  "C1'" . DG  D 4 11 ? 11.415  -0.730  -4.238  1.00 79.36  ? 11  DG  D "C1'" 1 
ATOM   745 N  N9    . DG  D 4 11 ? 10.480  -0.070  -3.341  1.00 73.33  ? 11  DG  D N9    1 
ATOM   746 C  C8    . DG  D 4 11 ? 9.134   -0.272  -3.279  1.00 73.90  ? 11  DG  D C8    1 
ATOM   747 N  N7    . DG  D 4 11 ? 8.547   0.466   -2.381  1.00 74.09  ? 11  DG  D N7    1 
ATOM   748 C  C5    . DG  D 4 11 ? 9.574   1.184   -1.800  1.00 66.54  ? 11  DG  D C5    1 
ATOM   749 C  C6    . DG  D 4 11 ? 9.538   2.138   -0.760  1.00 73.04  ? 11  DG  D C6    1 
ATOM   750 O  O6    . DG  D 4 11 ? 8.552   2.546   -0.131  1.00 75.91  ? 11  DG  D O6    1 
ATOM   751 N  N1    . DG  D 4 11 ? 10.805  2.634   -0.468  1.00 66.72  ? 11  DG  D N1    1 
ATOM   752 C  C2    . DG  D 4 11 ? 11.948  2.250   -1.109  1.00 69.28  ? 11  DG  D C2    1 
ATOM   753 N  N2    . DG  D 4 11 ? 13.066  2.834   -0.702  1.00 75.49  ? 11  DG  D N2    1 
ATOM   754 N  N3    . DG  D 4 11 ? 11.994  1.356   -2.090  1.00 69.31  ? 11  DG  D N3    1 
ATOM   755 C  C4    . DG  D 4 11 ? 10.769  0.867   -2.378  1.00 66.55  ? 11  DG  D C4    1 
ATOM   756 P  P     . DT  D 4 12 ? 13.362  -4.923  -2.937  1.00 108.84 ? 12  DT  D P     1 
ATOM   757 O  OP1   . DT  D 4 12 ? 14.340  -5.866  -3.540  1.00 106.26 ? 12  DT  D OP1   1 
ATOM   758 O  OP2   . DT  D 4 12 ? 12.184  -5.382  -2.141  1.00 84.92  ? 12  DT  D OP2   1 
ATOM   759 O  "O5'" . DT  D 4 12 ? 14.205  -3.879  -2.053  1.00 84.09  ? 12  DT  D "O5'" 1 
ATOM   760 C  "C5'" . DT  D 4 12 ? 15.248  -3.190  -2.652  1.00 74.12  ? 12  DT  D "C5'" 1 
ATOM   761 C  "C4'" . DT  D 4 12 ? 15.776  -2.168  -1.699  1.00 84.52  ? 12  DT  D "C4'" 1 
ATOM   762 O  "O4'" . DT  D 4 12 ? 14.700  -1.296  -1.282  1.00 83.00  ? 12  DT  D "O4'" 1 
ATOM   763 C  "C3'" . DT  D 4 12 ? 16.369  -2.750  -0.417  1.00 90.87  ? 12  DT  D "C3'" 1 
ATOM   764 O  "O3'" . DT  D 4 12 ? 17.596  -2.105  -0.146  1.00 95.45  ? 12  DT  D "O3'" 1 
ATOM   765 C  "C2'" . DT  D 4 12 ? 15.318  -2.428  0.638   1.00 80.49  ? 12  DT  D "C2'" 1 
ATOM   766 C  "C1'" . DT  D 4 12 ? 14.751  -1.131  0.113   1.00 78.76  ? 12  DT  D "C1'" 1 
ATOM   767 N  N1    . DT  D 4 12 ? 13.383  -0.899  0.584   1.00 76.21  ? 12  DT  D N1    1 
ATOM   768 C  C2    . DT  D 4 12 ? 13.115  0.173   1.404   1.00 75.97  ? 12  DT  D C2    1 
ATOM   769 O  O2    . DT  D 4 12 ? 13.975  0.964   1.768   1.00 83.37  ? 12  DT  D O2    1 
ATOM   770 N  N3    . DT  D 4 12 ? 11.802  0.296   1.786   1.00 67.22  ? 12  DT  D N3    1 
ATOM   771 C  C4    . DT  D 4 12 ? 10.751  -0.538  1.426   1.00 75.30  ? 12  DT  D C4    1 
ATOM   772 O  O4    . DT  D 4 12 ? 9.586   -0.362  1.820   1.00 65.36  ? 12  DT  D O4    1 
ATOM   773 C  C5    . DT  D 4 12 ? 11.117  -1.652  0.571   1.00 74.94  ? 12  DT  D C5    1 
ATOM   774 C  C7    . DT  D 4 12 ? 10.079  -2.630  0.132   1.00 69.23  ? 12  DT  D C7    1 
ATOM   775 C  C6    . DT  D 4 12 ? 12.398  -1.775  0.199   1.00 75.06  ? 12  DT  D C6    1 
ATOM   776 P  P     . DC  D 4 13 ? 18.595  -2.637  0.989   1.00 98.55  ? 13  DC  D P     1 
ATOM   777 O  OP1   . DC  D 4 13 ? 19.812  -3.067  0.260   1.00 100.07 ? 13  DC  D OP1   1 
ATOM   778 O  OP2   . DC  D 4 13 ? 17.897  -3.605  1.876   1.00 92.26  ? 13  DC  D OP2   1 
ATOM   779 O  "O5'" . DC  D 4 13 ? 18.843  -1.313  1.838   1.00 71.24  ? 13  DC  D "O5'" 1 
ATOM   780 C  "C5'" . DC  D 4 13 ? 17.784  -0.416  1.937   1.00 78.86  ? 13  DC  D "C5'" 1 
ATOM   781 C  "C4'" . DC  D 4 13 ? 18.058  0.653   2.951   1.00 84.13  ? 13  DC  D "C4'" 1 
ATOM   782 O  "O4'" . DC  D 4 13 ? 16.794  1.080   3.529   1.00 85.74  ? 13  DC  D "O4'" 1 
ATOM   783 C  "C3'" . DC  D 4 13 ? 18.882  0.203   4.126   1.00 96.77  ? 13  DC  D "C3'" 1 
ATOM   784 O  "O3'" . DC  D 4 13 ? 19.509  1.348   4.713   1.00 99.12  ? 13  DC  D "O3'" 1 
ATOM   785 C  "C2'" . DC  D 4 13 ? 17.808  -0.413  5.037   1.00 87.12  ? 13  DC  D "C2'" 1 
ATOM   786 C  "C1'" . DC  D 4 13 ? 16.641  0.543   4.831   1.00 83.36  ? 13  DC  D "C1'" 1 
ATOM   787 N  N1    . DC  D 4 13 ? 15.305  -0.108  4.907   1.00 78.13  ? 13  DC  D N1    1 
ATOM   788 C  C2    . DC  D 4 13 ? 14.283  0.478   5.670   1.00 81.29  ? 13  DC  D C2    1 
ATOM   789 O  O2    . DC  D 4 13 ? 14.502  1.537   6.285   1.00 81.54  ? 13  DC  D O2    1 
ATOM   790 N  N3    . DC  D 4 13 ? 13.081  -0.123  5.705   1.00 81.29  ? 13  DC  D N3    1 
ATOM   791 C  C4    . DC  D 4 13 ? 12.882  -1.252  5.027   1.00 78.90  ? 13  DC  D C4    1 
ATOM   792 N  N4    . DC  D 4 13 ? 11.677  -1.812  5.094   1.00 79.38  ? 13  DC  D N4    1 
ATOM   793 C  C5    . DC  D 4 13 ? 13.904  -1.858  4.254   1.00 74.74  ? 13  DC  D C5    1 
ATOM   794 C  C6    . DC  D 4 13 ? 15.087  -1.257  4.224   1.00 75.32  ? 13  DC  D C6    1 
ATOM   795 P  P     . DT  D 4 14 ? 20.578  1.212   5.911   1.00 91.32  ? 14  DT  D P     1 
ATOM   796 O  OP1   . DT  D 4 14 ? 21.848  1.754   5.376   1.00 101.18 ? 14  DT  D OP1   1 
ATOM   797 O  OP2   . DT  D 4 14 ? 20.594  -0.187  6.407   1.00 93.28  ? 14  DT  D OP2   1 
ATOM   798 O  "O5'" . DT  D 4 14 ? 19.978  2.190   7.038   1.00 71.50  ? 14  DT  D "O5'" 1 
ATOM   799 C  "C5'" . DT  D 4 14 ? 18.600  2.224   7.218   1.00 83.36  ? 14  DT  D "C5'" 1 
ATOM   800 C  "C4'" . DT  D 4 14 ? 18.224  3.008   8.440   1.00 91.32  ? 14  DT  D "C4'" 1 
ATOM   801 O  "O4'" . DT  D 4 14 ? 16.852  2.688   8.823   1.00 93.98  ? 14  DT  D "O4'" 1 
ATOM   802 C  "C3'" . DT  D 4 14 ? 19.013  2.659   9.664   1.00 94.71  ? 14  DT  D "C3'" 1 
ATOM   803 O  "O3'" . DT  D 4 14 ? 18.788  3.672   10.616  1.00 104.58 ? 14  DT  D "O3'" 1 
ATOM   804 C  "C2'" . DT  D 4 14 ? 18.324  1.359   10.071  1.00 96.83  ? 14  DT  D "C2'" 1 
ATOM   805 C  "C1'" . DT  D 4 14 ? 16.865  1.752   9.894   1.00 86.93  ? 14  DT  D "C1'" 1 
ATOM   806 N  N1    . DT  D 4 14 ? 15.965  0.620   9.517   1.00 97.55  ? 14  DT  D N1    1 
ATOM   807 C  C2    . DT  D 4 14 ? 14.626  0.690   9.859   1.00 88.89  ? 14  DT  D C2    1 
ATOM   808 O  O2    . DT  D 4 14 ? 14.140  1.615   10.477  1.00 87.54  ? 14  DT  D O2    1 
ATOM   809 N  N3    . DT  D 4 14 ? 13.880  -0.378  9.456   1.00 84.98  ? 14  DT  D N3    1 
ATOM   810 C  C4    . DT  D 4 14 ? 14.313  -1.493  8.749   1.00 82.98  ? 14  DT  D C4    1 
ATOM   811 O  O4    . DT  D 4 14 ? 13.555  -2.412  8.428   1.00 85.13  ? 14  DT  D O4    1 
ATOM   812 C  C5    . DT  D 4 14 ? 15.708  -1.510  8.414   1.00 79.85  ? 14  DT  D C5    1 
ATOM   813 C  C7    . DT  D 4 14 ? 16.264  -2.670  7.653   1.00 83.82  ? 14  DT  D C7    1 
ATOM   814 C  C6    . DT  D 4 14 ? 16.471  -0.467  8.804   1.00 86.85  ? 14  DT  D C6    1 
ATOM   815 P  P     . DG  D 4 15 ? 19.534  3.648   12.030  1.00 104.63 ? 15  DG  D P     1 
ATOM   816 O  OP1   . DG  D 4 15 ? 19.668  5.060   12.497  1.00 99.27  ? 15  DG  D OP1   1 
ATOM   817 O  OP2   . DG  D 4 15 ? 20.680  2.732   11.831  1.00 95.06  ? 15  DG  D OP2   1 
ATOM   818 O  "O5'" . DG  D 4 15 ? 18.463  3.021   13.021  1.00 95.39  ? 15  DG  D "O5'" 1 
ATOM   819 C  "C5'" . DG  D 4 15 ? 17.588  3.869   13.746  1.00 92.42  ? 15  DG  D "C5'" 1 
ATOM   820 C  "C4'" . DG  D 4 15 ? 16.802  3.011   14.681  1.00 97.23  ? 15  DG  D "C4'" 1 
ATOM   821 O  "O4'" . DG  D 4 15 ? 16.073  2.078   13.865  1.00 103.19 ? 15  DG  D "O4'" 1 
ATOM   822 C  "C3'" . DG  D 4 15 ? 17.705  2.135   15.528  1.00 112.13 ? 15  DG  D "C3'" 1 
ATOM   823 O  "O3'" . DG  D 4 15 ? 17.975  2.686   16.856  1.00 122.15 ? 15  DG  D "O3'" 1 
ATOM   824 C  "C2'" . DG  D 4 15 ? 17.021  0.774   15.583  1.00 105.64 ? 15  DG  D "C2'" 1 
ATOM   825 C  "C1'" . DG  D 4 15 ? 15.895  0.885   14.571  1.00 102.72 ? 15  DG  D "C1'" 1 
ATOM   826 N  N9    . DG  D 4 15 ? 15.867  -0.244  13.658  1.00 98.31  ? 15  DG  D N9    1 
ATOM   827 C  C8    . DG  D 4 15 ? 16.951  -0.930  13.153  1.00 96.77  ? 15  DG  D C8    1 
ATOM   828 N  N7    . DG  D 4 15 ? 16.622  -1.933  12.385  1.00 90.58  ? 15  DG  D N7    1 
ATOM   829 C  C5    . DG  D 4 15 ? 15.223  -1.920  12.401  1.00 98.11  ? 15  DG  D C5    1 
ATOM   830 C  C6    . DG  D 4 15 ? 14.293  -2.768  11.753  1.00 89.31  ? 15  DG  D C6    1 
ATOM   831 O  O6    . DG  D 4 15 ? 14.518  -3.729  11.017  1.00 94.30  ? 15  DG  D O6    1 
ATOM   832 N  N1    . DG  D 4 15 ? 12.986  -2.409  12.032  1.00 90.56  ? 15  DG  D N1    1 
ATOM   833 C  C2    . DG  D 4 15 ? 12.608  -1.368  12.834  1.00 95.77  ? 15  DG  D C2    1 
ATOM   834 N  N2    . DG  D 4 15 ? 11.281  -1.185  12.979  1.00 95.67  ? 15  DG  D N2    1 
ATOM   835 N  N3    . DG  D 4 15 ? 13.464  -0.558  13.452  1.00 95.09  ? 15  DG  D N3    1 
ATOM   836 C  C4    . DG  D 4 15 ? 14.750  -0.895  13.191  1.00 97.58  ? 15  DG  D C4    1 
ATOM   837 P  P     . DC  D 4 16 ? 16.879  3.445   17.756  1.00 116.32 ? 16  DC  D P     1 
ATOM   838 O  OP1   . DC  D 4 16 ? 16.728  4.803   17.193  1.00 115.55 ? 16  DC  D OP1   1 
ATOM   839 O  OP2   . DC  D 4 16 ? 17.387  3.310   19.146  1.00 110.44 ? 16  DC  D OP2   1 
ATOM   840 O  "O5'" . DC  D 4 16 ? 15.515  2.594   17.587  1.00 126.27 ? 16  DC  D "O5'" 1 
ATOM   841 C  "C5'" . DC  D 4 16 ? 15.286  1.387   18.371  1.00 145.30 ? 16  DC  D "C5'" 1 
ATOM   842 C  "C4'" . DC  D 4 16 ? 13.947  0.721   18.022  1.00 145.64 ? 16  DC  D "C4'" 1 
ATOM   843 O  "O4'" . DC  D 4 16 ? 14.083  -0.144  16.850  1.00 127.06 ? 16  DC  D "O4'" 1 
ATOM   844 C  "C3'" . DC  D 4 16 ? 13.373  -0.188  19.115  1.00 149.24 ? 16  DC  D "C3'" 1 
ATOM   845 O  "O3'" . DC  D 4 16 ? 11.950  -0.094  19.114  1.00 155.80 ? 16  DC  D "O3'" 1 
ATOM   846 C  "C2'" . DC  D 4 16 ? 13.834  -1.570  18.660  1.00 126.71 ? 16  DC  D "C2'" 1 
ATOM   847 C  "C1'" . DC  D 4 16 ? 13.594  -1.429  17.172  1.00 119.31 ? 16  DC  D "C1'" 1 
ATOM   848 N  N1    . DC  D 4 16 ? 14.287  -2.444  16.340  1.00 105.95 ? 16  DC  D N1    1 
ATOM   849 C  C2    . DC  D 4 16 ? 13.534  -3.425  15.682  1.00 108.96 ? 16  DC  D C2    1 
ATOM   850 O  O2    . DC  D 4 16 ? 12.295  -3.427  15.805  1.00 109.31 ? 16  DC  D O2    1 
ATOM   851 N  N3    . DC  D 4 16 ? 14.180  -4.343  14.919  1.00 106.48 ? 16  DC  D N3    1 
ATOM   852 C  C4    . DC  D 4 16 ? 15.505  -4.306  14.811  1.00 97.86  ? 16  DC  D C4    1 
ATOM   853 N  N4    . DC  D 4 16 ? 16.091  -5.230  14.049  1.00 93.46  ? 16  DC  D N4    1 
ATOM   854 C  C5    . DC  D 4 16 ? 16.283  -3.322  15.476  1.00 95.97  ? 16  DC  D C5    1 
ATOM   855 C  C6    . DC  D 4 16 ? 15.639  -2.420  16.224  1.00 105.86 ? 16  DC  D C6    1 
HETATM 856 AS AS    . CAC E 5 .  ? -0.969  0.845   -15.143 1.00 175.35 ? 101 CAC C AS    1 
HETATM 857 AS AS    . CAC F 5 .  ? 5.318   1.061   -0.707  1.00 184.52 ? 101 CAC D AS    1 
# 
loop_
_pdbx_poly_seq_scheme.asym_id 
_pdbx_poly_seq_scheme.entity_id 
_pdbx_poly_seq_scheme.seq_id 
_pdbx_poly_seq_scheme.mon_id 
_pdbx_poly_seq_scheme.ndb_seq_num 
_pdbx_poly_seq_scheme.pdb_seq_num 
_pdbx_poly_seq_scheme.auth_seq_num 
_pdbx_poly_seq_scheme.pdb_mon_id 
_pdbx_poly_seq_scheme.auth_mon_id 
_pdbx_poly_seq_scheme.pdb_strand_id 
_pdbx_poly_seq_scheme.pdb_ins_code 
_pdbx_poly_seq_scheme.hetero 
A 1 1  DG 1  1  1  DG DG A . n 
A 1 2  DA 2  2  2  DA DA A . n 
A 1 3  DG 3  3  3  DG DG A . n 
A 1 4  DC 4  4  4  DC DC A . n 
A 1 5  DA 5  5  5  DA DA A . n 
A 1 6  DG 6  6  6  DG DG A . n 
A 1 7  DA 7  7  7  DA DA A . n 
A 1 8  DC 8  8  8  DC DC A . n 
A 1 9  DC 9  9  9  DC DC A . n 
A 1 10 DT 10 10 10 DT DT A . n 
A 1 11 DG 11 11 11 DG DG A . n 
B 2 1  DA 1  12 12 DA DA B . n 
B 2 2  DC 2  13 13 DC DC B . n 
B 2 3  DT 3  14 14 DT DT B . n 
B 2 4  DC 4  15 15 DC DC B . n 
B 2 5  DC 5  16 16 DC DC B . n 
B 2 6  DA 6  17 17 DA DA B . n 
B 2 7  DC 7  18 18 DC DC B . n 
B 2 8  DT 8  19 19 DT DT B . n 
B 2 9  DC 9  20 20 DC DC B . n 
B 2 10 DA 10 21 21 DA DA B . n 
C 3 1  DC 1  1  1  DC DC C . n 
C 3 2  DA 2  2  2  DA DA C . n 
C 3 3  DA 3  3  3  DA DA C . n 
C 3 4  DG 4  4  4  DG DG C . n 
C 3 5  DT 5  5  5  DT DT C . n 
D 4 1  DT 1  1  1  DT DT D . n 
D 4 2  DC 2  2  2  DC DC D . n 
D 4 3  DT 3  3  3  DT DT D . n 
D 4 4  DG 4  4  4  DG DG D . n 
D 4 5  DA 5  5  5  DA DA D . n 
D 4 6  DG 6  6  6  DG DG D . n 
D 4 7  DT 7  7  7  DT DT D . n 
D 4 8  DG 8  8  8  DG DG D . n 
D 4 9  DG 9  9  9  DG DG D . n 
D 4 10 DG 10 10 10 DG DG D . n 
D 4 11 DG 11 11 11 DG DG D . n 
D 4 12 DT 12 12 12 DT DT D . n 
D 4 13 DC 13 13 13 DC DC D . n 
D 4 14 DT 14 14 14 DT DT D . n 
D 4 15 DG 15 15 15 DG DG D . n 
D 4 16 DC 16 16 16 DC DC D . n 
# 
loop_
_pdbx_nonpoly_scheme.asym_id 
_pdbx_nonpoly_scheme.entity_id 
_pdbx_nonpoly_scheme.mon_id 
_pdbx_nonpoly_scheme.ndb_seq_num 
_pdbx_nonpoly_scheme.pdb_seq_num 
_pdbx_nonpoly_scheme.auth_seq_num 
_pdbx_nonpoly_scheme.pdb_mon_id 
_pdbx_nonpoly_scheme.auth_mon_id 
_pdbx_nonpoly_scheme.pdb_strand_id 
_pdbx_nonpoly_scheme.pdb_ins_code 
E 5 CAC 1 101 1 CAC AS C . 
F 5 CAC 1 101 2 CAC AS D . 
# 
_pdbx_struct_assembly.id                   1 
_pdbx_struct_assembly.details              author_defined_assembly 
_pdbx_struct_assembly.method_details       ? 
_pdbx_struct_assembly.oligomeric_details   tetrameric 
_pdbx_struct_assembly.oligomeric_count     4 
# 
_pdbx_struct_assembly_gen.assembly_id       1 
_pdbx_struct_assembly_gen.oper_expression   1 
_pdbx_struct_assembly_gen.asym_id_list      A,B,C,D,E,F 
# 
_pdbx_struct_oper_list.id                   1 
_pdbx_struct_oper_list.type                 'identity operation' 
_pdbx_struct_oper_list.name                 1_555 
_pdbx_struct_oper_list.symmetry_operation   x,y,z 
_pdbx_struct_oper_list.matrix[1][1]         1.0000000000 
_pdbx_struct_oper_list.matrix[1][2]         0.0000000000 
_pdbx_struct_oper_list.matrix[1][3]         0.0000000000 
_pdbx_struct_oper_list.vector[1]            0.0000000000 
_pdbx_struct_oper_list.matrix[2][1]         0.0000000000 
_pdbx_struct_oper_list.matrix[2][2]         1.0000000000 
_pdbx_struct_oper_list.matrix[2][3]         0.0000000000 
_pdbx_struct_oper_list.vector[2]            0.0000000000 
_pdbx_struct_oper_list.matrix[3][1]         0.0000000000 
_pdbx_struct_oper_list.matrix[3][2]         0.0000000000 
_pdbx_struct_oper_list.matrix[3][3]         1.0000000000 
_pdbx_struct_oper_list.vector[3]            0.0000000000 
# 
loop_
_pdbx_audit_revision_history.ordinal 
_pdbx_audit_revision_history.data_content_type 
_pdbx_audit_revision_history.major_revision 
_pdbx_audit_revision_history.minor_revision 
_pdbx_audit_revision_history.revision_date 
1 'Structure model' 1 0 2021-07-14 
2 'Structure model' 1 1 2022-07-06 
3 'Structure model' 1 2 2023-10-18 
# 
_pdbx_audit_revision_details.ordinal             1 
_pdbx_audit_revision_details.revision_ordinal    1 
_pdbx_audit_revision_details.data_content_type   'Structure model' 
_pdbx_audit_revision_details.provider            repository 
_pdbx_audit_revision_details.type                'Initial release' 
_pdbx_audit_revision_details.description         ? 
_pdbx_audit_revision_details.details             ? 
# 
loop_
_pdbx_audit_revision_group.ordinal 
_pdbx_audit_revision_group.revision_ordinal 
_pdbx_audit_revision_group.data_content_type 
_pdbx_audit_revision_group.group 
1 2 'Structure model' 'Database references'    
2 3 'Structure model' 'Data collection'        
3 3 'Structure model' 'Refinement description' 
# 
loop_
_pdbx_audit_revision_category.ordinal 
_pdbx_audit_revision_category.revision_ordinal 
_pdbx_audit_revision_category.data_content_type 
_pdbx_audit_revision_category.category 
1 2 'Structure model' citation                      
2 2 'Structure model' citation_author               
3 2 'Structure model' database_2                    
4 3 'Structure model' chem_comp_atom                
5 3 'Structure model' chem_comp_bond                
6 3 'Structure model' pdbx_initial_refinement_model 
# 
loop_
_pdbx_audit_revision_item.ordinal 
_pdbx_audit_revision_item.revision_ordinal 
_pdbx_audit_revision_item.data_content_type 
_pdbx_audit_revision_item.item 
1  2 'Structure model' '_citation.country'                   
2  2 'Structure model' '_citation.journal_abbrev'            
3  2 'Structure model' '_citation.journal_id_CSD'            
4  2 'Structure model' '_citation.journal_id_ISSN'           
5  2 'Structure model' '_citation.journal_volume'            
6  2 'Structure model' '_citation.page_first'                
7  2 'Structure model' '_citation.page_last'                 
8  2 'Structure model' '_citation.pdbx_database_id_DOI'      
9  2 'Structure model' '_citation.pdbx_database_id_PubMed'   
10 2 'Structure model' '_citation.title'                     
11 2 'Structure model' '_citation.year'                      
12 2 'Structure model' '_database_2.pdbx_DOI'                
13 2 'Structure model' '_database_2.pdbx_database_accession' 
# 
loop_
_software.citation_id 
_software.classification 
_software.compiler_name 
_software.compiler_version 
_software.contact_author 
_software.contact_author_email 
_software.date 
_software.description 
_software.dependencies 
_software.hardware 
_software.language 
_software.location 
_software.mods 
_software.name 
_software.os 
_software.os_version 
_software.type 
_software.version 
_software.pdbx_ordinal 
? 'data reduction'  ? ? ? ? ? ? ? ? ? ? ? HKL-2000    ? ? ? .           1 
? 'data scaling'    ? ? ? ? ? ? ? ? ? ? ? HKL-2000    ? ? ? .           2 
? refinement        ? ? ? ? ? ? ? ? ? ? ? PHENIX      ? ? ? 1.11.1_2575 3 
? 'data extraction' ? ? ? ? ? ? ? ? ? ? ? PDB_EXTRACT ? ? ? 3.25        4 
? phasing           ? ? ? ? ? ? ? ? ? ? ? PHASER      ? ? ? .           5 
# 
_pdbx_entry_details.entry_id                 6XEJ 
_pdbx_entry_details.has_ligand_of_interest   N 
_pdbx_entry_details.compound_details         ? 
_pdbx_entry_details.source_details           ? 
_pdbx_entry_details.nonpolymer_details       ? 
_pdbx_entry_details.sequence_details         ? 
# 
loop_
_pdbx_validate_rmsd_bond.id 
_pdbx_validate_rmsd_bond.PDB_model_num 
_pdbx_validate_rmsd_bond.auth_atom_id_1 
_pdbx_validate_rmsd_bond.auth_asym_id_1 
_pdbx_validate_rmsd_bond.auth_comp_id_1 
_pdbx_validate_rmsd_bond.auth_seq_id_1 
_pdbx_validate_rmsd_bond.PDB_ins_code_1 
_pdbx_validate_rmsd_bond.label_alt_id_1 
_pdbx_validate_rmsd_bond.auth_atom_id_2 
_pdbx_validate_rmsd_bond.auth_asym_id_2 
_pdbx_validate_rmsd_bond.auth_comp_id_2 
_pdbx_validate_rmsd_bond.auth_seq_id_2 
_pdbx_validate_rmsd_bond.PDB_ins_code_2 
_pdbx_validate_rmsd_bond.label_alt_id_2 
_pdbx_validate_rmsd_bond.bond_value 
_pdbx_validate_rmsd_bond.bond_target_value 
_pdbx_validate_rmsd_bond.bond_deviation 
_pdbx_validate_rmsd_bond.bond_standard_deviation 
_pdbx_validate_rmsd_bond.linker_flag 
1 1 "O3'" A DC 9 ? ? "C3'" A DC 9 ? ? 1.379 1.419 -0.040 0.006 N 
2 1 "O3'" C DA 3 ? ? "C3'" C DA 3 ? ? 1.377 1.419 -0.042 0.006 N 
# 
loop_
_pdbx_validate_rmsd_angle.id 
_pdbx_validate_rmsd_angle.PDB_model_num 
_pdbx_validate_rmsd_angle.auth_atom_id_1 
_pdbx_validate_rmsd_angle.auth_asym_id_1 
_pdbx_validate_rmsd_angle.auth_comp_id_1 
_pdbx_validate_rmsd_angle.auth_seq_id_1 
_pdbx_validate_rmsd_angle.PDB_ins_code_1 
_pdbx_validate_rmsd_angle.label_alt_id_1 
_pdbx_validate_rmsd_angle.auth_atom_id_2 
_pdbx_validate_rmsd_angle.auth_asym_id_2 
_pdbx_validate_rmsd_angle.auth_comp_id_2 
_pdbx_validate_rmsd_angle.auth_seq_id_2 
_pdbx_validate_rmsd_angle.PDB_ins_code_2 
_pdbx_validate_rmsd_angle.label_alt_id_2 
_pdbx_validate_rmsd_angle.auth_atom_id_3 
_pdbx_validate_rmsd_angle.auth_asym_id_3 
_pdbx_validate_rmsd_angle.auth_comp_id_3 
_pdbx_validate_rmsd_angle.auth_seq_id_3 
_pdbx_validate_rmsd_angle.PDB_ins_code_3 
_pdbx_validate_rmsd_angle.label_alt_id_3 
_pdbx_validate_rmsd_angle.angle_value 
_pdbx_validate_rmsd_angle.angle_target_value 
_pdbx_validate_rmsd_angle.angle_deviation 
_pdbx_validate_rmsd_angle.angle_standard_deviation 
_pdbx_validate_rmsd_angle.linker_flag 
1 1 "O4'" A DC 8  ? ? "C1'" A DC 8  ? ? N1 A DC 8  ? ? 111.26 108.30 2.96 0.30 N 
2 1 "O4'" B DC 13 ? ? "C1'" B DC 13 ? ? N1 B DC 13 ? ? 110.88 108.30 2.58 0.30 N 
3 1 "O4'" B DC 16 ? ? "C1'" B DC 16 ? ? N1 B DC 16 ? ? 111.22 108.30 2.92 0.30 N 
4 1 "O4'" B DC 18 ? ? "C1'" B DC 18 ? ? N1 B DC 18 ? ? 111.75 108.30 3.45 0.30 N 
5 1 "O4'" D DG 15 ? ? "C1'" D DG 15 ? ? N9 D DG 15 ? ? 110.41 108.30 2.11 0.30 N 
# 
loop_
_pdbx_unobs_or_zero_occ_atoms.id 
_pdbx_unobs_or_zero_occ_atoms.PDB_model_num 
_pdbx_unobs_or_zero_occ_atoms.polymer_flag 
_pdbx_unobs_or_zero_occ_atoms.occupancy_flag 
_pdbx_unobs_or_zero_occ_atoms.auth_asym_id 
_pdbx_unobs_or_zero_occ_atoms.auth_comp_id 
_pdbx_unobs_or_zero_occ_atoms.auth_seq_id 
_pdbx_unobs_or_zero_occ_atoms.PDB_ins_code 
_pdbx_unobs_or_zero_occ_atoms.auth_atom_id 
_pdbx_unobs_or_zero_occ_atoms.label_alt_id 
_pdbx_unobs_or_zero_occ_atoms.label_asym_id 
_pdbx_unobs_or_zero_occ_atoms.label_comp_id 
_pdbx_unobs_or_zero_occ_atoms.label_seq_id 
_pdbx_unobs_or_zero_occ_atoms.label_atom_id 
1 1 N 1 C CAC 101 ? O1 ? E CAC 1 O1 
2 1 N 1 C CAC 101 ? O2 ? E CAC 1 O2 
3 1 N 1 C CAC 101 ? C1 ? E CAC 1 C1 
4 1 N 1 C CAC 101 ? C2 ? E CAC 1 C2 
5 1 N 1 D CAC 101 ? O1 ? F CAC 1 O1 
6 1 N 1 D CAC 101 ? O2 ? F CAC 1 O2 
7 1 N 1 D CAC 101 ? C1 ? F CAC 1 C1 
8 1 N 1 D CAC 101 ? C2 ? F CAC 1 C2 
# 
loop_
_chem_comp_atom.comp_id 
_chem_comp_atom.atom_id 
_chem_comp_atom.type_symbol 
_chem_comp_atom.pdbx_aromatic_flag 
_chem_comp_atom.pdbx_stereo_config 
_chem_comp_atom.pdbx_ordinal 
CAC AS     AS N N 1   
CAC O1     O  N N 2   
CAC O2     O  N N 3   
CAC C1     C  N N 4   
CAC C2     C  N N 5   
CAC H11    H  N N 6   
CAC H12    H  N N 7   
CAC H13    H  N N 8   
CAC H21    H  N N 9   
CAC H22    H  N N 10  
CAC H23    H  N N 11  
DA  OP3    O  N N 12  
DA  P      P  N N 13  
DA  OP1    O  N N 14  
DA  OP2    O  N N 15  
DA  "O5'"  O  N N 16  
DA  "C5'"  C  N N 17  
DA  "C4'"  C  N R 18  
DA  "O4'"  O  N N 19  
DA  "C3'"  C  N S 20  
DA  "O3'"  O  N N 21  
DA  "C2'"  C  N N 22  
DA  "C1'"  C  N R 23  
DA  N9     N  Y N 24  
DA  C8     C  Y N 25  
DA  N7     N  Y N 26  
DA  C5     C  Y N 27  
DA  C6     C  Y N 28  
DA  N6     N  N N 29  
DA  N1     N  Y N 30  
DA  C2     C  Y N 31  
DA  N3     N  Y N 32  
DA  C4     C  Y N 33  
DA  HOP3   H  N N 34  
DA  HOP2   H  N N 35  
DA  "H5'"  H  N N 36  
DA  "H5''" H  N N 37  
DA  "H4'"  H  N N 38  
DA  "H3'"  H  N N 39  
DA  "HO3'" H  N N 40  
DA  "H2'"  H  N N 41  
DA  "H2''" H  N N 42  
DA  "H1'"  H  N N 43  
DA  H8     H  N N 44  
DA  H61    H  N N 45  
DA  H62    H  N N 46  
DA  H2     H  N N 47  
DC  OP3    O  N N 48  
DC  P      P  N N 49  
DC  OP1    O  N N 50  
DC  OP2    O  N N 51  
DC  "O5'"  O  N N 52  
DC  "C5'"  C  N N 53  
DC  "C4'"  C  N R 54  
DC  "O4'"  O  N N 55  
DC  "C3'"  C  N S 56  
DC  "O3'"  O  N N 57  
DC  "C2'"  C  N N 58  
DC  "C1'"  C  N R 59  
DC  N1     N  N N 60  
DC  C2     C  N N 61  
DC  O2     O  N N 62  
DC  N3     N  N N 63  
DC  C4     C  N N 64  
DC  N4     N  N N 65  
DC  C5     C  N N 66  
DC  C6     C  N N 67  
DC  HOP3   H  N N 68  
DC  HOP2   H  N N 69  
DC  "H5'"  H  N N 70  
DC  "H5''" H  N N 71  
DC  "H4'"  H  N N 72  
DC  "H3'"  H  N N 73  
DC  "HO3'" H  N N 74  
DC  "H2'"  H  N N 75  
DC  "H2''" H  N N 76  
DC  "H1'"  H  N N 77  
DC  H41    H  N N 78  
DC  H42    H  N N 79  
DC  H5     H  N N 80  
DC  H6     H  N N 81  
DG  OP3    O  N N 82  
DG  P      P  N N 83  
DG  OP1    O  N N 84  
DG  OP2    O  N N 85  
DG  "O5'"  O  N N 86  
DG  "C5'"  C  N N 87  
DG  "C4'"  C  N R 88  
DG  "O4'"  O  N N 89  
DG  "C3'"  C  N S 90  
DG  "O3'"  O  N N 91  
DG  "C2'"  C  N N 92  
DG  "C1'"  C  N R 93  
DG  N9     N  Y N 94  
DG  C8     C  Y N 95  
DG  N7     N  Y N 96  
DG  C5     C  Y N 97  
DG  C6     C  N N 98  
DG  O6     O  N N 99  
DG  N1     N  N N 100 
DG  C2     C  N N 101 
DG  N2     N  N N 102 
DG  N3     N  N N 103 
DG  C4     C  Y N 104 
DG  HOP3   H  N N 105 
DG  HOP2   H  N N 106 
DG  "H5'"  H  N N 107 
DG  "H5''" H  N N 108 
DG  "H4'"  H  N N 109 
DG  "H3'"  H  N N 110 
DG  "HO3'" H  N N 111 
DG  "H2'"  H  N N 112 
DG  "H2''" H  N N 113 
DG  "H1'"  H  N N 114 
DG  H8     H  N N 115 
DG  H1     H  N N 116 
DG  H21    H  N N 117 
DG  H22    H  N N 118 
DT  OP3    O  N N 119 
DT  P      P  N N 120 
DT  OP1    O  N N 121 
DT  OP2    O  N N 122 
DT  "O5'"  O  N N 123 
DT  "C5'"  C  N N 124 
DT  "C4'"  C  N R 125 
DT  "O4'"  O  N N 126 
DT  "C3'"  C  N S 127 
DT  "O3'"  O  N N 128 
DT  "C2'"  C  N N 129 
DT  "C1'"  C  N R 130 
DT  N1     N  N N 131 
DT  C2     C  N N 132 
DT  O2     O  N N 133 
DT  N3     N  N N 134 
DT  C4     C  N N 135 
DT  O4     O  N N 136 
DT  C5     C  N N 137 
DT  C7     C  N N 138 
DT  C6     C  N N 139 
DT  HOP3   H  N N 140 
DT  HOP2   H  N N 141 
DT  "H5'"  H  N N 142 
DT  "H5''" H  N N 143 
DT  "H4'"  H  N N 144 
DT  "H3'"  H  N N 145 
DT  "HO3'" H  N N 146 
DT  "H2'"  H  N N 147 
DT  "H2''" H  N N 148 
DT  "H1'"  H  N N 149 
DT  H3     H  N N 150 
DT  H71    H  N N 151 
DT  H72    H  N N 152 
DT  H73    H  N N 153 
DT  H6     H  N N 154 
# 
loop_
_chem_comp_bond.comp_id 
_chem_comp_bond.atom_id_1 
_chem_comp_bond.atom_id_2 
_chem_comp_bond.value_order 
_chem_comp_bond.pdbx_aromatic_flag 
_chem_comp_bond.pdbx_stereo_config 
_chem_comp_bond.pdbx_ordinal 
CAC AS    O1     doub N N 1   
CAC AS    O2     sing N N 2   
CAC AS    C1     sing N N 3   
CAC AS    C2     sing N N 4   
CAC C1    H11    sing N N 5   
CAC C1    H12    sing N N 6   
CAC C1    H13    sing N N 7   
CAC C2    H21    sing N N 8   
CAC C2    H22    sing N N 9   
CAC C2    H23    sing N N 10  
DA  OP3   P      sing N N 11  
DA  OP3   HOP3   sing N N 12  
DA  P     OP1    doub N N 13  
DA  P     OP2    sing N N 14  
DA  P     "O5'"  sing N N 15  
DA  OP2   HOP2   sing N N 16  
DA  "O5'" "C5'"  sing N N 17  
DA  "C5'" "C4'"  sing N N 18  
DA  "C5'" "H5'"  sing N N 19  
DA  "C5'" "H5''" sing N N 20  
DA  "C4'" "O4'"  sing N N 21  
DA  "C4'" "C3'"  sing N N 22  
DA  "C4'" "H4'"  sing N N 23  
DA  "O4'" "C1'"  sing N N 24  
DA  "C3'" "O3'"  sing N N 25  
DA  "C3'" "C2'"  sing N N 26  
DA  "C3'" "H3'"  sing N N 27  
DA  "O3'" "HO3'" sing N N 28  
DA  "C2'" "C1'"  sing N N 29  
DA  "C2'" "H2'"  sing N N 30  
DA  "C2'" "H2''" sing N N 31  
DA  "C1'" N9     sing N N 32  
DA  "C1'" "H1'"  sing N N 33  
DA  N9    C8     sing Y N 34  
DA  N9    C4     sing Y N 35  
DA  C8    N7     doub Y N 36  
DA  C8    H8     sing N N 37  
DA  N7    C5     sing Y N 38  
DA  C5    C6     sing Y N 39  
DA  C5    C4     doub Y N 40  
DA  C6    N6     sing N N 41  
DA  C6    N1     doub Y N 42  
DA  N6    H61    sing N N 43  
DA  N6    H62    sing N N 44  
DA  N1    C2     sing Y N 45  
DA  C2    N3     doub Y N 46  
DA  C2    H2     sing N N 47  
DA  N3    C4     sing Y N 48  
DC  OP3   P      sing N N 49  
DC  OP3   HOP3   sing N N 50  
DC  P     OP1    doub N N 51  
DC  P     OP2    sing N N 52  
DC  P     "O5'"  sing N N 53  
DC  OP2   HOP2   sing N N 54  
DC  "O5'" "C5'"  sing N N 55  
DC  "C5'" "C4'"  sing N N 56  
DC  "C5'" "H5'"  sing N N 57  
DC  "C5'" "H5''" sing N N 58  
DC  "C4'" "O4'"  sing N N 59  
DC  "C4'" "C3'"  sing N N 60  
DC  "C4'" "H4'"  sing N N 61  
DC  "O4'" "C1'"  sing N N 62  
DC  "C3'" "O3'"  sing N N 63  
DC  "C3'" "C2'"  sing N N 64  
DC  "C3'" "H3'"  sing N N 65  
DC  "O3'" "HO3'" sing N N 66  
DC  "C2'" "C1'"  sing N N 67  
DC  "C2'" "H2'"  sing N N 68  
DC  "C2'" "H2''" sing N N 69  
DC  "C1'" N1     sing N N 70  
DC  "C1'" "H1'"  sing N N 71  
DC  N1    C2     sing N N 72  
DC  N1    C6     sing N N 73  
DC  C2    O2     doub N N 74  
DC  C2    N3     sing N N 75  
DC  N3    C4     doub N N 76  
DC  C4    N4     sing N N 77  
DC  C4    C5     sing N N 78  
DC  N4    H41    sing N N 79  
DC  N4    H42    sing N N 80  
DC  C5    C6     doub N N 81  
DC  C5    H5     sing N N 82  
DC  C6    H6     sing N N 83  
DG  OP3   P      sing N N 84  
DG  OP3   HOP3   sing N N 85  
DG  P     OP1    doub N N 86  
DG  P     OP2    sing N N 87  
DG  P     "O5'"  sing N N 88  
DG  OP2   HOP2   sing N N 89  
DG  "O5'" "C5'"  sing N N 90  
DG  "C5'" "C4'"  sing N N 91  
DG  "C5'" "H5'"  sing N N 92  
DG  "C5'" "H5''" sing N N 93  
DG  "C4'" "O4'"  sing N N 94  
DG  "C4'" "C3'"  sing N N 95  
DG  "C4'" "H4'"  sing N N 96  
DG  "O4'" "C1'"  sing N N 97  
DG  "C3'" "O3'"  sing N N 98  
DG  "C3'" "C2'"  sing N N 99  
DG  "C3'" "H3'"  sing N N 100 
DG  "O3'" "HO3'" sing N N 101 
DG  "C2'" "C1'"  sing N N 102 
DG  "C2'" "H2'"  sing N N 103 
DG  "C2'" "H2''" sing N N 104 
DG  "C1'" N9     sing N N 105 
DG  "C1'" "H1'"  sing N N 106 
DG  N9    C8     sing Y N 107 
DG  N9    C4     sing Y N 108 
DG  C8    N7     doub Y N 109 
DG  C8    H8     sing N N 110 
DG  N7    C5     sing Y N 111 
DG  C5    C6     sing N N 112 
DG  C5    C4     doub Y N 113 
DG  C6    O6     doub N N 114 
DG  C6    N1     sing N N 115 
DG  N1    C2     sing N N 116 
DG  N1    H1     sing N N 117 
DG  C2    N2     sing N N 118 
DG  C2    N3     doub N N 119 
DG  N2    H21    sing N N 120 
DG  N2    H22    sing N N 121 
DG  N3    C4     sing N N 122 
DT  OP3   P      sing N N 123 
DT  OP3   HOP3   sing N N 124 
DT  P     OP1    doub N N 125 
DT  P     OP2    sing N N 126 
DT  P     "O5'"  sing N N 127 
DT  OP2   HOP2   sing N N 128 
DT  "O5'" "C5'"  sing N N 129 
DT  "C5'" "C4'"  sing N N 130 
DT  "C5'" "H5'"  sing N N 131 
DT  "C5'" "H5''" sing N N 132 
DT  "C4'" "O4'"  sing N N 133 
DT  "C4'" "C3'"  sing N N 134 
DT  "C4'" "H4'"  sing N N 135 
DT  "O4'" "C1'"  sing N N 136 
DT  "C3'" "O3'"  sing N N 137 
DT  "C3'" "C2'"  sing N N 138 
DT  "C3'" "H3'"  sing N N 139 
DT  "O3'" "HO3'" sing N N 140 
DT  "C2'" "C1'"  sing N N 141 
DT  "C2'" "H2'"  sing N N 142 
DT  "C2'" "H2''" sing N N 143 
DT  "C1'" N1     sing N N 144 
DT  "C1'" "H1'"  sing N N 145 
DT  N1    C2     sing N N 146 
DT  N1    C6     sing N N 147 
DT  C2    O2     doub N N 148 
DT  C2    N3     sing N N 149 
DT  N3    C4     sing N N 150 
DT  N3    H3     sing N N 151 
DT  C4    O4     doub N N 152 
DT  C4    C5     sing N N 153 
DT  C5    C7     sing N N 154 
DT  C5    C6     doub N N 155 
DT  C7    H71    sing N N 156 
DT  C7    H72    sing N N 157 
DT  C7    H73    sing N N 158 
DT  C6    H6     sing N N 159 
# 
loop_
_ndb_struct_conf_na.entry_id 
_ndb_struct_conf_na.feature 
6XEJ 'double helix'        
6XEJ 'a-form double helix' 
6XEJ 'b-form double helix' 
# 
loop_
_ndb_struct_na_base_pair.model_number 
_ndb_struct_na_base_pair.i_label_asym_id 
_ndb_struct_na_base_pair.i_label_comp_id 
_ndb_struct_na_base_pair.i_label_seq_id 
_ndb_struct_na_base_pair.i_symmetry 
_ndb_struct_na_base_pair.j_label_asym_id 
_ndb_struct_na_base_pair.j_label_comp_id 
_ndb_struct_na_base_pair.j_label_seq_id 
_ndb_struct_na_base_pair.j_symmetry 
_ndb_struct_na_base_pair.shear 
_ndb_struct_na_base_pair.stretch 
_ndb_struct_na_base_pair.stagger 
_ndb_struct_na_base_pair.buckle 
_ndb_struct_na_base_pair.propeller 
_ndb_struct_na_base_pair.opening 
_ndb_struct_na_base_pair.pair_number 
_ndb_struct_na_base_pair.pair_name 
_ndb_struct_na_base_pair.i_auth_asym_id 
_ndb_struct_na_base_pair.i_auth_seq_id 
_ndb_struct_na_base_pair.i_PDB_ins_code 
_ndb_struct_na_base_pair.j_auth_asym_id 
_ndb_struct_na_base_pair.j_auth_seq_id 
_ndb_struct_na_base_pair.j_PDB_ins_code 
_ndb_struct_na_base_pair.hbond_type_28 
_ndb_struct_na_base_pair.hbond_type_12 
1 A DG 3  1_555 D DC 16 1_555 0.178  0.138  0.627  1.740  -6.869  4.802   1  A_DG3:DC16_D A 3  ? D 16 ? 19 1 
1 A DC 4  1_555 D DG 15 1_555 -1.149 0.168  -0.205 -0.353 -8.428  -8.109  2  A_DC4:DG15_D A 4  ? D 15 ? 19 1 
1 A DA 5  1_555 D DT 14 1_555 1.014  -0.095 0.314  15.946 -13.357 -3.329  3  A_DA5:DT14_D A 5  ? D 14 ? 20 1 
1 A DG 6  1_555 D DC 13 1_555 0.053  -0.365 0.584  15.755 -16.148 -3.125  4  A_DG6:DC13_D A 6  ? D 13 ? 19 1 
1 A DA 7  1_555 D DT 12 1_555 -0.163 -0.575 -0.141 4.842  -16.348 -1.962  5  A_DA7:DT12_D A 7  ? D 12 ? 20 1 
1 A DC 8  1_555 D DG 11 1_555 0.325  -0.426 0.317  3.851  -14.721 1.892   6  A_DC8:DG11_D A 8  ? D 11 ? 19 1 
1 A DC 9  1_555 D DG 10 1_555 0.050  -0.157 0.166  -6.357 -6.388  -4.124  7  A_DC9:DG10_D A 9  ? D 10 ? 19 1 
1 A DT 10 1_555 C DA 2  1_555 0.175  -0.184 0.465  -9.085 -2.346  8.859   8  A_DT10:DA2_C A 10 ? C 2  ? 20 1 
1 A DG 11 1_555 C DC 1  1_555 -0.145 -0.254 0.244  12.768 -9.792  -10.095 9  A_DG11:DC1_C A 11 ? C 1  ? 19 1 
1 B DA 1  1_555 C DT 5  1_555 -0.323 -0.286 0.682  5.878  -7.093  -3.616  10 B_DA12:DT5_C B 12 ? C 5  ? 20 1 
1 B DC 2  1_555 C DG 4  1_555 -0.025 -0.479 0.710  -5.903 -9.092  -3.325  11 B_DC13:DG4_C B 13 ? C 4  ? 19 1 
1 B DT 3  1_555 C DA 3  1_555 -0.647 -0.126 0.372  0.898  -6.194  -6.193  12 B_DT14:DA3_C B 14 ? C 3  ? 20 1 
1 B DC 4  1_555 D DG 9  1_555 0.191  -0.057 0.232  -3.218 -10.771 -0.566  13 B_DC15:DG9_D B 15 ? D 9  ? 19 1 
1 B DC 5  1_555 D DG 8  1_555 -0.362 0.065  0.225  4.560  -6.781  -0.537  14 B_DC16:DG8_D B 16 ? D 8  ? 19 1 
1 B DA 6  1_555 D DT 7  1_555 0.198  -0.334 0.499  -3.946 -3.556  1.039   15 B_DA17:DT7_D B 17 ? D 7  ? 20 1 
1 B DC 7  1_555 D DG 6  1_555 -0.341 -0.427 0.108  1.649  -8.137  -9.515  16 B_DC18:DG6_D B 18 ? D 6  ? 19 1 
1 B DT 8  1_555 D DA 5  1_555 -0.108 0.017  0.339  3.075  -7.152  1.450   17 B_DT19:DA5_D B 19 ? D 5  ? 20 1 
1 B DC 9  1_555 D DG 4  1_555 1.374  0.593  0.035  7.464  -5.374  11.455  18 B_DC20:DG4_D B 20 ? D 4  ? ?  1 
1 B DA 10 1_555 D DT 3  1_555 0.033  0.092  0.271  8.948  -12.068 -5.763  19 B_DA21:DT3_D B 21 ? D 3  ? 20 1 
# 
loop_
_ndb_struct_na_base_pair_step.model_number 
_ndb_struct_na_base_pair_step.i_label_asym_id_1 
_ndb_struct_na_base_pair_step.i_label_comp_id_1 
_ndb_struct_na_base_pair_step.i_label_seq_id_1 
_ndb_struct_na_base_pair_step.i_symmetry_1 
_ndb_struct_na_base_pair_step.j_label_asym_id_1 
_ndb_struct_na_base_pair_step.j_label_comp_id_1 
_ndb_struct_na_base_pair_step.j_label_seq_id_1 
_ndb_struct_na_base_pair_step.j_symmetry_1 
_ndb_struct_na_base_pair_step.i_label_asym_id_2 
_ndb_struct_na_base_pair_step.i_label_comp_id_2 
_ndb_struct_na_base_pair_step.i_label_seq_id_2 
_ndb_struct_na_base_pair_step.i_symmetry_2 
_ndb_struct_na_base_pair_step.j_label_asym_id_2 
_ndb_struct_na_base_pair_step.j_label_comp_id_2 
_ndb_struct_na_base_pair_step.j_label_seq_id_2 
_ndb_struct_na_base_pair_step.j_symmetry_2 
_ndb_struct_na_base_pair_step.shift 
_ndb_struct_na_base_pair_step.slide 
_ndb_struct_na_base_pair_step.rise 
_ndb_struct_na_base_pair_step.tilt 
_ndb_struct_na_base_pair_step.roll 
_ndb_struct_na_base_pair_step.twist 
_ndb_struct_na_base_pair_step.x_displacement 
_ndb_struct_na_base_pair_step.y_displacement 
_ndb_struct_na_base_pair_step.helical_rise 
_ndb_struct_na_base_pair_step.inclination 
_ndb_struct_na_base_pair_step.tip 
_ndb_struct_na_base_pair_step.helical_twist 
_ndb_struct_na_base_pair_step.step_number 
_ndb_struct_na_base_pair_step.step_name 
_ndb_struct_na_base_pair_step.i_auth_asym_id_1 
_ndb_struct_na_base_pair_step.i_auth_seq_id_1 
_ndb_struct_na_base_pair_step.i_PDB_ins_code_1 
_ndb_struct_na_base_pair_step.j_auth_asym_id_1 
_ndb_struct_na_base_pair_step.j_auth_seq_id_1 
_ndb_struct_na_base_pair_step.j_PDB_ins_code_1 
_ndb_struct_na_base_pair_step.i_auth_asym_id_2 
_ndb_struct_na_base_pair_step.i_auth_seq_id_2 
_ndb_struct_na_base_pair_step.i_PDB_ins_code_2 
_ndb_struct_na_base_pair_step.j_auth_asym_id_2 
_ndb_struct_na_base_pair_step.j_auth_seq_id_2 
_ndb_struct_na_base_pair_step.j_PDB_ins_code_2 
1 A DG 3  1_555 D DC 16 1_555 A DC 4  1_555 D DG 15 1_555 -1.584 -0.608 3.220 3.615  2.667  23.976 -2.223 4.812  2.870 6.350  
-8.604  24.388 1  AA_DG3DC4:DG15DC16_DD A 3  ? D 16 ? A 4  ? D 15 ? 
1 A DC 4  1_555 D DG 15 1_555 A DA 5  1_555 D DT 14 1_555 -0.168 0.712  3.106 -2.124 4.964  40.349 0.494  0.015  3.173 7.158  
3.062   40.693 2  AA_DC4DA5:DT14DG15_DD A 4  ? D 15 ? A 5  ? D 14 ? 
1 A DA 5  1_555 D DT 14 1_555 A DG 6  1_555 D DC 13 1_555 0.530  0.029  3.273 -2.800 -0.637 29.746 0.187  -1.606 3.210 -1.238 
5.437   29.881 3  AA_DA5DG6:DC13DT14_DD A 5  ? D 14 ? A 6  ? D 13 ? 
1 A DG 6  1_555 D DC 13 1_555 A DA 7  1_555 D DT 12 1_555 0.493  -0.720 3.491 3.304  -2.519 38.835 -0.750 -0.307 3.557 -3.776 
-4.952  39.048 4  AA_DG6DA7:DT12DC13_DD A 6  ? D 13 ? A 7  ? D 12 ? 
1 A DA 7  1_555 D DT 12 1_555 A DC 8  1_555 D DG 11 1_555 0.834  -0.926 3.339 -7.994 -1.377 33.613 -1.346 -2.639 3.100 -2.338 
13.578  34.551 5  AA_DA7DC8:DG11DT12_DD A 7  ? D 12 ? A 8  ? D 11 ? 
1 A DC 8  1_555 D DG 11 1_555 A DC 9  1_555 D DG 10 1_555 -0.647 -1.737 3.477 -0.702 3.288  33.439 -3.564 0.999  3.308 5.696  
1.217   33.603 6  AA_DC8DC9:DG10DG11_DD A 8  ? D 11 ? A 9  ? D 10 ? 
1 A DC 9  1_555 D DG 10 1_555 A DT 10 1_555 C DA 2  1_555 -0.394 -1.366 3.305 -0.959 0.330  27.274 -2.979 0.594  3.300 0.699  
2.032   27.292 7  AA_DC9DT10:DA2DG10_CD A 9  ? D 10 ? A 10 ? C 2  ? 
1 A DT 10 1_555 C DA 2  1_555 A DG 11 1_555 C DC 1  1_555 -1.240 1.066  2.898 0.098  -0.588 32.524 1.993  2.229  2.875 -1.049 
-0.175  32.529 8  AA_DT10DG11:DC1DA2_CC A 10 ? C 2  ? A 11 ? C 1  ? 
1 B DA 1  1_555 C DT 5  1_555 B DC 2  1_555 C DG 4  1_555 0.525  -1.389 3.516 -1.848 -1.064 32.802 -2.258 -1.269 3.524 -1.882 
3.269   32.870 9  BB_DA12DC13:DG4DT5_CC B 12 ? C 5  ? B 13 ? C 4  ? 
1 B DC 2  1_555 C DG 4  1_555 B DT 3  1_555 C DA 3  1_555 -0.328 -1.346 3.044 2.158  -3.493 34.214 -1.757 0.872  3.136 -5.910 
-3.651  34.452 10 BB_DC13DT14:DA3DG4_CC B 13 ? C 4  ? B 14 ? C 3  ? 
1 B DT 3  1_555 C DA 3  1_555 B DC 4  1_555 D DG 9  1_555 -0.387 -1.121 3.225 1.639  2.513  33.850 -2.309 0.916  3.115 4.306  
-2.808  33.979 11 BB_DT14DC15:DG9DA3_DC B 14 ? C 3  ? B 15 ? D 9  ? 
1 B DC 4  1_555 D DG 9  1_555 B DC 5  1_555 D DG 8  1_555 -0.286 0.272  3.222 0.390  4.537  25.585 -0.633 0.743  3.216 10.144 
-0.872  25.980 12 BB_DC15DC16:DG8DG9_DD B 15 ? D 9  ? B 16 ? D 8  ? 
1 B DC 5  1_555 D DG 8  1_555 B DA 6  1_555 D DT 7  1_555 0.485  1.980  3.529 -0.317 -3.599 49.949 2.615  -0.598 3.385 -4.255 
0.375   50.071 13 BB_DC16DA17:DT7DG8_DD B 16 ? D 8  ? B 17 ? D 7  ? 
1 B DA 6  1_555 D DT 7  1_555 B DC 7  1_555 D DG 6  1_555 -0.260 -0.614 3.216 0.945  0.894  25.895 -1.610 0.835  3.182 1.994  
-2.108  25.927 14 BB_DA17DC18:DG6DT7_DD B 17 ? D 7  ? B 18 ? D 6  ? 
1 B DC 7  1_555 D DG 6  1_555 B DT 8  1_555 D DA 5  1_555 0.393  -1.115 3.327 1.021  0.331  33.599 -1.983 -0.510 3.326 0.572  
-1.765  33.616 15 BB_DC18DT19:DA5DG6_DD B 18 ? D 6  ? B 19 ? D 5  ? 
1 B DT 8  1_555 D DA 5  1_555 B DC 9  1_555 D DG 4  1_555 1.031  0.910  3.384 7.231  5.314  41.288 0.674  -0.630 3.592 7.431  
-10.111 42.210 16 BB_DT19DC20:DG4DA5_DD B 19 ? D 5  ? B 20 ? D 4  ? 
1 B DC 9  1_555 D DG 4  1_555 B DA 10 1_555 D DT 3  1_555 -0.681 1.455  3.214 -1.597 1.842  36.739 2.054  0.862  3.306 2.918  
2.530   36.817 17 BB_DC20DA21:DT3DG4_DD B 20 ? D 4  ? B 21 ? D 3  ? 
# 
loop_
_pdbx_audit_support.funding_organization 
_pdbx_audit_support.country 
_pdbx_audit_support.grant_number 
_pdbx_audit_support.ordinal 
'National Science Foundation (NSF, United States)'                                         'United States' 1360635     1 
'National Institutes of Health/National Institute of General Medical Sciences (NIH/NIGMS)' 'United States' R01GM104960 2 
'National Science Foundation (NSF, United States)'                                         'United States' NSF2004250  3 
# 
_pdbx_entity_nonpoly.entity_id   5 
_pdbx_entity_nonpoly.name        'CACODYLATE ION' 
_pdbx_entity_nonpoly.comp_id     CAC 
# 
_pdbx_initial_refinement_model.id               1 
_pdbx_initial_refinement_model.entity_id_list   ? 
_pdbx_initial_refinement_model.type             'experimental model' 
_pdbx_initial_refinement_model.source_name      PDB 
_pdbx_initial_refinement_model.accession_code   6X8C 
_pdbx_initial_refinement_model.details          ? 
# 
_pdbx_struct_assembly_auth_evidence.id                     1 
_pdbx_struct_assembly_auth_evidence.assembly_id            1 
_pdbx_struct_assembly_auth_evidence.experimental_support   none 
_pdbx_struct_assembly_auth_evidence.details                ? 
# 
